data_7ZP0
#
_entry.id   7ZP0
#
_cell.length_a   69.757
_cell.length_b   129.095
_cell.length_c   69.834
_cell.angle_alpha   90.000
_cell.angle_beta   92.090
_cell.angle_gamma   90.000
#
_symmetry.space_group_name_H-M   'P 1 21 1'
#
loop_
_entity.id
_entity.type
_entity.pdbx_description
1 polymer 'Sensor protein'
2 non-polymer 1,2-ETHANEDIOL
3 water water
#
_entity_poly.entity_id   1
_entity_poly.type   'polypeptide(L)'
_entity_poly.pdbx_seq_one_letter_code
;GAMADIAHEIRTPITNLITQTEIALSQSRSQKELEDVLYSNLEELTRMAKMVSDMLFLAQADNNQLIPEKKMLNLADEVG
KVFDFFEALAEDRGVELRFVGDKCQVAGDPLMLRRALSNLLSNALRYTPPSEAIVVRCQTVNHQVQVSVENPGTPIAPEH
LPRLFDRFYRVAPSRQRKGEGSGIGLAIVKSIVVAHKGTVAVTSDARGTRFVITLPA
;
_entity_poly.pdbx_strand_id   A,B,C,D,E,F
#
# COMPACT_ATOMS: atom_id res chain seq x y z
N GLY A 1 -23.54 7.08 15.79
CA GLY A 1 -22.76 6.66 14.63
C GLY A 1 -21.75 5.59 14.98
N ALA A 2 -21.08 5.09 13.96
CA ALA A 2 -20.16 3.96 14.12
C ALA A 2 -19.02 4.24 15.12
N MET A 3 -18.34 5.37 14.94
CA MET A 3 -17.20 5.73 15.79
C MET A 3 -17.63 5.94 17.24
N ALA A 4 -18.72 6.68 17.44
CA ALA A 4 -19.26 6.89 18.77
C ALA A 4 -19.61 5.56 19.46
N ASP A 5 -20.23 4.65 18.74
CA ASP A 5 -20.58 3.35 19.33
C ASP A 5 -19.35 2.60 19.81
N ILE A 6 -18.30 2.59 18.98
CA ILE A 6 -17.09 1.85 19.34
C ILE A 6 -16.39 2.55 20.51
N ALA A 7 -16.33 3.88 20.45
CA ALA A 7 -15.74 4.67 21.54
C ALA A 7 -16.40 4.38 22.89
N HIS A 8 -17.73 4.33 22.91
CA HIS A 8 -18.44 4.04 24.14
C HIS A 8 -18.16 2.62 24.65
N GLU A 9 -18.00 1.67 23.73
CA GLU A 9 -17.79 0.29 24.14
C GLU A 9 -16.41 0.09 24.76
N ILE A 10 -15.37 0.65 24.14
CA ILE A 10 -14.03 0.42 24.65
C ILE A 10 -13.69 1.30 25.84
N ARG A 11 -14.48 2.35 26.05
CA ARG A 11 -14.18 3.28 27.14
C ARG A 11 -14.20 2.60 28.50
N THR A 12 -15.24 1.81 28.77
CA THR A 12 -15.41 1.21 30.09
C THR A 12 -14.21 0.35 30.55
N PRO A 13 -13.74 -0.60 29.70
CA PRO A 13 -12.56 -1.36 30.15
C PRO A 13 -11.30 -0.51 30.36
N ILE A 14 -11.08 0.49 29.50
CA ILE A 14 -9.95 1.40 29.65
C ILE A 14 -10.05 2.13 30.98
N THR A 15 -11.24 2.66 31.24
CA THR A 15 -11.51 3.46 32.43
C THR A 15 -11.33 2.63 33.71
N ASN A 16 -11.81 1.39 33.68
CA ASN A 16 -11.65 0.50 34.82
C ASN A 16 -10.19 0.21 35.12
N LEU A 17 -9.40 0.00 34.08
CA LEU A 17 -7.99 -0.33 34.26
C LEU A 17 -7.22 0.87 34.79
N ILE A 18 -7.55 2.04 34.27
CA ILE A 18 -6.92 3.27 34.74
C ILE A 18 -7.23 3.49 36.22
N THR A 19 -8.49 3.29 36.60
CA THR A 19 -8.90 3.48 37.98
C THR A 19 -8.18 2.53 38.93
N GLN A 20 -8.12 1.25 38.58
CA GLN A 20 -7.41 0.27 39.40
C GLN A 20 -5.93 0.59 39.51
N THR A 21 -5.34 1.01 38.40
CA THR A 21 -3.92 1.33 38.37
C THR A 21 -3.63 2.52 39.28
N GLU A 22 -4.44 3.57 39.15
CA GLU A 22 -4.29 4.77 39.95
C GLU A 22 -4.42 4.48 41.44
N ILE A 23 -5.43 3.70 41.79
CA ILE A 23 -5.66 3.30 43.17
C ILE A 23 -4.43 2.54 43.68
N ALA A 24 -3.91 1.64 42.85
CA ALA A 24 -2.73 0.87 43.21
C ALA A 24 -1.51 1.76 43.50
N LEU A 25 -1.35 2.81 42.70
CA LEU A 25 -0.16 3.65 42.81
C LEU A 25 -0.33 4.77 43.85
N SER A 26 -1.55 4.97 44.33
CA SER A 26 -1.83 6.06 45.27
C SER A 26 -1.23 5.81 46.65
N GLN A 27 -0.97 4.55 46.99
CA GLN A 27 -0.41 4.21 48.29
C GLN A 27 0.82 3.34 48.13
N SER A 28 1.66 3.30 49.17
CA SER A 28 2.82 2.43 49.18
C SER A 28 2.41 1.02 49.59
N ARG A 29 2.33 0.12 48.60
CA ARG A 29 1.84 -1.24 48.85
C ARG A 29 2.93 -2.31 48.79
N SER A 30 2.60 -3.49 49.30
CA SER A 30 3.55 -4.60 49.36
C SER A 30 3.88 -5.11 47.97
N GLN A 31 4.98 -5.86 47.86
CA GLN A 31 5.36 -6.48 46.61
C GLN A 31 4.29 -7.50 46.21
N LYS A 32 3.66 -8.12 47.21
CA LYS A 32 2.63 -9.11 46.96
C LYS A 32 1.33 -8.46 46.48
N GLU A 33 1.00 -7.32 47.09
CA GLU A 33 -0.18 -6.56 46.69
C GLU A 33 -0.09 -6.10 45.23
N LEU A 34 1.09 -5.60 44.85
CA LEU A 34 1.30 -5.13 43.48
C LEU A 34 1.28 -6.26 42.47
N GLU A 35 1.77 -7.43 42.87
CA GLU A 35 1.68 -8.62 42.01
C GLU A 35 0.22 -8.91 41.69
N ASP A 36 -0.61 -8.92 42.73
CA ASP A 36 -2.01 -9.25 42.58
C ASP A 36 -2.75 -8.23 41.72
N VAL A 37 -2.29 -6.99 41.74
CA VAL A 37 -2.86 -5.93 40.91
C VAL A 37 -2.52 -6.18 39.44
N LEU A 38 -1.25 -6.46 39.17
CA LEU A 38 -0.77 -6.69 37.82
C LEU A 38 -1.37 -7.96 37.21
N TYR A 39 -1.54 -8.99 38.04
CA TYR A 39 -2.19 -10.21 37.58
C TYR A 39 -3.63 -9.94 37.16
N SER A 40 -4.34 -9.16 37.98
CA SER A 40 -5.73 -8.78 37.67
C SER A 40 -5.78 -7.93 36.41
N ASN A 41 -4.84 -7.00 36.28
CA ASN A 41 -4.70 -6.21 35.07
C ASN A 41 -4.51 -7.13 33.85
N LEU A 42 -3.63 -8.10 33.99
CA LEU A 42 -3.35 -9.05 32.93
C LEU A 42 -4.64 -9.66 32.39
N GLU A 43 -5.54 -9.99 33.32
CA GLU A 43 -6.82 -10.61 32.97
C GLU A 43 -7.72 -9.67 32.19
N GLU A 44 -7.73 -8.39 32.55
CA GLU A 44 -8.57 -7.41 31.87
C GLU A 44 -8.02 -7.09 30.47
N LEU A 45 -6.70 -6.91 30.38
CA LEU A 45 -6.04 -6.70 29.09
C LEU A 45 -6.30 -7.87 28.14
N THR A 46 -6.39 -9.07 28.70
CA THR A 46 -6.67 -10.25 27.90
C THR A 46 -8.08 -10.15 27.32
N ARG A 47 -9.00 -9.62 28.11
CA ARG A 47 -10.37 -9.44 27.65
C ARG A 47 -10.46 -8.36 26.59
N MET A 48 -9.71 -7.28 26.77
CA MET A 48 -9.68 -6.21 25.77
C MET A 48 -9.08 -6.71 24.46
N ALA A 49 -8.12 -7.63 24.55
CA ALA A 49 -7.52 -8.24 23.36
C ALA A 49 -8.52 -9.12 22.60
N LYS A 50 -9.44 -9.74 23.33
CA LYS A 50 -10.53 -10.50 22.70
C LYS A 50 -11.48 -9.55 21.99
N MET A 51 -11.80 -8.45 22.65
CA MET A 51 -12.66 -7.41 22.10
C MET A 51 -12.15 -6.85 20.76
N VAL A 52 -10.87 -6.49 20.71
CA VAL A 52 -10.31 -5.89 19.50
C VAL A 52 -10.28 -6.90 18.36
N SER A 53 -9.95 -8.15 18.68
CA SER A 53 -9.92 -9.21 17.69
C SER A 53 -11.31 -9.47 17.13
N ASP A 54 -12.33 -9.34 17.96
CA ASP A 54 -13.69 -9.49 17.48
C ASP A 54 -14.02 -8.33 16.55
N MET A 55 -13.57 -7.12 16.89
CA MET A 55 -13.75 -5.96 16.02
C MET A 55 -13.09 -6.15 14.66
N LEU A 56 -11.87 -6.65 14.67
CA LEU A 56 -11.18 -6.93 13.42
C LEU A 56 -11.89 -8.03 12.62
N PHE A 57 -12.45 -9.03 13.31
CA PHE A 57 -13.20 -10.07 12.63
C PHE A 57 -14.41 -9.46 11.91
N LEU A 58 -15.17 -8.63 12.62
CA LEU A 58 -16.35 -8.02 12.03
C LEU A 58 -15.97 -7.06 10.88
N ALA A 59 -14.87 -6.34 11.05
CA ALA A 59 -14.39 -5.42 10.02
C ALA A 59 -14.07 -6.18 8.74
N GLN A 60 -13.55 -7.39 8.91
CA GLN A 60 -13.25 -8.27 7.79
C GLN A 60 -14.53 -8.62 7.02
N ALA A 61 -15.58 -8.95 7.77
CA ALA A 61 -16.89 -9.22 7.18
C ALA A 61 -17.43 -7.98 6.46
N ASP A 62 -17.28 -6.82 7.10
CA ASP A 62 -17.70 -5.54 6.53
C ASP A 62 -17.06 -5.29 5.16
N ASN A 63 -15.78 -5.67 5.05
CA ASN A 63 -14.99 -5.46 3.84
C ASN A 63 -15.22 -6.59 2.84
N ASN A 64 -16.19 -7.44 3.14
CA ASN A 64 -16.49 -8.62 2.33
C ASN A 64 -15.27 -9.53 2.19
N GLN A 65 -14.53 -9.70 3.27
CA GLN A 65 -13.35 -10.55 3.24
C GLN A 65 -13.54 -11.75 4.17
N LEU A 66 -14.76 -11.92 4.65
CA LEU A 66 -15.13 -13.13 5.37
C LEU A 66 -15.49 -14.23 4.39
N ILE A 67 -14.52 -15.09 4.10
CA ILE A 67 -14.70 -16.15 3.12
C ILE A 67 -14.63 -17.49 3.82
N PRO A 68 -15.79 -18.11 4.04
CA PRO A 68 -15.78 -19.42 4.72
C PRO A 68 -15.03 -20.51 3.96
N GLU A 69 -14.19 -21.23 4.70
N GLU A 69 -14.17 -21.22 4.68
CA GLU A 69 -13.53 -22.44 4.21
CA GLU A 69 -13.55 -22.44 4.17
C GLU A 69 -14.40 -23.63 4.58
C GLU A 69 -14.40 -23.63 4.58
N LYS A 70 -15.32 -24.02 3.69
CA LYS A 70 -16.30 -25.04 4.04
C LYS A 70 -15.84 -26.48 3.90
N LYS A 71 -16.36 -27.32 4.80
CA LYS A 71 -16.27 -28.77 4.65
C LYS A 71 -17.48 -29.42 5.34
N MET A 72 -17.70 -30.70 5.10
CA MET A 72 -18.86 -31.37 5.70
C MET A 72 -18.63 -31.58 7.18
N LEU A 73 -19.54 -31.06 7.99
CA LEU A 73 -19.40 -31.04 9.43
C LEU A 73 -20.42 -31.93 10.12
N ASN A 74 -19.97 -32.58 11.18
CA ASN A 74 -20.84 -33.28 12.12
C ASN A 74 -21.23 -32.26 13.20
N LEU A 75 -22.44 -31.72 13.12
CA LEU A 75 -22.77 -30.61 14.03
C LEU A 75 -22.88 -31.06 15.49
N ALA A 76 -23.16 -32.34 15.73
CA ALA A 76 -23.16 -32.88 17.08
C ALA A 76 -21.79 -32.74 17.71
N ASP A 77 -20.76 -32.97 16.91
CA ASP A 77 -19.37 -32.82 17.35
C ASP A 77 -19.01 -31.36 17.61
N GLU A 78 -19.41 -30.48 16.69
CA GLU A 78 -19.04 -29.08 16.83
C GLU A 78 -19.76 -28.44 18.03
N VAL A 79 -21.05 -28.71 18.18
CA VAL A 79 -21.78 -28.22 19.36
C VAL A 79 -21.18 -28.78 20.63
N GLY A 80 -20.75 -30.04 20.57
CA GLY A 80 -20.10 -30.68 21.70
C GLY A 80 -18.88 -29.92 22.17
N LYS A 81 -18.07 -29.48 21.22
CA LYS A 81 -16.87 -28.71 21.54
C LYS A 81 -17.24 -27.43 22.26
N VAL A 82 -18.25 -26.75 21.73
CA VAL A 82 -18.72 -25.52 22.33
C VAL A 82 -19.30 -25.75 23.74
N PHE A 83 -20.14 -26.77 23.91
CA PHE A 83 -20.68 -27.07 25.24
C PHE A 83 -19.55 -27.31 26.26
N ASP A 84 -18.51 -28.02 25.86
CA ASP A 84 -17.42 -28.31 26.80
C ASP A 84 -16.82 -27.01 27.35
N PHE A 85 -16.72 -25.99 26.52
CA PHE A 85 -16.15 -24.72 26.95
C PHE A 85 -17.11 -23.87 27.82
N PHE A 86 -18.42 -24.11 27.69
CA PHE A 86 -19.42 -23.35 28.44
C PHE A 86 -19.99 -24.10 29.64
N GLU A 87 -19.58 -25.35 29.83
CA GLU A 87 -20.15 -26.21 30.88
C GLU A 87 -20.06 -25.62 32.30
N ALA A 88 -18.90 -25.10 32.66
CA ALA A 88 -18.73 -24.53 34.00
C ALA A 88 -19.55 -23.27 34.20
N LEU A 89 -19.60 -22.42 33.18
CA LEU A 89 -20.46 -21.23 33.23
C LEU A 89 -21.92 -21.62 33.43
N ALA A 90 -22.36 -22.63 32.69
CA ALA A 90 -23.75 -23.05 32.79
C ALA A 90 -24.05 -23.66 34.17
N GLU A 91 -23.14 -24.50 34.64
CA GLU A 91 -23.31 -25.14 35.94
C GLU A 91 -23.40 -24.12 37.07
N ASP A 92 -22.59 -23.06 37.00
CA ASP A 92 -22.61 -21.99 38.01
C ASP A 92 -23.99 -21.33 38.07
N ARG A 93 -24.57 -21.08 36.90
N ARG A 93 -24.56 -21.06 36.89
CA ARG A 93 -25.90 -20.46 36.81
CA ARG A 93 -25.89 -20.46 36.80
C ARG A 93 -27.02 -21.45 37.07
C ARG A 93 -27.00 -21.44 37.13
N GLY A 94 -26.69 -22.73 37.10
CA GLY A 94 -27.69 -23.76 37.34
C GLY A 94 -28.53 -24.03 36.10
N VAL A 95 -27.91 -23.89 34.93
CA VAL A 95 -28.56 -24.05 33.64
C VAL A 95 -28.05 -25.29 32.92
N GLU A 96 -28.97 -26.12 32.43
CA GLU A 96 -28.66 -27.29 31.62
C GLU A 96 -28.35 -26.92 30.17
N LEU A 97 -27.29 -27.49 29.61
CA LEU A 97 -27.03 -27.38 28.19
C LEU A 97 -27.48 -28.67 27.51
N ARG A 98 -28.41 -28.57 26.57
CA ARG A 98 -28.97 -29.76 25.95
C ARG A 98 -28.84 -29.69 24.44
N PHE A 99 -28.26 -30.73 23.82
CA PHE A 99 -28.21 -30.81 22.37
C PHE A 99 -29.22 -31.84 21.82
N VAL A 100 -29.88 -31.46 20.73
CA VAL A 100 -30.88 -32.31 20.09
C VAL A 100 -30.57 -32.40 18.60
N GLY A 101 -30.17 -33.58 18.14
CA GLY A 101 -29.88 -33.78 16.73
C GLY A 101 -29.89 -35.24 16.35
N ASP A 102 -30.22 -35.52 15.09
CA ASP A 102 -30.29 -36.89 14.60
C ASP A 102 -29.37 -37.02 13.39
N LYS A 103 -28.11 -37.33 13.65
CA LYS A 103 -27.05 -37.40 12.63
C LYS A 103 -27.01 -36.14 11.78
N CYS A 104 -27.15 -34.99 12.42
CA CYS A 104 -27.25 -33.70 11.73
C CYS A 104 -25.91 -33.27 11.15
N GLN A 105 -25.89 -33.04 9.83
CA GLN A 105 -24.68 -32.67 9.12
C GLN A 105 -24.92 -31.44 8.22
N VAL A 106 -23.88 -30.63 8.05
CA VAL A 106 -23.97 -29.45 7.18
C VAL A 106 -22.58 -29.04 6.67
N ALA A 107 -22.54 -28.46 5.48
CA ALA A 107 -21.29 -27.93 4.94
C ALA A 107 -21.05 -26.54 5.52
N GLY A 108 -19.91 -26.35 6.17
CA GLY A 108 -19.63 -25.06 6.76
C GLY A 108 -18.18 -24.94 7.21
N ASP A 109 -17.79 -23.71 7.54
CA ASP A 109 -16.49 -23.41 8.13
C ASP A 109 -16.56 -23.69 9.62
N PRO A 110 -15.82 -24.71 10.11
CA PRO A 110 -16.02 -25.13 11.50
C PRO A 110 -15.61 -24.09 12.54
N LEU A 111 -14.48 -23.43 12.34
CA LEU A 111 -14.05 -22.39 13.29
C LEU A 111 -15.10 -21.28 13.33
N MET A 112 -15.59 -20.87 12.16
CA MET A 112 -16.60 -19.80 12.13
C MET A 112 -17.93 -20.22 12.73
N LEU A 113 -18.41 -21.42 12.42
CA LEU A 113 -19.69 -21.81 12.95
C LEU A 113 -19.57 -22.03 14.46
N ARG A 114 -18.42 -22.48 14.93
CA ARG A 114 -18.26 -22.62 16.38
C ARG A 114 -18.26 -21.24 17.03
N ARG A 115 -17.70 -20.24 16.35
CA ARG A 115 -17.73 -18.87 16.86
C ARG A 115 -19.18 -18.35 16.95
N ALA A 116 -19.97 -18.58 15.91
CA ALA A 116 -21.37 -18.16 15.91
C ALA A 116 -22.16 -18.87 17.02
N LEU A 117 -21.97 -20.19 17.16
CA LEU A 117 -22.70 -20.94 18.17
C LEU A 117 -22.31 -20.50 19.57
N SER A 118 -21.02 -20.26 19.80
N SER A 118 -21.02 -20.26 19.76
CA SER A 118 -20.55 -19.77 21.08
CA SER A 118 -20.49 -19.75 21.03
C SER A 118 -21.21 -18.43 21.42
C SER A 118 -21.14 -18.44 21.41
N ASN A 119 -21.30 -17.55 20.44
CA ASN A 119 -21.90 -16.24 20.69
C ASN A 119 -23.38 -16.36 21.02
N LEU A 120 -24.07 -17.29 20.36
CA LEU A 120 -25.48 -17.50 20.70
C LEU A 120 -25.63 -18.09 22.11
N LEU A 121 -24.70 -18.97 22.50
CA LEU A 121 -24.78 -19.58 23.83
C LEU A 121 -24.48 -18.53 24.90
N SER A 122 -23.48 -17.69 24.66
N SER A 122 -23.49 -17.68 24.63
CA SER A 122 -23.21 -16.58 25.57
CA SER A 122 -23.16 -16.58 25.54
C SER A 122 -24.44 -15.73 25.76
C SER A 122 -24.36 -15.65 25.73
N ASN A 123 -25.08 -15.40 24.65
CA ASN A 123 -26.29 -14.59 24.69
C ASN A 123 -27.36 -15.25 25.55
N ALA A 124 -27.61 -16.53 25.29
CA ALA A 124 -28.66 -17.25 26.01
C ALA A 124 -28.35 -17.31 27.51
N LEU A 125 -27.07 -17.47 27.86
CA LEU A 125 -26.70 -17.57 29.26
C LEU A 125 -26.91 -16.25 29.99
N ARG A 126 -26.99 -15.14 29.27
CA ARG A 126 -27.30 -13.87 29.92
C ARG A 126 -28.73 -13.83 30.44
N TYR A 127 -29.63 -14.60 29.83
CA TYR A 127 -31.06 -14.39 30.00
C TYR A 127 -31.84 -15.59 30.54
N THR A 128 -31.21 -16.75 30.60
CA THR A 128 -31.89 -17.97 31.03
C THR A 128 -31.93 -18.07 32.54
N PRO A 129 -33.14 -18.28 33.11
CA PRO A 129 -33.23 -18.38 34.57
C PRO A 129 -32.54 -19.63 35.10
N PRO A 130 -32.05 -19.58 36.34
CA PRO A 130 -31.53 -20.79 36.99
C PRO A 130 -32.59 -21.91 36.97
N SER A 131 -32.16 -23.17 36.89
CA SER A 131 -33.05 -24.35 36.87
C SER A 131 -33.78 -24.55 35.54
N GLU A 132 -33.35 -23.83 34.51
CA GLU A 132 -33.91 -24.04 33.19
C GLU A 132 -32.84 -24.61 32.25
N ALA A 133 -33.25 -24.87 31.02
CA ALA A 133 -32.34 -25.45 30.04
C ALA A 133 -32.19 -24.54 28.82
N ILE A 134 -30.98 -24.47 28.31
CA ILE A 134 -30.75 -23.95 26.96
C ILE A 134 -30.66 -25.12 26.03
N VAL A 135 -31.48 -25.13 24.98
CA VAL A 135 -31.51 -26.24 24.05
C VAL A 135 -30.97 -25.81 22.70
N VAL A 136 -29.99 -26.57 22.20
CA VAL A 136 -29.48 -26.38 20.85
C VAL A 136 -30.01 -27.53 19.99
N ARG A 137 -30.88 -27.19 19.04
CA ARG A 137 -31.58 -28.17 18.24
C ARG A 137 -31.07 -28.09 16.80
N CYS A 138 -30.77 -29.24 16.20
CA CYS A 138 -30.28 -29.30 14.83
C CYS A 138 -31.16 -30.23 14.02
N GLN A 139 -31.64 -29.77 12.88
CA GLN A 139 -32.45 -30.62 12.02
C GLN A 139 -32.48 -30.08 10.61
N THR A 140 -32.97 -30.91 9.69
CA THR A 140 -33.15 -30.49 8.31
C THR A 140 -34.61 -30.13 8.09
N VAL A 141 -34.84 -28.97 7.47
CA VAL A 141 -36.19 -28.50 7.19
C VAL A 141 -36.19 -27.92 5.78
N ASN A 142 -37.06 -28.46 4.92
CA ASN A 142 -37.15 -28.02 3.52
C ASN A 142 -35.77 -27.96 2.85
N HIS A 143 -34.98 -29.00 3.06
CA HIS A 143 -33.66 -29.18 2.44
C HIS A 143 -32.60 -28.15 2.88
N GLN A 144 -32.83 -27.54 4.05
CA GLN A 144 -31.83 -26.67 4.68
C GLN A 144 -31.56 -27.16 6.09
N VAL A 145 -30.42 -26.82 6.67
CA VAL A 145 -30.16 -27.20 8.06
C VAL A 145 -30.49 -26.03 8.97
N GLN A 146 -31.32 -26.28 9.98
CA GLN A 146 -31.64 -25.25 10.96
C GLN A 146 -31.02 -25.61 12.29
N VAL A 147 -30.24 -24.69 12.83
CA VAL A 147 -29.68 -24.85 14.16
C VAL A 147 -30.29 -23.77 15.04
N SER A 148 -31.08 -24.20 16.03
CA SER A 148 -31.77 -23.26 16.89
C SER A 148 -31.18 -23.29 18.30
N VAL A 149 -31.11 -22.12 18.92
CA VAL A 149 -30.66 -21.99 20.31
C VAL A 149 -31.85 -21.39 21.05
N GLU A 150 -32.38 -22.16 22.00
CA GLU A 150 -33.67 -21.89 22.62
C GLU A 150 -33.50 -21.67 24.11
N ASN A 151 -34.05 -20.57 24.61
CA ASN A 151 -33.99 -20.32 26.05
C ASN A 151 -35.28 -19.72 26.60
N PRO A 152 -35.68 -20.16 27.80
CA PRO A 152 -36.80 -19.51 28.46
C PRO A 152 -36.34 -18.20 29.07
N GLY A 153 -37.27 -17.36 29.48
CA GLY A 153 -36.90 -16.11 30.10
C GLY A 153 -37.77 -15.00 29.57
N THR A 154 -37.50 -13.79 30.04
CA THR A 154 -38.35 -12.65 29.72
C THR A 154 -38.40 -12.44 28.21
N PRO A 155 -39.60 -12.36 27.64
CA PRO A 155 -39.67 -12.10 26.19
C PRO A 155 -38.99 -10.80 25.79
N ILE A 156 -38.37 -10.81 24.61
CA ILE A 156 -37.82 -9.62 24.01
C ILE A 156 -38.95 -8.83 23.33
N ALA A 157 -39.13 -7.58 23.70
CA ALA A 157 -40.20 -6.74 23.14
C ALA A 157 -40.05 -6.62 21.61
N PRO A 158 -41.18 -6.55 20.89
CA PRO A 158 -41.13 -6.56 19.42
C PRO A 158 -40.16 -5.52 18.84
N GLU A 159 -40.09 -4.33 19.41
CA GLU A 159 -39.26 -3.30 18.77
C GLU A 159 -37.80 -3.72 18.69
N HIS A 160 -37.37 -4.58 19.62
CA HIS A 160 -35.97 -4.99 19.62
C HIS A 160 -35.66 -6.12 18.65
N LEU A 161 -36.66 -6.93 18.30
CA LEU A 161 -36.43 -8.14 17.51
C LEU A 161 -35.64 -7.89 16.19
N PRO A 162 -36.04 -6.88 15.39
CA PRO A 162 -35.29 -6.69 14.14
C PRO A 162 -33.93 -5.99 14.35
N ARG A 163 -33.66 -5.55 15.57
CA ARG A 163 -32.42 -4.84 15.91
C ARG A 163 -31.40 -5.72 16.61
N LEU A 164 -31.81 -6.92 17.00
CA LEU A 164 -30.97 -7.74 17.89
C LEU A 164 -29.56 -8.01 17.35
N PHE A 165 -29.43 -8.09 16.03
CA PHE A 165 -28.15 -8.45 15.44
C PHE A 165 -27.35 -7.22 15.03
N ASP A 166 -27.87 -6.02 15.32
CA ASP A 166 -27.15 -4.79 15.03
C ASP A 166 -25.98 -4.60 15.98
N ARG A 167 -24.84 -4.19 15.46
CA ARG A 167 -23.68 -3.98 16.32
C ARG A 167 -23.98 -2.92 17.38
N PHE A 168 -23.62 -3.25 18.62
CA PHE A 168 -23.75 -2.35 19.78
C PHE A 168 -25.20 -1.99 20.15
N TYR A 169 -26.17 -2.70 19.56
CA TYR A 169 -27.55 -2.53 19.98
C TYR A 169 -27.78 -3.24 21.32
N ARG A 170 -28.33 -2.51 22.28
CA ARG A 170 -28.65 -3.10 23.57
C ARG A 170 -30.14 -2.94 23.89
N VAL A 171 -30.77 -4.05 24.24
CA VAL A 171 -32.17 -4.09 24.64
C VAL A 171 -32.36 -3.25 25.89
N ALA A 172 -31.38 -3.35 26.78
CA ALA A 172 -31.38 -2.60 28.00
C ALA A 172 -30.01 -2.02 28.26
N PRO A 173 -29.95 -0.72 28.63
CA PRO A 173 -28.70 -0.14 29.15
C PRO A 173 -28.40 -0.85 30.49
N SER A 174 -27.88 -2.06 30.36
CA SER A 174 -27.73 -3.01 31.45
C SER A 174 -26.58 -2.70 32.39
N ARG A 175 -26.21 -3.71 33.17
CA ARG A 175 -24.93 -3.80 33.85
C ARG A 175 -23.81 -3.43 32.88
N GLN A 176 -22.67 -2.97 33.37
CA GLN A 176 -21.58 -2.58 32.47
C GLN A 176 -20.34 -3.49 32.50
N ARG A 177 -20.44 -4.72 33.03
CA ARG A 177 -19.27 -5.62 33.03
C ARG A 177 -19.51 -7.15 32.86
N LYS A 178 -18.82 -7.69 31.85
CA LYS A 178 -18.37 -9.11 31.72
C LYS A 178 -19.38 -10.17 31.24
N GLY A 179 -20.53 -10.27 31.88
CA GLY A 179 -21.51 -11.25 31.44
C GLY A 179 -22.13 -10.85 30.11
N GLU A 180 -21.99 -9.58 29.78
CA GLU A 180 -22.67 -8.94 28.66
C GLU A 180 -22.29 -9.35 27.25
N GLY A 181 -21.03 -9.69 27.04
CA GLY A 181 -20.55 -9.86 25.69
C GLY A 181 -19.89 -8.56 25.23
N SER A 182 -19.44 -8.57 23.99
CA SER A 182 -18.60 -7.48 23.46
C SER A 182 -19.42 -6.32 22.92
N GLY A 183 -20.69 -6.57 22.67
CA GLY A 183 -21.52 -5.58 22.01
C GLY A 183 -21.70 -5.94 20.55
N ILE A 184 -20.84 -6.81 20.03
CA ILE A 184 -20.91 -7.23 18.63
C ILE A 184 -20.99 -8.73 18.43
N GLY A 185 -21.24 -9.50 19.49
CA GLY A 185 -21.37 -10.94 19.36
C GLY A 185 -22.46 -11.38 18.39
N LEU A 186 -23.65 -10.77 18.49
CA LEU A 186 -24.74 -11.14 17.60
C LEU A 186 -24.56 -10.63 16.16
N ALA A 187 -23.99 -9.43 15.99
CA ALA A 187 -23.61 -8.98 14.65
C ALA A 187 -22.65 -9.96 13.97
N ILE A 188 -21.69 -10.48 14.75
CA ILE A 188 -20.77 -11.47 14.23
C ILE A 188 -21.50 -12.77 13.84
N VAL A 189 -22.48 -13.21 14.64
CA VAL A 189 -23.28 -14.38 14.28
C VAL A 189 -23.90 -14.17 12.90
N LYS A 190 -24.58 -13.03 12.73
CA LYS A 190 -25.28 -12.75 11.47
C LYS A 190 -24.29 -12.68 10.30
N SER A 191 -23.16 -12.01 10.49
CA SER A 191 -22.16 -11.91 9.42
C SER A 191 -21.67 -13.28 8.97
N ILE A 192 -21.40 -14.16 9.93
CA ILE A 192 -20.92 -15.50 9.61
C ILE A 192 -21.98 -16.28 8.83
N VAL A 193 -23.21 -16.22 9.30
CA VAL A 193 -24.30 -16.94 8.66
C VAL A 193 -24.58 -16.40 7.25
N VAL A 194 -24.63 -15.08 7.10
CA VAL A 194 -24.87 -14.49 5.79
C VAL A 194 -23.73 -14.88 4.82
N ALA A 195 -22.51 -14.95 5.33
CA ALA A 195 -21.35 -15.34 4.50
C ALA A 195 -21.46 -16.80 4.04
N HIS A 196 -22.21 -17.61 4.79
CA HIS A 196 -22.52 -18.99 4.41
C HIS A 196 -23.75 -19.09 3.51
N LYS A 197 -24.26 -17.95 3.05
CA LYS A 197 -25.51 -17.86 2.27
C LYS A 197 -26.73 -18.36 3.06
N GLY A 198 -26.66 -18.20 4.37
CA GLY A 198 -27.76 -18.54 5.26
C GLY A 198 -28.50 -17.31 5.77
N THR A 199 -29.43 -17.53 6.70
CA THR A 199 -30.12 -16.41 7.34
C THR A 199 -30.27 -16.70 8.82
N VAL A 200 -30.49 -15.65 9.59
CA VAL A 200 -30.83 -15.79 11.00
C VAL A 200 -32.24 -15.28 11.28
N ALA A 201 -32.87 -15.85 12.29
CA ALA A 201 -34.20 -15.43 12.70
C ALA A 201 -34.36 -15.53 14.19
N VAL A 202 -35.23 -14.68 14.76
CA VAL A 202 -35.53 -14.78 16.18
C VAL A 202 -37.04 -14.69 16.40
N THR A 203 -37.55 -15.55 17.27
CA THR A 203 -38.91 -15.40 17.77
C THR A 203 -38.83 -15.31 19.28
N SER A 204 -39.76 -14.58 19.88
CA SER A 204 -39.72 -14.44 21.33
C SER A 204 -41.11 -14.20 21.92
N ASP A 205 -41.55 -15.09 22.80
CA ASP A 205 -42.80 -14.89 23.50
C ASP A 205 -42.74 -15.59 24.85
N ALA A 206 -43.88 -15.73 25.54
CA ALA A 206 -43.86 -16.26 26.89
C ALA A 206 -43.36 -17.69 26.95
N ARG A 207 -43.39 -18.40 25.83
CA ARG A 207 -42.91 -19.79 25.83
C ARG A 207 -41.41 -19.91 25.61
N GLY A 208 -40.78 -18.82 25.20
CA GLY A 208 -39.33 -18.77 25.12
C GLY A 208 -38.82 -17.94 23.96
N THR A 209 -37.50 -17.81 23.91
CA THR A 209 -36.79 -17.07 22.88
C THR A 209 -35.99 -18.05 22.04
N ARG A 210 -36.07 -17.90 20.72
CA ARG A 210 -35.43 -18.86 19.83
C ARG A 210 -34.61 -18.13 18.78
N PHE A 211 -33.30 -18.35 18.79
CA PHE A 211 -32.41 -17.83 17.73
C PHE A 211 -32.14 -18.96 16.76
N VAL A 212 -32.48 -18.77 15.49
CA VAL A 212 -32.35 -19.86 14.54
C VAL A 212 -31.43 -19.48 13.39
N ILE A 213 -30.42 -20.31 13.17
CA ILE A 213 -29.55 -20.21 12.00
C ILE A 213 -30.04 -21.18 10.95
N THR A 214 -30.26 -20.70 9.72
CA THR A 214 -30.58 -21.59 8.62
C THR A 214 -29.44 -21.56 7.61
N LEU A 215 -28.95 -22.74 7.23
CA LEU A 215 -27.82 -22.89 6.32
C LEU A 215 -28.20 -23.77 5.15
N PRO A 216 -27.63 -23.51 3.96
CA PRO A 216 -27.90 -24.37 2.79
C PRO A 216 -27.51 -25.83 3.03
N ALA A 217 -28.30 -26.75 2.50
CA ALA A 217 -27.99 -28.17 2.58
C ALA A 217 -28.62 -28.95 1.43
N GLY B 1 -13.33 1.29 7.41
CA GLY B 1 -14.18 2.14 8.23
C GLY B 1 -13.66 2.29 9.64
N ALA B 2 -14.45 2.91 10.51
CA ALA B 2 -14.07 3.11 11.91
C ALA B 2 -13.74 1.82 12.63
N MET B 3 -14.46 0.74 12.31
CA MET B 3 -14.24 -0.53 12.99
C MET B 3 -12.78 -0.94 12.80
N ALA B 4 -12.34 -1.01 11.55
CA ALA B 4 -10.96 -1.42 11.27
C ALA B 4 -9.98 -0.38 11.80
N ASP B 5 -10.28 0.90 11.59
CA ASP B 5 -9.35 1.98 11.94
C ASP B 5 -9.07 2.06 13.44
N ILE B 6 -10.13 1.98 14.23
CA ILE B 6 -10.00 2.05 15.68
C ILE B 6 -9.36 0.78 16.23
N ALA B 7 -9.76 -0.37 15.72
CA ALA B 7 -9.16 -1.62 16.17
C ALA B 7 -7.66 -1.67 15.88
N HIS B 8 -7.26 -1.16 14.72
N HIS B 8 -7.28 -1.16 14.70
CA HIS B 8 -5.83 -1.19 14.38
CA HIS B 8 -5.90 -1.10 14.28
C HIS B 8 -5.03 -0.16 15.16
C HIS B 8 -5.09 -0.22 15.24
N GLU B 9 -5.70 0.87 15.69
CA GLU B 9 -5.02 1.81 16.57
C GLU B 9 -4.73 1.22 17.95
N ILE B 10 -5.65 0.40 18.46
CA ILE B 10 -5.58 -0.06 19.83
C ILE B 10 -4.90 -1.43 19.96
N ARG B 11 -4.89 -2.20 18.87
CA ARG B 11 -4.31 -3.54 18.88
C ARG B 11 -2.87 -3.56 19.42
N THR B 12 -2.06 -2.60 19.02
CA THR B 12 -0.66 -2.61 19.41
C THR B 12 -0.38 -2.07 20.83
N PRO B 13 -1.09 -1.01 21.28
CA PRO B 13 -0.93 -0.69 22.71
C PRO B 13 -1.42 -1.79 23.65
N ILE B 14 -2.53 -2.45 23.31
CA ILE B 14 -3.00 -3.58 24.10
C ILE B 14 -1.93 -4.67 24.14
N THR B 15 -1.39 -5.01 22.99
CA THR B 15 -0.37 -6.05 22.87
C THR B 15 0.84 -5.75 23.74
N ASN B 16 1.29 -4.50 23.70
CA ASN B 16 2.44 -4.07 24.50
C ASN B 16 2.19 -4.20 26.00
N LEU B 17 0.98 -3.83 26.43
CA LEU B 17 0.64 -3.90 27.84
C LEU B 17 0.66 -5.33 28.35
N ILE B 18 0.08 -6.26 27.58
CA ILE B 18 0.13 -7.66 27.94
C ILE B 18 1.57 -8.13 27.98
N THR B 19 2.32 -7.85 26.91
CA THR B 19 3.72 -8.26 26.82
C THR B 19 4.55 -7.79 28.01
N GLN B 20 4.46 -6.51 28.35
CA GLN B 20 5.31 -5.99 29.40
C GLN B 20 4.82 -6.41 30.80
N THR B 21 3.52 -6.58 30.96
CA THR B 21 3.00 -7.06 32.26
C THR B 21 3.35 -8.53 32.46
N GLU B 22 3.23 -9.33 31.41
CA GLU B 22 3.59 -10.74 31.47
C GLU B 22 5.07 -10.91 31.82
N ILE B 23 5.91 -10.08 31.21
CA ILE B 23 7.33 -10.08 31.50
C ILE B 23 7.58 -9.67 32.95
N ALA B 24 6.89 -8.62 33.40
CA ALA B 24 7.04 -8.12 34.76
C ALA B 24 6.73 -9.19 35.82
N LEU B 25 5.70 -9.98 35.55
CA LEU B 25 5.23 -10.96 36.51
C LEU B 25 5.98 -12.29 36.44
N SER B 26 6.82 -12.45 35.43
CA SER B 26 7.56 -13.70 35.25
C SER B 26 8.74 -13.81 36.21
N GLN B 27 9.25 -12.66 36.66
CA GLN B 27 10.38 -12.64 37.58
C GLN B 27 10.03 -11.94 38.89
N SER B 28 10.82 -12.20 39.92
CA SER B 28 10.65 -11.54 41.21
C SER B 28 11.23 -10.13 41.16
N ARG B 29 10.37 -9.13 41.28
CA ARG B 29 10.80 -7.75 41.16
C ARG B 29 10.68 -7.02 42.49
N SER B 30 11.49 -5.97 42.65
CA SER B 30 11.38 -5.10 43.81
C SER B 30 10.02 -4.40 43.77
N GLN B 31 9.67 -3.74 44.87
CA GLN B 31 8.39 -3.05 44.95
C GLN B 31 8.34 -1.88 43.96
N LYS B 32 9.44 -1.15 43.82
CA LYS B 32 9.43 0.00 42.93
C LYS B 32 9.56 -0.39 41.46
N GLU B 33 10.20 -1.52 41.18
CA GLU B 33 10.23 -2.05 39.82
C GLU B 33 8.81 -2.31 39.34
N LEU B 34 8.00 -2.88 40.23
CA LEU B 34 6.60 -3.17 39.92
C LEU B 34 5.79 -1.88 39.77
N GLU B 35 6.12 -0.85 40.55
CA GLU B 35 5.44 0.43 40.42
C GLU B 35 5.76 1.07 39.08
N ASP B 36 7.00 0.90 38.61
CA ASP B 36 7.41 1.45 37.33
C ASP B 36 6.68 0.79 36.17
N VAL B 37 6.34 -0.49 36.32
CA VAL B 37 5.53 -1.19 35.32
C VAL B 37 4.12 -0.63 35.31
N LEU B 38 3.57 -0.38 36.48
CA LEU B 38 2.23 0.20 36.61
C LEU B 38 2.16 1.57 35.97
N TYR B 39 3.13 2.43 36.32
CA TYR B 39 3.20 3.78 35.74
C TYR B 39 3.34 3.71 34.23
N SER B 40 4.12 2.76 33.75
CA SER B 40 4.30 2.55 32.32
C SER B 40 2.97 2.18 31.68
N ASN B 41 2.29 1.22 32.29
CA ASN B 41 0.95 0.82 31.89
C ASN B 41 -0.02 2.01 31.87
N LEU B 42 0.02 2.81 32.92
CA LEU B 42 -0.87 3.95 33.06
C LEU B 42 -0.66 4.98 31.94
N GLU B 43 0.59 5.16 31.53
CA GLU B 43 0.93 6.07 30.45
C GLU B 43 0.24 5.65 29.15
N GLU B 44 0.27 4.36 28.86
CA GLU B 44 -0.34 3.82 27.66
C GLU B 44 -1.86 3.90 27.75
N LEU B 45 -2.40 3.54 28.92
CA LEU B 45 -3.83 3.58 29.15
C LEU B 45 -4.35 5.01 29.05
N THR B 46 -3.53 5.96 29.50
CA THR B 46 -3.88 7.37 29.44
C THR B 46 -3.99 7.86 28.01
N ARG B 47 -3.09 7.40 27.15
CA ARG B 47 -3.16 7.75 25.73
C ARG B 47 -4.42 7.16 25.10
N MET B 48 -4.79 5.96 25.53
CA MET B 48 -5.99 5.32 25.00
C MET B 48 -7.23 6.11 25.39
N ALA B 49 -7.26 6.59 26.63
CA ALA B 49 -8.42 7.36 27.11
C ALA B 49 -8.54 8.68 26.36
N LYS B 50 -7.40 9.28 26.03
CA LYS B 50 -7.37 10.49 25.21
C LYS B 50 -7.92 10.22 23.82
N MET B 51 -7.55 9.08 23.24
CA MET B 51 -8.07 8.69 21.94
C MET B 51 -9.59 8.57 21.99
N VAL B 52 -10.10 7.96 23.06
CA VAL B 52 -11.53 7.80 23.23
C VAL B 52 -12.23 9.15 23.34
N SER B 53 -11.67 10.04 24.15
CA SER B 53 -12.20 11.39 24.30
C SER B 53 -12.24 12.14 22.97
N ASP B 54 -11.16 12.05 22.21
CA ASP B 54 -11.10 12.69 20.91
C ASP B 54 -12.19 12.14 19.98
N MET B 55 -12.40 10.82 19.99
CA MET B 55 -13.39 10.22 19.10
C MET B 55 -14.81 10.71 19.40
N LEU B 56 -15.12 10.87 20.68
CA LEU B 56 -16.46 11.33 21.06
C LEU B 56 -16.66 12.79 20.65
N PHE B 57 -15.60 13.59 20.71
CA PHE B 57 -15.71 14.98 20.24
C PHE B 57 -15.99 15.02 18.74
N LEU B 58 -15.17 14.29 17.98
CA LEU B 58 -15.29 14.27 16.53
C LEU B 58 -16.64 13.72 16.12
N ALA B 59 -17.18 12.78 16.90
CA ALA B 59 -18.45 12.15 16.55
C ALA B 59 -19.58 13.17 16.51
N GLN B 60 -19.48 14.24 17.30
CA GLN B 60 -20.45 15.34 17.27
C GLN B 60 -20.56 15.97 15.88
N ALA B 61 -19.43 16.08 15.21
CA ALA B 61 -19.34 16.67 13.88
C ALA B 61 -20.09 15.85 12.84
N ASP B 62 -19.85 14.55 12.84
CA ASP B 62 -20.75 13.61 12.19
C ASP B 62 -22.05 13.77 12.96
N ASN B 63 -23.20 13.48 12.35
CA ASN B 63 -24.50 13.75 12.99
C ASN B 63 -24.72 15.28 13.02
N ASN B 64 -23.72 16.03 12.53
CA ASN B 64 -23.83 17.46 12.26
C ASN B 64 -24.25 18.29 13.46
N GLN B 65 -23.79 17.90 14.64
CA GLN B 65 -24.14 18.64 15.84
C GLN B 65 -22.93 19.36 16.46
N LEU B 66 -21.89 19.59 15.68
CA LEU B 66 -20.79 20.45 16.15
C LEU B 66 -21.11 21.89 15.82
N ILE B 67 -21.68 22.60 16.79
CA ILE B 67 -22.23 23.93 16.58
C ILE B 67 -21.49 24.95 17.44
N PRO B 68 -20.53 25.66 16.84
CA PRO B 68 -19.77 26.67 17.59
C PRO B 68 -20.67 27.69 18.26
N GLU B 69 -20.34 28.04 19.50
CA GLU B 69 -20.98 29.13 20.22
C GLU B 69 -20.03 30.31 20.17
N LYS B 70 -20.29 31.23 19.26
CA LYS B 70 -19.28 32.25 18.91
C LYS B 70 -19.45 33.58 19.63
N LYS B 71 -18.31 34.18 19.97
CA LYS B 71 -18.26 35.53 20.49
C LYS B 71 -16.99 36.16 19.95
N MET B 72 -16.85 37.48 20.10
CA MET B 72 -15.64 38.14 19.62
C MET B 72 -14.47 37.79 20.52
N LEU B 73 -13.43 37.23 19.91
CA LEU B 73 -12.28 36.77 20.67
C LEU B 73 -11.07 37.63 20.38
N ASN B 74 -10.25 37.84 21.40
CA ASN B 74 -8.92 38.41 21.21
C ASN B 74 -7.97 37.24 21.05
N LEU B 75 -7.48 37.01 19.84
CA LEU B 75 -6.72 35.80 19.58
C LEU B 75 -5.39 35.77 20.30
N ALA B 76 -4.78 36.93 20.53
CA ALA B 76 -3.58 37.00 21.35
C ALA B 76 -3.85 36.39 22.72
N ASP B 77 -5.01 36.70 23.27
CA ASP B 77 -5.39 36.16 24.57
C ASP B 77 -5.58 34.63 24.56
N GLU B 78 -6.25 34.11 23.52
CA GLU B 78 -6.54 32.69 23.47
C GLU B 78 -5.29 31.85 23.19
N VAL B 79 -4.42 32.33 22.29
CA VAL B 79 -3.16 31.64 22.01
C VAL B 79 -2.29 31.57 23.27
N GLY B 80 -2.27 32.64 24.06
CA GLY B 80 -1.48 32.69 25.29
C GLY B 80 -1.91 31.63 26.29
N LYS B 81 -3.22 31.38 26.39
CA LYS B 81 -3.74 30.32 27.26
C LYS B 81 -3.24 28.93 26.81
N VAL B 82 -3.17 28.73 25.50
CA VAL B 82 -2.68 27.47 24.97
C VAL B 82 -1.17 27.36 25.18
N PHE B 83 -0.42 28.42 24.90
CA PHE B 83 1.03 28.40 25.12
C PHE B 83 1.38 28.03 26.56
N ASP B 84 0.57 28.50 27.50
CA ASP B 84 0.85 28.21 28.91
C ASP B 84 0.81 26.72 29.20
N PHE B 85 -0.04 25.98 28.48
CA PHE B 85 -0.10 24.54 28.69
C PHE B 85 0.95 23.76 27.87
N PHE B 86 1.60 24.44 26.94
CA PHE B 86 2.64 23.78 26.13
C PHE B 86 4.07 24.26 26.44
N GLU B 87 4.19 25.20 27.38
CA GLU B 87 5.49 25.79 27.66
C GLU B 87 6.51 24.75 28.15
N ALA B 88 6.08 23.83 29.01
CA ALA B 88 6.99 22.77 29.50
C ALA B 88 7.44 21.83 28.38
N LEU B 89 6.50 21.41 27.55
CA LEU B 89 6.83 20.53 26.42
C LEU B 89 7.79 21.24 25.50
N ALA B 90 7.56 22.52 25.27
CA ALA B 90 8.42 23.29 24.38
C ALA B 90 9.84 23.43 24.96
N GLU B 91 9.93 23.71 26.25
CA GLU B 91 11.23 23.88 26.91
C GLU B 91 12.02 22.57 26.88
N ASP B 92 11.35 21.44 27.11
CA ASP B 92 11.99 20.12 27.07
C ASP B 92 12.60 19.88 25.69
N ARG B 93 11.83 20.19 24.65
N ARG B 93 11.83 20.19 24.64
CA ARG B 93 12.32 19.99 23.28
CA ARG B 93 12.28 20.01 23.26
C ARG B 93 13.27 21.10 22.84
C ARG B 93 13.25 21.11 22.82
N GLY B 94 13.33 22.19 23.60
CA GLY B 94 14.22 23.30 23.26
C GLY B 94 13.70 24.22 22.17
N VAL B 95 12.39 24.37 22.12
CA VAL B 95 11.71 25.15 21.08
C VAL B 95 11.01 26.39 21.64
N GLU B 96 11.13 27.50 20.93
CA GLU B 96 10.41 28.74 21.29
C GLU B 96 8.98 28.72 20.76
N LEU B 97 8.02 29.07 21.62
CA LEU B 97 6.64 29.35 21.19
C LEU B 97 6.48 30.85 20.98
N ARG B 98 6.10 31.25 19.78
CA ARG B 98 6.03 32.66 19.43
C ARG B 98 4.68 33.03 18.82
N PHE B 99 4.06 34.08 19.35
CA PHE B 99 2.84 34.62 18.77
C PHE B 99 3.11 35.92 18.04
N VAL B 100 2.48 36.06 16.89
CA VAL B 100 2.60 37.23 16.03
C VAL B 100 1.23 37.75 15.65
N GLY B 101 0.88 38.94 16.10
CA GLY B 101 -0.38 39.54 15.69
C GLY B 101 -0.51 40.96 16.18
N ASP B 102 -1.24 41.77 15.42
CA ASP B 102 -1.40 43.18 15.73
C ASP B 102 -2.86 43.45 16.07
N LYS B 103 -3.19 43.28 17.35
CA LYS B 103 -4.56 43.43 17.84
C LYS B 103 -5.53 42.57 17.06
N CYS B 104 -5.15 41.31 16.86
CA CYS B 104 -5.94 40.39 16.04
C CYS B 104 -7.18 39.89 16.77
N GLN B 105 -8.34 40.00 16.13
CA GLN B 105 -9.61 39.58 16.71
C GLN B 105 -10.52 38.85 15.72
N VAL B 106 -11.35 37.94 16.23
CA VAL B 106 -12.23 37.15 15.38
C VAL B 106 -13.40 36.55 16.19
N ALA B 107 -14.56 36.42 15.54
CA ALA B 107 -15.69 35.73 16.14
C ALA B 107 -15.46 34.23 16.06
N GLY B 108 -15.58 33.56 17.20
CA GLY B 108 -15.41 32.12 17.24
C GLY B 108 -15.72 31.53 18.60
N ASP B 109 -15.74 30.21 18.66
CA ASP B 109 -15.96 29.47 19.89
C ASP B 109 -14.60 29.25 20.54
N PRO B 110 -14.34 29.91 21.68
CA PRO B 110 -12.99 29.84 22.26
C PRO B 110 -12.60 28.44 22.73
N LEU B 111 -13.58 27.69 23.24
CA LEU B 111 -13.33 26.31 23.66
C LEU B 111 -12.84 25.50 22.47
N MET B 112 -13.56 25.60 21.36
CA MET B 112 -13.22 24.82 20.17
C MET B 112 -11.94 25.33 19.53
N LEU B 113 -11.78 26.66 19.46
CA LEU B 113 -10.59 27.18 18.80
C LEU B 113 -9.31 26.88 19.62
N ARG B 114 -9.41 26.88 20.96
CA ARG B 114 -8.24 26.48 21.73
C ARG B 114 -7.91 25.01 21.52
N ARG B 115 -8.93 24.16 21.38
CA ARG B 115 -8.72 22.76 21.07
C ARG B 115 -8.01 22.60 19.70
N ALA B 116 -8.49 23.34 18.70
CA ALA B 116 -7.87 23.28 17.39
C ALA B 116 -6.41 23.77 17.44
N LEU B 117 -6.17 24.89 18.13
CA LEU B 117 -4.82 25.42 18.25
C LEU B 117 -3.91 24.46 19.01
N SER B 118 -4.43 23.85 20.07
CA SER B 118 -3.67 22.84 20.82
C SER B 118 -3.25 21.67 19.94
N ASN B 119 -4.16 21.18 19.10
CA ASN B 119 -3.83 20.06 18.25
C ASN B 119 -2.79 20.45 17.18
N LEU B 120 -2.86 21.67 16.67
CA LEU B 120 -1.84 22.16 15.75
C LEU B 120 -0.48 22.32 16.42
N LEU B 121 -0.47 22.78 17.66
CA LEU B 121 0.78 22.92 18.39
C LEU B 121 1.39 21.56 18.73
N SER B 122 0.53 20.60 19.12
CA SER B 122 1.00 19.25 19.42
C SER B 122 1.66 18.65 18.18
N ASN B 123 1.02 18.86 17.03
CA ASN B 123 1.59 18.40 15.78
C ASN B 123 2.94 19.05 15.48
N ALA B 124 3.01 20.38 15.64
CA ALA B 124 4.24 21.09 15.30
C ALA B 124 5.38 20.67 16.23
N LEU B 125 5.08 20.39 17.49
CA LEU B 125 6.11 19.98 18.44
C LEU B 125 6.70 18.59 18.12
N ARG B 126 5.97 17.78 17.35
CA ARG B 126 6.51 16.52 16.85
C ARG B 126 7.68 16.70 15.90
N TYR B 127 7.69 17.80 15.17
CA TYR B 127 8.54 17.89 13.99
C TYR B 127 9.52 19.05 14.00
N THR B 128 9.47 19.89 15.03
CA THR B 128 10.30 21.07 15.06
C THR B 128 11.67 20.77 15.67
N PRO B 129 12.75 21.12 14.95
CA PRO B 129 14.11 20.95 15.47
C PRO B 129 14.37 21.81 16.71
N PRO B 130 15.20 21.32 17.62
CA PRO B 130 15.63 22.17 18.74
C PRO B 130 16.26 23.48 18.27
N SER B 131 16.14 24.52 19.11
CA SER B 131 16.70 25.85 18.85
C SER B 131 16.00 26.58 17.71
N GLU B 132 14.78 26.15 17.42
CA GLU B 132 13.91 26.83 16.46
C GLU B 132 12.68 27.40 17.16
N ALA B 133 11.86 28.13 16.41
CA ALA B 133 10.60 28.65 16.93
C ALA B 133 9.42 28.05 16.17
N ILE B 134 8.37 27.72 16.92
CA ILE B 134 7.05 27.46 16.33
C ILE B 134 6.30 28.78 16.39
N VAL B 135 5.79 29.23 15.24
CA VAL B 135 5.16 30.54 15.19
C VAL B 135 3.66 30.43 14.92
N VAL B 136 2.88 31.14 15.72
CA VAL B 136 1.43 31.26 15.56
C VAL B 136 1.20 32.69 15.11
N ARG B 137 0.75 32.85 13.88
CA ARG B 137 0.58 34.16 13.25
C ARG B 137 -0.89 34.42 13.00
N CYS B 138 -1.34 35.61 13.34
CA CYS B 138 -2.74 35.98 13.14
C CYS B 138 -2.84 37.31 12.42
N GLN B 139 -3.67 37.39 11.40
CA GLN B 139 -3.87 38.63 10.67
C GLN B 139 -5.18 38.61 9.90
N THR B 140 -5.65 39.80 9.56
CA THR B 140 -6.83 39.99 8.73
C THR B 140 -6.39 40.17 7.29
N VAL B 141 -7.04 39.43 6.40
CA VAL B 141 -6.74 39.45 4.97
C VAL B 141 -8.03 39.26 4.20
N ASN B 142 -8.38 40.23 3.34
CA ASN B 142 -9.57 40.14 2.48
C ASN B 142 -10.83 39.76 3.24
N HIS B 143 -11.09 40.47 4.34
CA HIS B 143 -12.27 40.26 5.17
C HIS B 143 -12.35 38.84 5.75
N GLN B 144 -11.18 38.25 5.96
CA GLN B 144 -11.06 36.99 6.67
C GLN B 144 -9.92 37.12 7.68
N VAL B 145 -9.92 36.24 8.67
CA VAL B 145 -8.80 36.15 9.61
C VAL B 145 -8.08 34.85 9.32
N GLN B 146 -6.78 34.95 9.11
CA GLN B 146 -5.95 33.77 8.95
C GLN B 146 -5.08 33.57 10.19
N VAL B 147 -5.14 32.37 10.74
CA VAL B 147 -4.33 31.98 11.88
C VAL B 147 -3.44 30.82 11.44
N SER B 148 -2.14 31.04 11.48
CA SER B 148 -1.23 30.05 10.93
C SER B 148 -0.34 29.50 12.03
N VAL B 149 -0.04 28.22 11.96
CA VAL B 149 0.90 27.58 12.86
C VAL B 149 2.03 27.08 11.97
N GLU B 150 3.23 27.61 12.21
CA GLU B 150 4.35 27.46 11.30
C GLU B 150 5.53 26.80 12.00
N ASN B 151 6.12 25.79 11.38
CA ASN B 151 7.29 25.15 11.98
C ASN B 151 8.32 24.78 10.93
N PRO B 152 9.59 24.98 11.26
CA PRO B 152 10.66 24.45 10.42
C PRO B 152 10.70 22.94 10.64
N GLY B 153 11.32 22.23 9.72
CA GLY B 153 11.48 20.80 9.88
C GLY B 153 11.55 20.14 8.52
N THR B 154 11.62 18.82 8.52
CA THR B 154 11.62 18.04 7.29
C THR B 154 10.30 18.27 6.55
N PRO B 155 10.37 18.62 5.27
CA PRO B 155 9.09 18.82 4.56
C PRO B 155 8.21 17.58 4.55
N ILE B 156 6.90 17.80 4.54
CA ILE B 156 5.93 16.73 4.37
C ILE B 156 5.77 16.45 2.88
N ALA B 157 5.99 15.20 2.46
CA ALA B 157 5.93 14.84 1.03
C ALA B 157 4.54 15.11 0.47
N PRO B 158 4.47 15.51 -0.82
CA PRO B 158 3.20 15.87 -1.44
C PRO B 158 2.10 14.84 -1.23
N GLU B 159 2.44 13.55 -1.31
CA GLU B 159 1.42 12.52 -1.22
C GLU B 159 0.65 12.59 0.10
N HIS B 160 1.29 13.09 1.16
CA HIS B 160 0.61 13.19 2.45
C HIS B 160 -0.23 14.43 2.62
N LEU B 161 0.13 15.51 1.91
CA LEU B 161 -0.51 16.81 2.15
C LEU B 161 -2.05 16.79 2.12
N PRO B 162 -2.68 16.17 1.09
CA PRO B 162 -4.14 16.19 1.06
C PRO B 162 -4.78 15.20 2.04
N ARG B 163 -3.95 14.37 2.66
CA ARG B 163 -4.40 13.31 3.57
C ARG B 163 -4.28 13.66 5.05
N LEU B 164 -3.59 14.74 5.35
CA LEU B 164 -3.17 15.05 6.73
C LEU B 164 -4.33 15.16 7.72
N PHE B 165 -5.48 15.60 7.24
CA PHE B 165 -6.61 15.81 8.13
C PHE B 165 -7.56 14.61 8.15
N ASP B 166 -7.19 13.54 7.46
CA ASP B 166 -8.01 12.34 7.48
C ASP B 166 -7.92 11.65 8.85
N ARG B 167 -9.03 11.10 9.33
CA ARG B 167 -9.03 10.31 10.55
C ARG B 167 -8.02 9.18 10.49
N PHE B 168 -7.16 9.15 11.49
CA PHE B 168 -6.19 8.08 11.68
C PHE B 168 -5.18 7.93 10.56
N TYR B 169 -5.02 8.97 9.73
CA TYR B 169 -3.92 8.98 8.77
C TYR B 169 -2.62 9.37 9.45
N ARG B 170 -1.56 8.60 9.19
CA ARG B 170 -0.25 8.93 9.73
C ARG B 170 0.80 8.89 8.63
N VAL B 171 1.63 9.93 8.59
CA VAL B 171 2.61 10.11 7.52
C VAL B 171 3.62 8.96 7.47
N ALA B 172 4.29 8.71 8.58
CA ALA B 172 5.14 7.56 8.68
C ALA B 172 4.41 6.52 9.52
N PRO B 173 4.79 5.23 9.39
CA PRO B 173 4.19 4.27 10.34
C PRO B 173 4.62 4.54 11.77
N SER B 174 4.39 5.76 12.23
CA SER B 174 4.70 6.17 13.59
C SER B 174 3.42 6.16 14.40
N ARG B 175 2.51 5.28 14.00
CA ARG B 175 1.39 4.86 14.85
C ARG B 175 2.00 4.25 16.09
N GLN B 176 2.69 5.07 16.87
CA GLN B 176 3.75 4.54 17.70
C GLN B 176 3.71 4.89 19.17
N ARG B 177 4.43 4.05 19.90
CA ARG B 177 4.82 4.24 21.29
C ARG B 177 5.12 5.69 21.64
N LYS B 178 4.83 6.07 22.89
CA LYS B 178 5.35 7.27 23.56
C LYS B 178 5.46 8.56 22.75
N GLY B 179 4.97 8.57 21.53
CA GLY B 179 5.08 9.74 20.67
C GLY B 179 4.02 10.77 20.95
N GLU B 180 3.18 11.04 19.94
CA GLU B 180 2.09 11.97 20.10
C GLU B 180 0.97 11.64 19.14
N GLY B 181 -0.26 11.90 19.58
CA GLY B 181 -1.39 11.87 18.67
C GLY B 181 -2.36 10.77 18.95
N SER B 182 -3.63 11.15 19.07
CA SER B 182 -4.71 10.19 19.13
C SER B 182 -4.85 9.53 17.77
N GLY B 183 -4.41 10.25 16.75
CA GLY B 183 -4.62 9.82 15.39
C GLY B 183 -5.71 10.63 14.72
N ILE B 184 -6.48 11.40 15.51
CA ILE B 184 -7.54 12.24 14.91
C ILE B 184 -7.43 13.70 15.35
N GLY B 185 -6.26 14.10 15.83
CA GLY B 185 -6.03 15.49 16.19
C GLY B 185 -6.25 16.46 15.05
N LEU B 186 -5.74 16.13 13.87
CA LEU B 186 -5.86 17.02 12.73
C LEU B 186 -7.28 16.95 12.12
N ALA B 187 -7.90 15.78 12.16
CA ALA B 187 -9.29 15.67 11.72
C ALA B 187 -10.15 16.56 12.61
N ILE B 188 -9.84 16.62 13.90
CA ILE B 188 -10.59 17.48 14.81
C ILE B 188 -10.36 18.96 14.49
N VAL B 189 -9.12 19.36 14.19
CA VAL B 189 -8.87 20.72 13.72
C VAL B 189 -9.76 21.06 12.52
N LYS B 190 -9.75 20.21 11.50
CA LYS B 190 -10.52 20.53 10.29
C LYS B 190 -12.03 20.61 10.59
N SER B 191 -12.53 19.71 11.42
N SER B 191 -12.53 19.70 11.42
CA SER B 191 -13.97 19.68 11.72
CA SER B 191 -13.94 19.68 11.73
C SER B 191 -14.39 20.95 12.46
C SER B 191 -14.38 20.96 12.44
N ILE B 192 -13.55 21.43 13.36
CA ILE B 192 -13.83 22.66 14.09
C ILE B 192 -13.83 23.84 13.11
N VAL B 193 -12.88 23.86 12.19
CA VAL B 193 -12.75 24.99 11.28
C VAL B 193 -13.91 25.02 10.27
N VAL B 194 -14.26 23.85 9.74
CA VAL B 194 -15.42 23.76 8.85
C VAL B 194 -16.72 24.17 9.59
N ALA B 195 -16.84 23.80 10.86
CA ALA B 195 -18.02 24.21 11.64
C ALA B 195 -18.10 25.73 11.81
N HIS B 196 -16.95 26.41 11.77
CA HIS B 196 -16.85 27.87 11.79
C HIS B 196 -17.00 28.50 10.40
N LYS B 197 -17.34 27.67 9.41
CA LYS B 197 -17.45 28.08 8.00
C LYS B 197 -16.12 28.55 7.42
N GLY B 198 -15.03 28.02 7.95
CA GLY B 198 -13.72 28.32 7.41
C GLY B 198 -13.11 27.17 6.64
N THR B 199 -11.83 27.29 6.31
CA THR B 199 -11.09 26.23 5.64
C THR B 199 -9.72 26.11 6.27
N VAL B 200 -9.06 24.97 6.06
CA VAL B 200 -7.69 24.78 6.49
C VAL B 200 -6.85 24.48 5.25
N ALA B 201 -5.58 24.84 5.32
CA ALA B 201 -4.67 24.62 4.20
C ALA B 201 -3.30 24.34 4.76
N VAL B 202 -2.52 23.54 4.05
CA VAL B 202 -1.14 23.28 4.42
C VAL B 202 -0.22 23.45 3.23
N THR B 203 0.92 24.11 3.46
CA THR B 203 2.03 24.13 2.51
C THR B 203 3.27 23.57 3.20
N SER B 204 4.14 22.92 2.45
CA SER B 204 5.36 22.39 3.07
C SER B 204 6.50 22.28 2.08
N ASP B 205 7.59 22.98 2.35
CA ASP B 205 8.80 22.85 1.53
C ASP B 205 10.04 23.14 2.37
N ALA B 206 11.17 23.39 1.76
CA ALA B 206 12.40 23.57 2.51
C ALA B 206 12.35 24.75 3.46
N ARG B 207 11.49 25.72 3.19
CA ARG B 207 11.41 26.92 4.02
C ARG B 207 10.51 26.72 5.23
N GLY B 208 9.78 25.60 5.29
CA GLY B 208 8.94 25.30 6.44
C GLY B 208 7.59 24.70 6.10
N THR B 209 6.88 24.28 7.15
CA THR B 209 5.53 23.75 7.04
C THR B 209 4.57 24.73 7.68
N ARG B 210 3.46 25.02 7.01
CA ARG B 210 2.50 26.01 7.51
C ARG B 210 1.10 25.46 7.45
N PHE B 211 0.45 25.35 8.59
CA PHE B 211 -0.97 25.01 8.71
C PHE B 211 -1.73 26.31 8.88
N VAL B 212 -2.65 26.62 7.97
CA VAL B 212 -3.33 27.89 8.01
C VAL B 212 -4.84 27.69 8.10
N ILE B 213 -5.41 28.25 9.16
CA ILE B 213 -6.85 28.30 9.36
C ILE B 213 -7.38 29.62 8.84
N THR B 214 -8.37 29.58 7.96
CA THR B 214 -8.98 30.81 7.46
C THR B 214 -10.39 30.85 7.99
N LEU B 215 -10.73 31.93 8.69
CA LEU B 215 -12.04 32.12 9.32
C LEU B 215 -12.73 33.36 8.78
N PRO B 216 -14.06 33.30 8.68
CA PRO B 216 -14.84 34.48 8.28
C PRO B 216 -14.61 35.67 9.20
N ALA B 217 -14.56 36.87 8.64
CA ALA B 217 -14.43 38.08 9.43
C ALA B 217 -15.18 39.25 8.79
N GLY C 1 -1.34 3.28 -13.21
CA GLY C 1 -2.24 2.49 -12.39
C GLY C 1 -3.53 2.14 -13.11
N ALA C 2 -4.60 2.01 -12.34
CA ALA C 2 -5.90 1.62 -12.89
C ALA C 2 -6.43 2.62 -13.92
N MET C 3 -6.36 3.91 -13.61
CA MET C 3 -6.92 4.91 -14.52
C MET C 3 -6.15 4.94 -15.83
N ALA C 4 -4.83 4.89 -15.75
CA ALA C 4 -3.99 4.88 -16.95
C ALA C 4 -4.30 3.70 -17.85
N ASP C 5 -4.44 2.51 -17.25
CA ASP C 5 -4.71 1.31 -18.05
C ASP C 5 -6.04 1.42 -18.77
N ILE C 6 -7.05 1.92 -18.08
CA ILE C 6 -8.37 2.06 -18.69
C ILE C 6 -8.35 3.10 -19.79
N ALA C 7 -7.72 4.24 -19.51
CA ALA C 7 -7.62 5.31 -20.49
C ALA C 7 -6.90 4.85 -21.76
N HIS C 8 -5.79 4.14 -21.59
CA HIS C 8 -5.06 3.65 -22.75
C HIS C 8 -5.89 2.63 -23.56
N GLU C 9 -6.69 1.81 -22.88
CA GLU C 9 -7.51 0.83 -23.58
C GLU C 9 -8.59 1.51 -24.42
N ILE C 10 -9.32 2.44 -23.80
CA ILE C 10 -10.48 3.03 -24.47
C ILE C 10 -10.10 4.14 -25.44
N ARG C 11 -8.89 4.68 -25.33
CA ARG C 11 -8.47 5.67 -26.32
C ARG C 11 -8.49 5.11 -27.74
N THR C 12 -8.22 3.82 -27.87
CA THR C 12 -8.13 3.23 -29.21
C THR C 12 -9.49 3.19 -29.94
N PRO C 13 -10.54 2.61 -29.32
CA PRO C 13 -11.81 2.67 -30.07
C PRO C 13 -12.37 4.08 -30.25
N ILE C 14 -12.14 4.95 -29.28
CA ILE C 14 -12.62 6.32 -29.42
C ILE C 14 -11.92 7.02 -30.58
N THR C 15 -10.60 6.87 -30.67
CA THR C 15 -9.85 7.50 -31.75
C THR C 15 -10.21 6.88 -33.10
N ASN C 16 -10.44 5.58 -33.12
CA ASN C 16 -10.88 4.92 -34.35
C ASN C 16 -12.21 5.48 -34.85
N LEU C 17 -13.16 5.62 -33.93
CA LEU C 17 -14.46 6.20 -34.26
C LEU C 17 -14.32 7.62 -34.77
N ILE C 18 -13.47 8.41 -34.13
CA ILE C 18 -13.29 9.80 -34.57
C ILE C 18 -12.66 9.83 -35.97
N THR C 19 -11.60 9.04 -36.15
CA THR C 19 -10.88 8.99 -37.42
C THR C 19 -11.81 8.60 -38.56
N GLN C 20 -12.60 7.56 -38.36
CA GLN C 20 -13.46 7.09 -39.45
C GLN C 20 -14.65 8.03 -39.68
N THR C 21 -15.11 8.73 -38.63
CA THR C 21 -16.20 9.69 -38.80
C THR C 21 -15.71 10.95 -39.52
N GLU C 22 -14.51 11.41 -39.15
CA GLU C 22 -13.90 12.57 -39.82
C GLU C 22 -13.68 12.29 -41.30
N ILE C 23 -13.11 11.12 -41.60
CA ILE C 23 -12.87 10.76 -43.00
C ILE C 23 -14.19 10.71 -43.74
N ALA C 24 -15.21 10.12 -43.11
CA ALA C 24 -16.54 10.04 -43.72
C ALA C 24 -17.03 11.43 -44.13
N LEU C 25 -16.88 12.40 -43.23
CA LEU C 25 -17.42 13.74 -43.42
C LEU C 25 -16.50 14.65 -44.23
N SER C 26 -15.33 14.14 -44.62
CA SER C 26 -14.33 14.95 -45.32
C SER C 26 -14.61 15.12 -46.80
N GLN C 27 -15.47 14.26 -47.33
CA GLN C 27 -15.88 14.30 -48.73
C GLN C 27 -17.40 14.19 -48.81
N SER C 28 -17.95 14.44 -49.99
CA SER C 28 -19.37 14.21 -50.19
C SER C 28 -19.57 12.72 -50.43
N ARG C 29 -20.47 12.11 -49.66
CA ARG C 29 -20.70 10.67 -49.73
C ARG C 29 -22.11 10.35 -50.19
N SER C 30 -22.28 9.18 -50.79
CA SER C 30 -23.61 8.69 -51.12
C SER C 30 -24.31 8.25 -49.86
N GLN C 31 -25.64 8.21 -49.92
CA GLN C 31 -26.44 7.71 -48.82
C GLN C 31 -25.96 6.35 -48.37
N LYS C 32 -25.67 5.48 -49.33
CA LYS C 32 -25.20 4.13 -49.03
C LYS C 32 -23.86 4.15 -48.31
N GLU C 33 -22.95 4.99 -48.78
CA GLU C 33 -21.64 5.13 -48.15
C GLU C 33 -21.76 5.58 -46.70
N LEU C 34 -22.65 6.54 -46.46
CA LEU C 34 -22.85 7.04 -45.10
C LEU C 34 -23.47 5.98 -44.21
N GLU C 35 -24.32 5.15 -44.79
CA GLU C 35 -24.91 4.05 -44.03
C GLU C 35 -23.82 3.06 -43.62
N ASP C 36 -22.91 2.75 -44.53
CA ASP C 36 -21.86 1.78 -44.25
C ASP C 36 -20.93 2.29 -43.15
N VAL C 37 -20.66 3.59 -43.16
CA VAL C 37 -19.89 4.23 -42.07
C VAL C 37 -20.59 4.05 -40.72
N LEU C 38 -21.87 4.36 -40.68
CA LEU C 38 -22.64 4.22 -39.44
C LEU C 38 -22.69 2.76 -38.98
N TYR C 39 -22.89 1.84 -39.92
CA TYR C 39 -22.86 0.42 -39.60
C TYR C 39 -21.51 0.00 -39.04
N SER C 40 -20.44 0.55 -39.60
CA SER C 40 -19.08 0.29 -39.13
C SER C 40 -18.88 0.85 -37.73
N ASN C 41 -19.41 2.03 -37.48
CA ASN C 41 -19.34 2.65 -36.16
C ASN C 41 -19.92 1.72 -35.09
N LEU C 42 -21.04 1.08 -35.42
CA LEU C 42 -21.73 0.23 -34.46
C LEU C 42 -20.91 -0.96 -33.99
N GLU C 43 -20.04 -1.47 -34.86
CA GLU C 43 -19.21 -2.62 -34.51
C GLU C 43 -18.29 -2.26 -33.35
N GLU C 44 -17.65 -1.11 -33.48
CA GLU C 44 -16.78 -0.58 -32.45
C GLU C 44 -17.56 -0.27 -31.18
N LEU C 45 -18.72 0.35 -31.35
CA LEU C 45 -19.54 0.74 -30.20
C LEU C 45 -20.06 -0.46 -29.45
N THR C 46 -20.41 -1.53 -30.17
CA THR C 46 -20.88 -2.77 -29.54
C THR C 46 -19.79 -3.37 -28.67
N ARG C 47 -18.56 -3.33 -29.18
CA ARG C 47 -17.41 -3.80 -28.40
C ARG C 47 -17.21 -2.95 -27.15
N MET C 48 -17.35 -1.64 -27.28
CA MET C 48 -17.21 -0.76 -26.13
C MET C 48 -18.27 -1.06 -25.07
N ALA C 49 -19.51 -1.32 -25.51
CA ALA C 49 -20.57 -1.66 -24.56
C ALA C 49 -20.26 -2.96 -23.81
N LYS C 50 -19.69 -3.94 -24.51
CA LYS C 50 -19.30 -5.18 -23.83
C LYS C 50 -18.14 -4.94 -22.88
N MET C 51 -17.25 -4.03 -23.25
CA MET C 51 -16.15 -3.67 -22.38
C MET C 51 -16.69 -3.13 -21.06
N VAL C 52 -17.68 -2.25 -21.14
CA VAL C 52 -18.34 -1.70 -19.96
C VAL C 52 -18.97 -2.80 -19.11
N SER C 53 -19.63 -3.74 -19.77
CA SER C 53 -20.27 -4.85 -19.08
C SER C 53 -19.25 -5.67 -18.30
N ASP C 54 -18.14 -5.98 -18.96
CA ASP C 54 -17.04 -6.70 -18.31
C ASP C 54 -16.44 -5.91 -17.15
N MET C 55 -16.31 -4.60 -17.30
CA MET C 55 -15.74 -3.76 -16.23
C MET C 55 -16.64 -3.78 -15.02
N LEU C 56 -17.95 -3.73 -15.22
CA LEU C 56 -18.86 -3.75 -14.09
C LEU C 56 -18.85 -5.12 -13.43
N PHE C 57 -18.66 -6.18 -14.21
CA PHE C 57 -18.54 -7.51 -13.62
C PHE C 57 -17.29 -7.58 -12.75
N LEU C 58 -16.18 -7.10 -13.28
CA LEU C 58 -14.93 -7.03 -12.52
C LEU C 58 -15.05 -6.12 -11.30
N ALA C 59 -15.76 -4.99 -11.45
CA ALA C 59 -16.00 -4.13 -10.30
C ALA C 59 -16.71 -4.90 -9.19
N GLN C 60 -17.69 -5.71 -9.57
CA GLN C 60 -18.37 -6.61 -8.63
C GLN C 60 -17.44 -7.72 -8.16
N ALA C 61 -16.44 -8.05 -8.98
CA ALA C 61 -15.44 -9.06 -8.65
C ALA C 61 -14.47 -8.50 -7.62
N ASP C 62 -14.07 -7.25 -7.82
CA ASP C 62 -13.49 -6.45 -6.75
C ASP C 62 -14.60 -6.26 -5.73
N ASN C 63 -14.29 -5.67 -4.58
CA ASN C 63 -15.31 -5.44 -3.55
C ASN C 63 -15.84 -6.78 -3.00
N ASN C 64 -15.36 -7.88 -3.58
CA ASN C 64 -15.78 -9.24 -3.25
C ASN C 64 -17.30 -9.41 -3.20
N GLN C 65 -17.92 -9.42 -4.37
CA GLN C 65 -19.34 -9.76 -4.47
C GLN C 65 -19.46 -11.09 -5.19
N LEU C 66 -18.30 -11.72 -5.42
CA LEU C 66 -18.22 -13.06 -5.97
C LEU C 66 -18.10 -14.12 -4.88
N ILE C 67 -19.22 -14.73 -4.51
CA ILE C 67 -19.16 -15.89 -3.63
C ILE C 67 -19.80 -17.06 -4.36
N PRO C 68 -18.97 -17.98 -4.87
CA PRO C 68 -19.43 -19.13 -5.66
C PRO C 68 -20.44 -20.00 -4.91
N GLU C 69 -21.57 -20.25 -5.55
CA GLU C 69 -22.52 -21.23 -5.04
C GLU C 69 -22.10 -22.58 -5.60
N LYS C 70 -21.18 -23.23 -4.89
CA LYS C 70 -20.57 -24.45 -5.37
C LYS C 70 -21.51 -25.64 -5.30
N LYS C 71 -21.63 -26.32 -6.43
CA LYS C 71 -22.39 -27.55 -6.54
C LYS C 71 -21.48 -28.62 -7.11
N MET C 72 -21.80 -29.89 -6.89
CA MET C 72 -21.03 -30.95 -7.53
C MET C 72 -21.40 -31.00 -9.01
N LEU C 73 -20.49 -30.56 -9.86
CA LEU C 73 -20.78 -30.38 -11.28
C LEU C 73 -20.27 -31.53 -12.14
N ASN C 74 -20.94 -31.74 -13.27
CA ASN C 74 -20.40 -32.58 -14.33
C ASN C 74 -19.82 -31.67 -15.40
N LEU C 75 -18.51 -31.42 -15.33
CA LEU C 75 -17.88 -30.41 -16.17
C LEU C 75 -17.99 -30.73 -17.65
N ALA C 76 -18.07 -32.01 -17.99
CA ALA C 76 -18.36 -32.41 -19.36
C ALA C 76 -19.63 -31.71 -19.86
N ASP C 77 -20.64 -31.66 -18.99
CA ASP C 77 -21.92 -31.01 -19.33
C ASP C 77 -21.79 -29.50 -19.41
N GLU C 78 -21.00 -28.90 -18.52
CA GLU C 78 -20.85 -27.45 -18.50
C GLU C 78 -20.05 -26.97 -19.70
N VAL C 79 -19.00 -27.70 -20.05
CA VAL C 79 -18.22 -27.35 -21.22
C VAL C 79 -19.08 -27.52 -22.47
N GLY C 80 -19.91 -28.57 -22.47
CA GLY C 80 -20.86 -28.78 -23.54
C GLY C 80 -21.77 -27.59 -23.77
N LYS C 81 -22.27 -27.01 -22.68
CA LYS C 81 -23.12 -25.82 -22.77
C LYS C 81 -22.35 -24.68 -23.42
N VAL C 82 -21.10 -24.47 -23.00
CA VAL C 82 -20.31 -23.36 -23.53
C VAL C 82 -19.96 -23.62 -24.99
N PHE C 83 -19.66 -24.88 -25.33
CA PHE C 83 -19.46 -25.25 -26.73
C PHE C 83 -20.68 -24.89 -27.60
N ASP C 84 -21.88 -25.09 -27.08
CA ASP C 84 -23.09 -24.73 -27.82
C ASP C 84 -23.19 -23.22 -28.04
N PHE C 85 -22.77 -22.42 -27.06
CA PHE C 85 -22.75 -20.96 -27.21
C PHE C 85 -21.90 -20.53 -28.42
N PHE C 86 -20.76 -21.20 -28.59
CA PHE C 86 -19.74 -20.77 -29.54
C PHE C 86 -19.82 -21.46 -30.90
N GLU C 87 -20.85 -22.28 -31.10
CA GLU C 87 -20.99 -23.05 -32.34
C GLU C 87 -20.79 -22.22 -33.62
N ALA C 88 -21.56 -21.14 -33.75
CA ALA C 88 -21.56 -20.32 -34.95
C ALA C 88 -20.27 -19.54 -35.11
N LEU C 89 -19.67 -19.17 -33.99
CA LEU C 89 -18.41 -18.43 -34.03
C LEU C 89 -17.29 -19.37 -34.45
N ALA C 90 -17.24 -20.56 -33.86
CA ALA C 90 -16.26 -21.57 -34.26
C ALA C 90 -16.37 -21.91 -35.75
N GLU C 91 -17.59 -21.98 -36.25
CA GLU C 91 -17.79 -22.32 -37.66
C GLU C 91 -17.25 -21.22 -38.57
N ASP C 92 -17.53 -19.97 -38.20
CA ASP C 92 -17.00 -18.79 -38.86
C ASP C 92 -15.48 -18.79 -39.01
N ARG C 93 -14.80 -19.40 -38.06
CA ARG C 93 -13.35 -19.39 -38.02
C ARG C 93 -12.73 -20.73 -38.45
N GLY C 94 -13.58 -21.68 -38.82
CA GLY C 94 -13.11 -23.00 -39.24
C GLY C 94 -12.42 -23.78 -38.13
N VAL C 95 -12.92 -23.64 -36.90
CA VAL C 95 -12.26 -24.21 -35.73
C VAL C 95 -13.10 -25.28 -35.03
N GLU C 96 -12.47 -26.42 -34.75
CA GLU C 96 -13.10 -27.52 -34.02
C GLU C 96 -13.02 -27.27 -32.53
N LEU C 97 -14.11 -27.60 -31.83
CA LEU C 97 -14.12 -27.56 -30.38
C LEU C 97 -14.17 -28.99 -29.87
N ARG C 98 -13.16 -29.38 -29.10
CA ARG C 98 -13.02 -30.75 -28.65
C ARG C 98 -12.90 -30.87 -27.12
N PHE C 99 -13.72 -31.74 -26.53
CA PHE C 99 -13.62 -32.02 -25.11
C PHE C 99 -12.98 -33.37 -24.86
N VAL C 100 -12.04 -33.39 -23.92
CA VAL C 100 -11.32 -34.60 -23.56
C VAL C 100 -11.46 -34.85 -22.08
N GLY C 101 -12.25 -35.84 -21.71
CA GLY C 101 -12.42 -36.15 -20.31
C GLY C 101 -13.37 -37.30 -20.14
N ASP C 102 -13.43 -37.84 -18.93
CA ASP C 102 -14.34 -38.94 -18.66
C ASP C 102 -14.84 -38.87 -17.23
N LYS C 103 -16.15 -38.69 -17.08
CA LYS C 103 -16.80 -38.63 -15.77
C LYS C 103 -16.15 -37.55 -14.91
N CYS C 104 -15.85 -36.41 -15.52
CA CYS C 104 -15.11 -35.36 -14.84
C CYS C 104 -16.01 -34.55 -13.92
N GLN C 105 -15.83 -34.77 -12.62
CA GLN C 105 -16.67 -34.13 -11.61
C GLN C 105 -15.87 -33.12 -10.79
N VAL C 106 -16.49 -32.00 -10.44
CA VAL C 106 -15.83 -30.98 -9.64
C VAL C 106 -16.84 -30.07 -8.96
N ALA C 107 -16.52 -29.68 -7.73
CA ALA C 107 -17.33 -28.71 -7.00
C ALA C 107 -17.02 -27.31 -7.50
N GLY C 108 -18.07 -26.59 -7.89
CA GLY C 108 -17.89 -25.24 -8.38
C GLY C 108 -19.22 -24.57 -8.65
N ASP C 109 -19.14 -23.28 -8.93
CA ASP C 109 -20.31 -22.51 -9.32
C ASP C 109 -20.42 -22.55 -10.85
N PRO C 110 -21.49 -23.18 -11.36
CA PRO C 110 -21.57 -23.43 -12.80
C PRO C 110 -21.72 -22.16 -13.64
N LEU C 111 -22.45 -21.18 -13.14
CA LEU C 111 -22.62 -19.92 -13.86
C LEU C 111 -21.29 -19.19 -14.01
N MET C 112 -20.54 -19.12 -12.91
CA MET C 112 -19.24 -18.48 -12.93
C MET C 112 -18.24 -19.23 -13.79
N LEU C 113 -18.21 -20.55 -13.64
CA LEU C 113 -17.25 -21.36 -14.38
C LEU C 113 -17.52 -21.34 -15.89
N ARG C 114 -18.79 -21.27 -16.29
CA ARG C 114 -19.10 -21.14 -17.70
C ARG C 114 -18.59 -19.80 -18.25
N ARG C 115 -18.66 -18.75 -17.43
CA ARG C 115 -18.15 -17.44 -17.85
C ARG C 115 -16.63 -17.50 -18.03
N ALA C 116 -15.96 -18.21 -17.12
CA ALA C 116 -14.51 -18.39 -17.21
C ALA C 116 -14.15 -19.15 -18.48
N LEU C 117 -14.87 -20.25 -18.73
CA LEU C 117 -14.61 -21.06 -19.92
C LEU C 117 -14.91 -20.27 -21.19
N SER C 118 -16.01 -19.52 -21.18
CA SER C 118 -16.35 -18.69 -22.33
C SER C 118 -15.22 -17.72 -22.66
N ASN C 119 -14.69 -17.04 -21.65
CA ASN C 119 -13.61 -16.10 -21.89
C ASN C 119 -12.34 -16.80 -22.42
N LEU C 120 -12.06 -18.02 -21.96
CA LEU C 120 -10.91 -18.75 -22.49
C LEU C 120 -11.16 -19.19 -23.94
N LEU C 121 -12.39 -19.55 -24.26
CA LEU C 121 -12.72 -19.86 -25.66
C LEU C 121 -12.65 -18.63 -26.57
N SER C 122 -13.16 -17.50 -26.12
CA SER C 122 -13.10 -16.27 -26.92
C SER C 122 -11.64 -15.92 -27.18
N ASN C 123 -10.81 -16.04 -26.15
CA ASN C 123 -9.38 -15.78 -26.28
C ASN C 123 -8.71 -16.71 -27.30
N ALA C 124 -8.97 -18.02 -27.16
CA ALA C 124 -8.37 -19.01 -28.03
C ALA C 124 -8.79 -18.78 -29.48
N LEU C 125 -10.03 -18.35 -29.67
CA LEU C 125 -10.53 -18.17 -31.04
C LEU C 125 -9.85 -16.99 -31.75
N ARG C 126 -9.26 -16.08 -30.99
CA ARG C 126 -8.45 -15.01 -31.56
C ARG C 126 -7.26 -15.55 -32.36
N TYR C 127 -6.74 -16.70 -31.93
CA TYR C 127 -5.43 -17.16 -32.37
C TYR C 127 -5.41 -18.52 -33.05
N THR C 128 -6.53 -19.25 -32.99
CA THR C 128 -6.56 -20.59 -33.56
C THR C 128 -6.83 -20.54 -35.06
N PRO C 129 -5.88 -21.03 -35.88
CA PRO C 129 -6.07 -21.01 -37.33
C PRO C 129 -7.16 -21.97 -37.77
N PRO C 130 -7.78 -21.71 -38.93
CA PRO C 130 -8.80 -22.63 -39.45
C PRO C 130 -8.25 -24.04 -39.64
N SER C 131 -9.13 -25.03 -39.47
CA SER C 131 -8.81 -26.46 -39.56
C SER C 131 -7.99 -26.97 -38.38
N GLU C 132 -7.89 -26.16 -37.33
CA GLU C 132 -7.26 -26.60 -36.09
C GLU C 132 -8.33 -26.75 -35.01
N ALA C 133 -7.93 -27.25 -33.85
CA ALA C 133 -8.88 -27.49 -32.76
C ALA C 133 -8.48 -26.79 -31.45
N ILE C 134 -9.48 -26.25 -30.76
CA ILE C 134 -9.38 -25.87 -29.36
C ILE C 134 -9.76 -27.07 -28.52
N VAL C 135 -8.85 -27.52 -27.65
CA VAL C 135 -9.10 -28.66 -26.79
C VAL C 135 -9.32 -28.22 -25.35
N VAL C 136 -10.43 -28.68 -24.77
CA VAL C 136 -10.68 -28.52 -23.36
C VAL C 136 -10.49 -29.88 -22.70
N ARG C 137 -9.53 -29.98 -21.79
CA ARG C 137 -9.15 -31.26 -21.22
C ARG C 137 -9.41 -31.25 -19.72
N CYS C 138 -9.98 -32.34 -19.21
CA CYS C 138 -10.35 -32.37 -17.80
C CYS C 138 -9.95 -33.70 -17.18
N GLN C 139 -9.29 -33.63 -16.03
CA GLN C 139 -8.79 -34.82 -15.35
C GLN C 139 -8.41 -34.51 -13.92
N THR C 140 -8.32 -35.57 -13.12
CA THR C 140 -7.90 -35.45 -11.72
C THR C 140 -6.44 -35.84 -11.57
N VAL C 141 -5.67 -34.97 -10.92
CA VAL C 141 -4.25 -35.20 -10.72
C VAL C 141 -3.92 -34.99 -9.25
N ASN C 142 -3.35 -36.01 -8.62
CA ASN C 142 -3.03 -35.99 -7.19
C ASN C 142 -4.23 -35.48 -6.39
N HIS C 143 -5.40 -36.02 -6.70
CA HIS C 143 -6.64 -35.78 -5.97
C HIS C 143 -7.17 -34.36 -6.16
N GLN C 144 -6.73 -33.69 -7.22
CA GLN C 144 -7.28 -32.37 -7.57
C GLN C 144 -7.61 -32.30 -9.06
N VAL C 145 -8.68 -31.58 -9.39
CA VAL C 145 -9.14 -31.49 -10.77
C VAL C 145 -8.39 -30.43 -11.56
N GLN C 146 -7.89 -30.81 -12.73
CA GLN C 146 -7.27 -29.85 -13.65
C GLN C 146 -8.11 -29.71 -14.93
N VAL C 147 -8.43 -28.47 -15.27
CA VAL C 147 -9.14 -28.19 -16.51
C VAL C 147 -8.26 -27.30 -17.37
N SER C 148 -7.90 -27.77 -18.56
CA SER C 148 -7.03 -27.00 -19.43
C SER C 148 -7.71 -26.65 -20.74
N VAL C 149 -7.39 -25.46 -21.24
CA VAL C 149 -7.87 -25.02 -22.54
C VAL C 149 -6.65 -24.78 -23.40
N GLU C 150 -6.60 -25.48 -24.53
CA GLU C 150 -5.40 -25.61 -25.34
C GLU C 150 -5.69 -25.15 -26.76
N ASN C 151 -4.84 -24.30 -27.32
CA ASN C 151 -4.97 -23.95 -28.74
C ASN C 151 -3.64 -23.84 -29.43
N PRO C 152 -3.60 -24.22 -30.71
CA PRO C 152 -2.45 -23.92 -31.56
C PRO C 152 -2.45 -22.43 -31.89
N GLY C 153 -1.29 -21.88 -32.19
CA GLY C 153 -1.22 -20.48 -32.58
C GLY C 153 0.16 -19.93 -32.30
N THR C 154 0.34 -18.65 -32.58
CA THR C 154 1.63 -18.00 -32.37
C THR C 154 2.03 -18.10 -30.90
N PRO C 155 3.28 -18.51 -30.66
CA PRO C 155 3.75 -18.52 -29.27
C PRO C 155 3.67 -17.13 -28.64
N ILE C 156 3.46 -17.12 -27.34
CA ILE C 156 3.55 -15.89 -26.55
C ILE C 156 4.88 -15.89 -25.81
N ALA C 157 5.64 -14.81 -25.97
CA ALA C 157 6.99 -14.72 -25.40
C ALA C 157 6.93 -14.81 -23.88
N PRO C 158 7.94 -15.48 -23.27
CA PRO C 158 7.95 -15.73 -21.82
C PRO C 158 7.65 -14.49 -20.96
N GLU C 159 8.09 -13.33 -21.41
CA GLU C 159 7.97 -12.11 -20.61
C GLU C 159 6.53 -11.65 -20.44
N HIS C 160 5.65 -12.13 -21.31
CA HIS C 160 4.25 -11.76 -21.22
C HIS C 160 3.47 -12.64 -20.25
N LEU C 161 3.92 -13.87 -20.10
CA LEU C 161 3.15 -14.89 -19.39
C LEU C 161 2.81 -14.55 -17.94
N PRO C 162 3.75 -13.96 -17.16
CA PRO C 162 3.34 -13.58 -15.81
C PRO C 162 2.31 -12.46 -15.77
N ARG C 163 2.18 -11.74 -16.88
CA ARG C 163 1.30 -10.57 -16.92
C ARG C 163 -0.04 -10.81 -17.62
N LEU C 164 -0.21 -11.99 -18.22
CA LEU C 164 -1.34 -12.24 -19.13
C LEU C 164 -2.72 -12.04 -18.49
N PHE C 165 -2.85 -12.31 -17.20
CA PHE C 165 -4.13 -12.17 -16.53
C PHE C 165 -4.34 -10.76 -15.96
N ASP C 166 -3.35 -9.90 -16.13
CA ASP C 166 -3.49 -8.52 -15.66
C ASP C 166 -4.57 -7.78 -16.46
N ARG C 167 -5.34 -6.96 -15.76
CA ARG C 167 -6.37 -6.15 -16.39
C ARG C 167 -5.77 -5.29 -17.49
N PHE C 168 -6.32 -5.46 -18.68
CA PHE C 168 -5.99 -4.67 -19.86
C PHE C 168 -4.57 -4.89 -20.39
N TYR C 169 -3.88 -5.93 -19.93
CA TYR C 169 -2.57 -6.24 -20.49
C TYR C 169 -2.71 -6.82 -21.88
N ARG C 170 -2.04 -6.21 -22.85
CA ARG C 170 -2.08 -6.70 -24.21
C ARG C 170 -0.66 -6.96 -24.72
N VAL C 171 -0.46 -8.14 -25.29
CA VAL C 171 0.86 -8.54 -25.78
C VAL C 171 1.35 -7.58 -26.86
N ALA C 172 0.44 -7.19 -27.74
CA ALA C 172 0.75 -6.25 -28.81
C ALA C 172 -0.36 -5.23 -28.94
N PRO C 173 -0.06 -4.06 -29.55
CA PRO C 173 -1.17 -3.16 -29.89
C PRO C 173 -2.10 -3.86 -30.88
N SER C 174 -3.11 -4.53 -30.33
CA SER C 174 -3.89 -5.50 -31.10
C SER C 174 -4.63 -4.90 -32.28
N ARG C 175 -5.07 -5.77 -33.18
CA ARG C 175 -5.68 -5.37 -34.45
C ARG C 175 -6.95 -4.53 -34.26
N GLN C 176 -7.24 -3.70 -35.25
CA GLN C 176 -8.52 -2.98 -35.31
C GLN C 176 -9.67 -3.98 -35.47
N ARG C 177 -9.29 -5.21 -35.78
CA ARG C 177 -10.19 -6.35 -35.96
C ARG C 177 -11.26 -6.49 -34.86
N LYS C 178 -12.35 -7.15 -35.21
CA LYS C 178 -13.35 -7.55 -34.23
C LYS C 178 -12.82 -8.76 -33.46
N GLY C 179 -13.31 -8.97 -32.25
CA GLY C 179 -12.94 -10.16 -31.50
C GLY C 179 -11.73 -9.98 -30.61
N GLU C 180 -11.15 -8.78 -30.62
CA GLU C 180 -9.96 -8.49 -29.80
C GLU C 180 -10.31 -8.38 -28.32
N GLY C 181 -11.60 -8.52 -28.00
CA GLY C 181 -12.03 -8.62 -26.62
C GLY C 181 -12.11 -7.31 -25.88
N SER C 182 -12.61 -7.39 -24.64
CA SER C 182 -12.76 -6.23 -23.78
C SER C 182 -11.43 -5.77 -23.23
N GLY C 183 -10.49 -6.69 -23.18
CA GLY C 183 -9.20 -6.41 -22.57
C GLY C 183 -9.10 -6.90 -21.14
N ILE C 184 -10.21 -7.33 -20.57
CA ILE C 184 -10.20 -7.92 -19.22
C ILE C 184 -10.80 -9.32 -19.17
N GLY C 185 -10.88 -9.99 -20.31
CA GLY C 185 -11.34 -11.37 -20.34
C GLY C 185 -10.52 -12.30 -19.47
N LEU C 186 -9.19 -12.21 -19.54
CA LEU C 186 -8.34 -13.11 -18.77
C LEU C 186 -8.30 -12.71 -17.28
N ALA C 187 -8.42 -11.42 -16.99
CA ALA C 187 -8.57 -10.98 -15.59
C ALA C 187 -9.84 -11.55 -14.95
N ILE C 188 -10.91 -11.64 -15.73
CA ILE C 188 -12.17 -12.20 -15.25
C ILE C 188 -12.01 -13.72 -14.99
N VAL C 189 -11.31 -14.41 -15.88
CA VAL C 189 -11.02 -15.82 -15.66
C VAL C 189 -10.31 -16.05 -14.33
N LYS C 190 -9.25 -15.28 -14.11
CA LYS C 190 -8.49 -15.42 -12.88
C LYS C 190 -9.32 -15.10 -11.64
N SER C 191 -10.07 -13.99 -11.71
CA SER C 191 -10.95 -13.60 -10.61
C SER C 191 -11.92 -14.73 -10.23
N ILE C 192 -12.54 -15.36 -11.23
CA ILE C 192 -13.44 -16.48 -10.97
C ILE C 192 -12.73 -17.69 -10.35
N VAL C 193 -11.54 -18.02 -10.88
CA VAL C 193 -10.80 -19.18 -10.40
C VAL C 193 -10.32 -18.98 -8.96
N VAL C 194 -9.79 -17.79 -8.69
CA VAL C 194 -9.39 -17.42 -7.34
C VAL C 194 -10.57 -17.47 -6.36
N ALA C 195 -11.74 -17.06 -6.82
CA ALA C 195 -12.96 -17.12 -5.99
C ALA C 195 -13.28 -18.56 -5.59
N HIS C 196 -12.90 -19.51 -6.46
CA HIS C 196 -13.07 -20.92 -6.17
C HIS C 196 -11.90 -21.49 -5.37
N LYS C 197 -11.00 -20.62 -4.90
CA LYS C 197 -9.80 -21.02 -4.18
C LYS C 197 -8.90 -21.90 -5.07
N GLY C 198 -8.96 -21.66 -6.37
CA GLY C 198 -8.11 -22.37 -7.31
C GLY C 198 -7.00 -21.50 -7.85
N THR C 199 -6.24 -22.03 -8.80
CA THR C 199 -5.15 -21.30 -9.43
C THR C 199 -5.24 -21.48 -10.94
N VAL C 200 -4.69 -20.52 -11.65
CA VAL C 200 -4.61 -20.64 -13.10
C VAL C 200 -3.18 -20.32 -13.53
N ALA C 201 -2.72 -21.03 -14.55
CA ALA C 201 -1.36 -20.87 -15.06
C ALA C 201 -1.44 -20.93 -16.57
N VAL C 202 -0.48 -20.31 -17.25
CA VAL C 202 -0.44 -20.35 -18.69
C VAL C 202 0.95 -20.75 -19.17
N THR C 203 1.00 -21.64 -20.15
CA THR C 203 2.24 -21.97 -20.82
C THR C 203 2.06 -21.74 -22.30
N SER C 204 3.16 -21.47 -22.99
CA SER C 204 3.10 -21.28 -24.43
C SER C 204 4.38 -21.81 -25.03
N ASP C 205 4.25 -22.67 -26.04
CA ASP C 205 5.42 -23.21 -26.74
C ASP C 205 5.06 -23.48 -28.19
N ALA C 206 5.86 -24.32 -28.85
CA ALA C 206 5.63 -24.64 -30.26
C ALA C 206 4.27 -25.30 -30.51
N ARG C 207 3.79 -26.08 -29.54
CA ARG C 207 2.48 -26.74 -29.69
C ARG C 207 1.34 -25.75 -29.57
N GLY C 208 1.60 -24.61 -28.96
CA GLY C 208 0.58 -23.59 -28.78
C GLY C 208 0.47 -23.11 -27.36
N THR C 209 -0.69 -22.56 -27.00
CA THR C 209 -0.90 -21.99 -25.68
C THR C 209 -1.82 -22.87 -24.86
N ARG C 210 -1.51 -23.01 -23.57
CA ARG C 210 -2.34 -23.79 -22.68
C ARG C 210 -2.60 -23.05 -21.37
N PHE C 211 -3.88 -22.86 -21.06
CA PHE C 211 -4.30 -22.34 -19.76
C PHE C 211 -4.75 -23.50 -18.89
N VAL C 212 -4.16 -23.63 -17.70
CA VAL C 212 -4.52 -24.73 -16.80
C VAL C 212 -5.13 -24.22 -15.51
N ILE C 213 -6.35 -24.67 -15.24
CA ILE C 213 -7.05 -24.32 -14.02
C ILE C 213 -7.01 -25.49 -13.05
N THR C 214 -6.50 -25.27 -11.85
CA THR C 214 -6.47 -26.33 -10.85
C THR C 214 -7.44 -25.95 -9.75
N LEU C 215 -8.43 -26.82 -9.54
CA LEU C 215 -9.51 -26.54 -8.61
C LEU C 215 -9.39 -27.42 -7.38
N PRO C 216 -9.68 -26.84 -6.20
CA PRO C 216 -9.41 -27.48 -4.92
C PRO C 216 -10.20 -28.76 -4.72
N ALA C 217 -9.52 -29.76 -4.16
CA ALA C 217 -10.11 -31.03 -3.80
C ALA C 217 -9.09 -31.78 -2.95
N GLY D 1 -13.91 2.03 -7.09
CA GLY D 1 -12.58 2.26 -7.62
C GLY D 1 -12.61 2.96 -8.95
N ALA D 2 -11.44 3.12 -9.57
CA ALA D 2 -11.37 3.73 -10.89
C ALA D 2 -12.21 2.95 -11.90
N MET D 3 -12.24 1.63 -11.77
CA MET D 3 -12.95 0.79 -12.72
C MET D 3 -14.45 1.10 -12.78
N ALA D 4 -15.13 0.98 -11.64
CA ALA D 4 -16.58 1.22 -11.60
C ALA D 4 -16.94 2.64 -12.03
N ASP D 5 -16.21 3.62 -11.49
CA ASP D 5 -16.49 5.03 -11.76
C ASP D 5 -16.36 5.37 -13.24
N ILE D 6 -15.28 4.89 -13.85
CA ILE D 6 -15.06 5.17 -15.26
C ILE D 6 -16.10 4.42 -16.11
N ALA D 7 -16.43 3.18 -15.72
CA ALA D 7 -17.43 2.43 -16.47
C ALA D 7 -18.77 3.16 -16.46
N HIS D 8 -19.18 3.64 -15.29
CA HIS D 8 -20.45 4.35 -15.19
C HIS D 8 -20.44 5.67 -15.97
N GLU D 9 -19.27 6.30 -16.03
CA GLU D 9 -19.12 7.54 -16.75
C GLU D 9 -19.29 7.35 -18.26
N ILE D 10 -18.56 6.40 -18.84
CA ILE D 10 -18.57 6.25 -20.29
C ILE D 10 -19.77 5.47 -20.79
N ARG D 11 -20.47 4.75 -19.92
CA ARG D 11 -21.69 4.04 -20.34
C ARG D 11 -22.71 4.98 -21.00
N THR D 12 -22.86 6.17 -20.45
CA THR D 12 -23.83 7.12 -20.98
C THR D 12 -23.52 7.53 -22.44
N PRO D 13 -22.32 8.06 -22.72
CA PRO D 13 -22.14 8.46 -24.13
C PRO D 13 -22.14 7.29 -25.11
N ILE D 14 -21.63 6.14 -24.71
CA ILE D 14 -21.64 4.96 -25.55
C ILE D 14 -23.06 4.58 -25.89
N THR D 15 -23.93 4.57 -24.89
CA THR D 15 -25.31 4.21 -25.09
C THR D 15 -25.99 5.22 -26.01
N ASN D 16 -25.70 6.49 -25.79
CA ASN D 16 -26.26 7.56 -26.61
C ASN D 16 -25.85 7.43 -28.08
N LEU D 17 -24.57 7.11 -28.29
CA LEU D 17 -24.04 6.95 -29.64
C LEU D 17 -24.70 5.76 -30.33
N ILE D 18 -24.80 4.65 -29.62
CA ILE D 18 -25.45 3.47 -30.19
C ILE D 18 -26.90 3.77 -30.53
N THR D 19 -27.59 4.45 -29.63
CA THR D 19 -29.02 4.72 -29.84
C THR D 19 -29.25 5.65 -31.04
N GLN D 20 -28.46 6.72 -31.15
CA GLN D 20 -28.61 7.66 -32.26
C GLN D 20 -28.30 7.00 -33.58
N THR D 21 -27.23 6.20 -33.58
CA THR D 21 -26.75 5.52 -34.77
C THR D 21 -27.77 4.49 -35.26
N GLU D 22 -28.29 3.70 -34.34
CA GLU D 22 -29.30 2.69 -34.67
C GLU D 22 -30.60 3.30 -35.19
N ILE D 23 -31.04 4.39 -34.58
CA ILE D 23 -32.26 5.06 -35.03
C ILE D 23 -32.07 5.57 -36.45
N ALA D 24 -30.90 6.14 -36.75
CA ALA D 24 -30.60 6.63 -38.08
C ALA D 24 -30.67 5.50 -39.12
N LEU D 25 -30.15 4.34 -38.76
CA LEU D 25 -30.08 3.21 -39.69
C LEU D 25 -31.37 2.40 -39.81
N SER D 26 -32.41 2.79 -39.09
CA SER D 26 -33.64 2.00 -39.06
C SER D 26 -34.38 2.00 -40.39
N GLN D 27 -34.28 3.09 -41.13
CA GLN D 27 -34.84 3.16 -42.47
C GLN D 27 -34.11 4.24 -43.27
N SER D 28 -34.41 4.31 -44.56
CA SER D 28 -33.76 5.26 -45.47
C SER D 28 -33.86 6.71 -44.99
N ARG D 29 -32.70 7.37 -44.91
CA ARG D 29 -32.59 8.78 -44.56
C ARG D 29 -31.96 9.55 -45.71
N SER D 30 -32.17 10.87 -45.75
CA SER D 30 -31.52 11.70 -46.75
C SER D 30 -30.03 11.80 -46.48
N GLN D 31 -29.28 12.25 -47.47
CA GLN D 31 -27.85 12.53 -47.30
C GLN D 31 -27.63 13.49 -46.14
N LYS D 32 -28.40 14.58 -46.13
CA LYS D 32 -28.23 15.59 -45.10
C LYS D 32 -28.49 15.00 -43.73
N GLU D 33 -29.53 14.17 -43.61
CA GLU D 33 -29.88 13.55 -42.34
C GLU D 33 -28.77 12.65 -41.82
N LEU D 34 -28.16 11.85 -42.70
CA LEU D 34 -27.08 10.95 -42.28
C LEU D 34 -25.84 11.75 -41.90
N GLU D 35 -25.53 12.79 -42.68
CA GLU D 35 -24.43 13.67 -42.34
C GLU D 35 -24.66 14.32 -40.98
N ASP D 36 -25.88 14.76 -40.70
CA ASP D 36 -26.18 15.40 -39.42
C ASP D 36 -26.01 14.44 -38.24
N VAL D 37 -26.36 13.17 -38.42
CA VAL D 37 -26.18 12.19 -37.36
C VAL D 37 -24.69 11.99 -37.10
N LEU D 38 -23.90 11.92 -38.16
CA LEU D 38 -22.46 11.73 -38.01
C LEU D 38 -21.81 12.92 -37.31
N TYR D 39 -22.27 14.13 -37.64
CA TYR D 39 -21.75 15.31 -36.94
C TYR D 39 -22.15 15.31 -35.46
N SER D 40 -23.36 14.82 -35.17
CA SER D 40 -23.80 14.70 -33.77
C SER D 40 -22.96 13.68 -33.03
N ASN D 41 -22.70 12.56 -33.67
CA ASN D 41 -21.81 11.54 -33.12
C ASN D 41 -20.44 12.14 -32.80
N LEU D 42 -19.91 12.89 -33.75
CA LEU D 42 -18.60 13.52 -33.59
C LEU D 42 -18.57 14.44 -32.39
N GLU D 43 -19.68 15.13 -32.14
CA GLU D 43 -19.74 16.05 -31.00
C GLU D 43 -19.56 15.29 -29.69
N GLU D 44 -20.22 14.14 -29.56
CA GLU D 44 -20.06 13.27 -28.41
C GLU D 44 -18.66 12.66 -28.31
N LEU D 45 -18.15 12.15 -29.42
CA LEU D 45 -16.81 11.58 -29.47
C LEU D 45 -15.75 12.60 -29.06
N THR D 46 -15.94 13.85 -29.47
CA THR D 46 -15.00 14.92 -29.13
C THR D 46 -14.98 15.12 -27.61
N ARG D 47 -16.13 14.99 -26.96
CA ARG D 47 -16.20 15.08 -25.50
C ARG D 47 -15.49 13.90 -24.85
N MET D 48 -15.62 12.70 -25.43
CA MET D 48 -14.97 11.53 -24.87
C MET D 48 -13.44 11.61 -24.99
N ALA D 49 -12.95 12.17 -26.10
CA ALA D 49 -11.52 12.37 -26.28
C ALA D 49 -10.96 13.33 -25.24
N LYS D 50 -11.73 14.36 -24.92
CA LYS D 50 -11.34 15.31 -23.90
C LYS D 50 -11.25 14.60 -22.55
N MET D 51 -12.22 13.73 -22.26
CA MET D 51 -12.19 12.96 -21.02
C MET D 51 -10.96 12.06 -20.93
N VAL D 52 -10.64 11.37 -22.02
CA VAL D 52 -9.46 10.53 -22.06
C VAL D 52 -8.18 11.36 -21.84
N SER D 53 -8.11 12.54 -22.44
CA SER D 53 -6.94 13.40 -22.24
C SER D 53 -6.82 13.78 -20.76
N ASP D 54 -7.95 14.12 -20.14
CA ASP D 54 -7.93 14.48 -18.72
C ASP D 54 -7.54 13.27 -17.89
N MET D 55 -8.05 12.09 -18.23
CA MET D 55 -7.68 10.86 -17.52
C MET D 55 -6.18 10.59 -17.58
N LEU D 56 -5.60 10.74 -18.78
CA LEU D 56 -4.16 10.53 -18.93
C LEU D 56 -3.33 11.54 -18.18
N PHE D 57 -3.83 12.79 -18.07
CA PHE D 57 -3.11 13.75 -17.27
C PHE D 57 -3.18 13.36 -15.81
N LEU D 58 -4.40 13.10 -15.33
CA LEU D 58 -4.64 12.79 -13.93
C LEU D 58 -3.91 11.52 -13.49
N ALA D 59 -3.82 10.55 -14.40
CA ALA D 59 -3.13 9.28 -14.11
C ALA D 59 -1.67 9.48 -13.68
N GLN D 60 -1.03 10.54 -14.16
CA GLN D 60 0.35 10.81 -13.75
C GLN D 60 0.47 10.96 -12.24
N ALA D 61 -0.55 11.55 -11.62
CA ALA D 61 -0.49 11.81 -10.18
C ALA D 61 -0.41 10.51 -9.37
N ASP D 62 -0.79 9.40 -9.98
CA ASP D 62 -0.68 8.11 -9.31
C ASP D 62 0.79 7.74 -9.11
N ASN D 63 1.11 7.18 -7.94
CA ASN D 63 2.49 6.87 -7.57
C ASN D 63 3.39 8.10 -7.62
N ASN D 64 2.78 9.27 -7.48
CA ASN D 64 3.51 10.54 -7.40
C ASN D 64 4.44 10.79 -8.58
N GLN D 65 3.91 10.73 -9.79
CA GLN D 65 4.72 10.98 -10.98
C GLN D 65 4.34 12.29 -11.66
N LEU D 66 3.52 13.09 -10.99
CA LEU D 66 3.24 14.44 -11.49
C LEU D 66 4.27 15.39 -10.87
N ILE D 67 5.28 15.76 -11.64
CA ILE D 67 6.39 16.54 -11.09
C ILE D 67 6.48 17.90 -11.76
N PRO D 68 6.06 18.94 -11.03
CA PRO D 68 6.07 20.29 -11.61
C PRO D 68 7.46 20.73 -12.03
N GLU D 69 7.51 21.37 -13.18
CA GLU D 69 8.71 21.92 -13.77
C GLU D 69 8.62 23.43 -13.58
N LYS D 70 9.22 23.93 -12.50
CA LYS D 70 8.88 25.25 -12.01
C LYS D 70 9.88 26.31 -12.39
N LYS D 71 9.40 27.54 -12.48
CA LYS D 71 10.25 28.71 -12.59
C LYS D 71 9.48 29.86 -12.00
N MET D 72 10.11 31.03 -11.84
CA MET D 72 9.39 32.17 -11.29
C MET D 72 8.39 32.70 -12.30
N LEU D 73 7.13 32.80 -11.90
CA LEU D 73 6.07 33.28 -12.78
C LEU D 73 5.49 34.61 -12.33
N ASN D 74 5.04 35.38 -13.31
CA ASN D 74 4.16 36.52 -13.08
C ASN D 74 2.77 35.96 -13.31
N LEU D 75 2.07 35.60 -12.24
CA LEU D 75 0.83 34.85 -12.41
C LEU D 75 -0.26 35.69 -13.07
N ALA D 76 -0.18 37.02 -12.96
CA ALA D 76 -1.11 37.88 -13.69
C ALA D 76 -1.02 37.61 -15.20
N ASP D 77 0.19 37.39 -15.69
CA ASP D 77 0.38 37.06 -17.10
C ASP D 77 -0.21 35.69 -17.44
N GLU D 78 0.04 34.70 -16.59
CA GLU D 78 -0.50 33.36 -16.86
C GLU D 78 -2.01 33.38 -16.78
N VAL D 79 -2.59 34.15 -15.87
CA VAL D 79 -4.05 34.25 -15.79
C VAL D 79 -4.59 34.89 -17.07
N GLY D 80 -3.89 35.90 -17.58
CA GLY D 80 -4.25 36.52 -18.84
C GLY D 80 -4.36 35.51 -19.98
N LYS D 81 -3.40 34.60 -20.03
CA LYS D 81 -3.41 33.55 -21.05
C LYS D 81 -4.63 32.64 -20.89
N VAL D 82 -4.99 32.33 -19.65
CA VAL D 82 -6.15 31.49 -19.41
C VAL D 82 -7.43 32.25 -19.78
N PHE D 83 -7.46 33.55 -19.51
CA PHE D 83 -8.61 34.36 -19.92
C PHE D 83 -8.81 34.31 -21.42
N ASP D 84 -7.73 34.24 -22.18
CA ASP D 84 -7.88 34.17 -23.63
C ASP D 84 -8.58 32.87 -24.05
N PHE D 85 -8.31 31.78 -23.34
CA PHE D 85 -8.98 30.49 -23.63
C PHE D 85 -10.50 30.60 -23.51
N PHE D 86 -10.96 31.42 -22.58
CA PHE D 86 -12.39 31.43 -22.21
C PHE D 86 -13.10 32.74 -22.52
N GLU D 87 -12.40 33.62 -23.20
CA GLU D 87 -12.93 34.91 -23.66
C GLU D 87 -14.26 34.76 -24.43
N ALA D 88 -14.29 33.81 -25.36
CA ALA D 88 -15.48 33.59 -26.19
C ALA D 88 -16.65 33.03 -25.37
N LEU D 89 -16.37 32.05 -24.51
CA LEU D 89 -17.42 31.49 -23.66
C LEU D 89 -17.96 32.53 -22.69
N ALA D 90 -17.05 33.28 -22.05
CA ALA D 90 -17.45 34.36 -21.17
C ALA D 90 -18.39 35.36 -21.83
N GLU D 91 -18.02 35.83 -23.02
CA GLU D 91 -18.87 36.78 -23.75
C GLU D 91 -20.23 36.15 -24.11
N ASP D 92 -20.22 34.88 -24.48
CA ASP D 92 -21.44 34.17 -24.83
C ASP D 92 -22.40 34.07 -23.63
N ARG D 93 -21.84 34.06 -22.42
CA ARG D 93 -22.64 33.95 -21.20
C ARG D 93 -22.91 35.31 -20.55
N GLY D 94 -22.37 36.37 -21.14
CA GLY D 94 -22.50 37.71 -20.58
C GLY D 94 -21.67 37.92 -19.31
N VAL D 95 -20.60 37.14 -19.17
CA VAL D 95 -19.80 37.16 -17.94
C VAL D 95 -18.47 37.87 -18.15
N GLU D 96 -18.07 38.69 -17.18
CA GLU D 96 -16.79 39.39 -17.20
C GLU D 96 -15.70 38.58 -16.51
N LEU D 97 -14.49 38.61 -17.07
CA LEU D 97 -13.33 37.98 -16.42
C LEU D 97 -12.40 39.06 -15.88
N ARG D 98 -12.14 39.03 -14.58
CA ARG D 98 -11.33 40.08 -13.95
C ARG D 98 -10.23 39.49 -13.06
N PHE D 99 -9.03 40.07 -13.15
CA PHE D 99 -7.96 39.69 -12.25
C PHE D 99 -7.67 40.80 -11.24
N VAL D 100 -7.51 40.43 -9.97
CA VAL D 100 -7.19 41.39 -8.91
C VAL D 100 -5.94 40.95 -8.16
N GLY D 101 -4.89 41.75 -8.23
CA GLY D 101 -3.66 41.51 -7.50
C GLY D 101 -2.53 42.26 -8.17
N ASP D 102 -1.32 42.15 -7.63
CA ASP D 102 -0.18 42.74 -8.32
C ASP D 102 0.32 41.77 -9.39
N LYS D 103 1.62 41.83 -9.67
CA LYS D 103 2.24 40.89 -10.59
C LYS D 103 2.03 39.44 -10.16
N CYS D 104 1.82 39.23 -8.86
CA CYS D 104 1.58 37.91 -8.30
C CYS D 104 2.73 36.95 -8.60
N GLN D 105 3.88 37.23 -8.02
CA GLN D 105 5.07 36.41 -8.22
C GLN D 105 4.99 35.09 -7.46
N VAL D 106 5.15 33.99 -8.18
CA VAL D 106 5.17 32.68 -7.52
C VAL D 106 5.98 31.69 -8.33
N ALA D 107 6.70 30.80 -7.64
CA ALA D 107 7.37 29.71 -8.31
C ALA D 107 6.35 28.66 -8.68
N GLY D 108 6.31 28.28 -9.96
CA GLY D 108 5.38 27.25 -10.35
C GLY D 108 5.59 26.79 -11.77
N ASP D 109 4.89 25.71 -12.13
CA ASP D 109 4.92 25.16 -13.47
C ASP D 109 3.78 25.83 -14.23
N PRO D 110 4.10 26.72 -15.18
CA PRO D 110 3.01 27.46 -15.83
C PRO D 110 2.11 26.59 -16.68
N LEU D 111 2.63 25.49 -17.22
CA LEU D 111 1.80 24.58 -18.01
C LEU D 111 0.73 23.96 -17.09
N MET D 112 1.16 23.48 -15.93
CA MET D 112 0.22 22.87 -15.00
C MET D 112 -0.70 23.91 -14.35
N LEU D 113 -0.15 25.06 -13.98
CA LEU D 113 -1.00 26.04 -13.33
C LEU D 113 -2.04 26.61 -14.32
N ARG D 114 -1.72 26.70 -15.61
CA ARG D 114 -2.74 27.13 -16.57
C ARG D 114 -3.79 26.06 -16.74
N ARG D 115 -3.41 24.80 -16.67
CA ARG D 115 -4.42 23.75 -16.73
C ARG D 115 -5.35 23.79 -15.51
N ALA D 116 -4.77 24.02 -14.33
CA ALA D 116 -5.59 24.11 -13.12
C ALA D 116 -6.54 25.30 -13.21
N LEU D 117 -5.99 26.47 -13.58
CA LEU D 117 -6.81 27.66 -13.68
C LEU D 117 -7.87 27.51 -14.74
N SER D 118 -7.54 26.85 -15.86
CA SER D 118 -8.53 26.62 -16.92
C SER D 118 -9.70 25.82 -16.39
N ASN D 119 -9.42 24.79 -15.61
CA ASN D 119 -10.50 23.96 -15.10
C ASN D 119 -11.36 24.71 -14.07
N LEU D 120 -10.74 25.59 -13.29
CA LEU D 120 -11.54 26.43 -12.39
C LEU D 120 -12.39 27.45 -13.16
N LEU D 121 -11.87 28.01 -14.24
CA LEU D 121 -12.61 28.99 -15.03
C LEU D 121 -13.78 28.32 -15.75
N SER D 122 -13.50 27.18 -16.37
CA SER D 122 -14.53 26.36 -17.00
C SER D 122 -15.64 26.06 -16.00
N ASN D 123 -15.25 25.72 -14.79
CA ASN D 123 -16.21 25.43 -13.74
C ASN D 123 -17.05 26.64 -13.39
N ALA D 124 -16.40 27.76 -13.18
CA ALA D 124 -17.10 28.99 -12.77
C ALA D 124 -18.06 29.50 -13.86
N LEU D 125 -17.70 29.27 -15.12
CA LEU D 125 -18.53 29.76 -16.21
C LEU D 125 -19.80 28.96 -16.38
N ARG D 126 -19.97 27.85 -15.67
CA ARG D 126 -21.28 27.22 -15.79
C ARG D 126 -22.24 27.63 -14.69
N TYR D 127 -21.77 28.49 -13.78
CA TYR D 127 -22.60 28.88 -12.65
C TYR D 127 -22.78 30.40 -12.45
N THR D 128 -22.04 31.19 -13.21
CA THR D 128 -22.03 32.65 -13.01
C THR D 128 -23.17 33.33 -13.79
N PRO D 129 -23.96 34.19 -13.11
CA PRO D 129 -25.07 34.84 -13.82
C PRO D 129 -24.58 35.82 -14.87
N PRO D 130 -25.43 36.12 -15.86
CA PRO D 130 -25.07 37.12 -16.85
C PRO D 130 -24.87 38.48 -16.20
N SER D 131 -24.08 39.34 -16.85
CA SER D 131 -23.78 40.67 -16.36
C SER D 131 -23.10 40.65 -14.97
N GLU D 132 -22.45 39.55 -14.65
CA GLU D 132 -21.67 39.43 -13.42
C GLU D 132 -20.21 39.09 -13.78
N ALA D 133 -19.32 39.15 -12.79
CA ALA D 133 -17.89 38.93 -13.02
C ALA D 133 -17.30 37.77 -12.21
N ILE D 134 -16.46 36.98 -12.87
CA ILE D 134 -15.60 36.00 -12.22
C ILE D 134 -14.32 36.73 -11.85
N VAL D 135 -13.91 36.61 -10.58
CA VAL D 135 -12.70 37.29 -10.14
C VAL D 135 -11.60 36.29 -9.79
N VAL D 136 -10.43 36.50 -10.38
CA VAL D 136 -9.25 35.74 -10.01
C VAL D 136 -8.41 36.68 -9.14
N ARG D 137 -8.15 36.26 -7.91
CA ARG D 137 -7.47 37.10 -6.93
C ARG D 137 -6.14 36.48 -6.52
N CYS D 138 -5.12 37.31 -6.30
CA CYS D 138 -3.85 36.79 -5.83
C CYS D 138 -3.35 37.63 -4.66
N GLN D 139 -2.95 36.95 -3.58
CA GLN D 139 -2.40 37.62 -2.41
C GLN D 139 -1.24 36.82 -1.87
N THR D 140 -0.22 37.51 -1.37
CA THR D 140 0.89 36.87 -0.71
C THR D 140 0.80 37.11 0.80
N VAL D 141 0.60 36.02 1.54
CA VAL D 141 0.27 36.06 2.98
C VAL D 141 0.83 34.81 3.66
N ASN D 142 1.47 34.96 4.82
CA ASN D 142 2.03 33.82 5.55
C ASN D 142 3.12 33.09 4.76
N HIS D 143 3.96 33.83 4.06
CA HIS D 143 4.94 33.27 3.11
C HIS D 143 4.32 32.21 2.19
N GLN D 144 3.08 32.47 1.79
CA GLN D 144 2.38 31.64 0.85
C GLN D 144 1.85 32.57 -0.20
N VAL D 145 1.57 32.02 -1.38
CA VAL D 145 0.83 32.73 -2.40
C VAL D 145 -0.56 32.09 -2.46
N GLN D 146 -1.59 32.90 -2.38
CA GLN D 146 -2.95 32.41 -2.45
C GLN D 146 -3.63 32.94 -3.67
N VAL D 147 -4.10 32.02 -4.50
CA VAL D 147 -4.78 32.35 -5.74
C VAL D 147 -6.21 31.84 -5.63
N SER D 148 -7.17 32.75 -5.78
CA SER D 148 -8.57 32.38 -5.67
C SER D 148 -9.30 32.59 -6.98
N VAL D 149 -10.25 31.70 -7.25
CA VAL D 149 -11.20 31.91 -8.34
C VAL D 149 -12.58 32.01 -7.72
N GLU D 150 -13.21 33.18 -7.89
CA GLU D 150 -14.40 33.57 -7.16
C GLU D 150 -15.55 33.86 -8.12
N ASN D 151 -16.70 33.23 -7.91
CA ASN D 151 -17.85 33.53 -8.77
C ASN D 151 -19.12 33.71 -8.00
N PRO D 152 -19.90 34.74 -8.38
CA PRO D 152 -21.25 34.93 -7.85
C PRO D 152 -22.17 33.84 -8.39
N GLY D 153 -23.35 33.70 -7.80
CA GLY D 153 -24.25 32.65 -8.21
C GLY D 153 -24.94 32.03 -7.02
N THR D 154 -25.64 30.92 -7.25
CA THR D 154 -26.35 30.24 -6.17
C THR D 154 -25.36 29.40 -5.37
N PRO D 155 -25.40 29.54 -4.04
CA PRO D 155 -24.50 28.78 -3.17
C PRO D 155 -24.59 27.26 -3.40
N ILE D 156 -23.45 26.57 -3.33
CA ILE D 156 -23.44 25.10 -3.37
C ILE D 156 -23.69 24.52 -1.97
N ALA D 157 -24.64 23.61 -1.86
CA ALA D 157 -25.00 22.99 -0.58
C ALA D 157 -23.79 22.40 0.14
N PRO D 158 -23.76 22.53 1.48
CA PRO D 158 -22.60 22.16 2.31
C PRO D 158 -22.14 20.71 2.16
N GLU D 159 -23.06 19.78 1.98
CA GLU D 159 -22.70 18.37 1.92
C GLU D 159 -21.87 18.03 0.69
N HIS D 160 -21.92 18.91 -0.31
CA HIS D 160 -21.17 18.71 -1.56
C HIS D 160 -19.74 19.18 -1.49
N LEU D 161 -19.49 20.19 -0.69
CA LEU D 161 -18.19 20.86 -0.66
C LEU D 161 -17.02 19.90 -0.35
N PRO D 162 -17.18 18.98 0.62
CA PRO D 162 -16.03 18.10 0.87
C PRO D 162 -15.74 17.12 -0.26
N ARG D 163 -16.71 16.96 -1.17
CA ARG D 163 -16.60 16.00 -2.27
C ARG D 163 -16.27 16.60 -3.64
N LEU D 164 -16.20 17.93 -3.74
CA LEU D 164 -16.12 18.56 -5.07
C LEU D 164 -14.88 18.14 -5.87
N PHE D 165 -13.76 17.87 -5.19
CA PHE D 165 -12.53 17.53 -5.90
C PHE D 165 -12.42 16.05 -6.21
N ASP D 166 -13.40 15.26 -5.76
CA ASP D 166 -13.41 13.82 -5.98
C ASP D 166 -13.62 13.49 -7.46
N ARG D 167 -12.94 12.45 -7.93
CA ARG D 167 -13.05 12.04 -9.32
C ARG D 167 -14.49 11.67 -9.67
N PHE D 168 -15.04 12.39 -10.65
CA PHE D 168 -16.37 12.17 -11.19
C PHE D 168 -17.50 12.46 -10.20
N TYR D 169 -17.22 13.23 -9.16
CA TYR D 169 -18.29 13.66 -8.28
C TYR D 169 -19.14 14.74 -8.94
N ARG D 170 -20.45 14.55 -8.96
CA ARG D 170 -21.35 15.54 -9.56
C ARG D 170 -22.38 16.06 -8.56
N VAL D 171 -22.52 17.38 -8.51
CA VAL D 171 -23.41 18.05 -7.56
C VAL D 171 -24.84 17.58 -7.72
N ALA D 172 -25.22 17.35 -8.97
CA ALA D 172 -26.53 16.81 -9.25
C ALA D 172 -26.52 16.17 -10.62
N PRO D 173 -26.83 14.86 -10.69
CA PRO D 173 -27.46 14.41 -11.92
C PRO D 173 -28.58 15.40 -12.24
N SER D 174 -28.21 16.50 -12.89
CA SER D 174 -29.04 17.69 -13.00
C SER D 174 -30.34 17.47 -13.74
N ARG D 175 -31.31 18.35 -13.48
CA ARG D 175 -32.55 18.35 -14.25
C ARG D 175 -32.32 19.00 -15.61
N GLN D 176 -31.49 20.04 -15.65
CA GLN D 176 -31.12 20.65 -16.92
C GLN D 176 -29.95 19.87 -17.53
N ARG D 177 -30.00 19.70 -18.85
CA ARG D 177 -29.30 18.63 -19.55
C ARG D 177 -27.88 18.95 -20.04
N LYS D 178 -26.89 18.40 -19.33
CA LYS D 178 -25.46 18.38 -19.68
C LYS D 178 -24.63 18.27 -18.40
N GLY D 179 -23.32 18.19 -18.57
CA GLY D 179 -22.40 18.20 -17.45
C GLY D 179 -21.43 19.36 -17.62
N GLU D 180 -21.17 19.71 -18.88
CA GLU D 180 -20.25 20.77 -19.25
C GLU D 180 -18.86 20.56 -18.65
N GLY D 181 -18.43 19.31 -18.61
CA GLY D 181 -17.11 18.97 -18.09
C GLY D 181 -16.80 17.50 -18.21
N SER D 182 -15.51 17.18 -18.12
CA SER D 182 -15.05 15.80 -18.18
C SER D 182 -15.39 15.02 -16.93
N GLY D 183 -15.56 15.75 -15.83
CA GLY D 183 -15.91 15.11 -14.57
C GLY D 183 -14.73 14.96 -13.64
N ILE D 184 -13.51 15.16 -14.16
CA ILE D 184 -12.32 15.12 -13.30
C ILE D 184 -11.53 16.42 -13.38
N GLY D 185 -12.17 17.49 -13.82
CA GLY D 185 -11.55 18.79 -13.84
C GLY D 185 -11.04 19.27 -12.49
N LEU D 186 -11.89 19.12 -11.47
CA LEU D 186 -11.53 19.58 -10.14
C LEU D 186 -10.52 18.64 -9.48
N ALA D 187 -10.62 17.34 -9.73
CA ALA D 187 -9.60 16.40 -9.30
C ALA D 187 -8.23 16.78 -9.86
N ILE D 188 -8.21 17.26 -11.10
CA ILE D 188 -6.97 17.67 -11.74
C ILE D 188 -6.39 18.92 -11.08
N VAL D 189 -7.25 19.89 -10.75
CA VAL D 189 -6.83 21.08 -9.99
C VAL D 189 -6.15 20.63 -8.71
N LYS D 190 -6.82 19.75 -7.97
CA LYS D 190 -6.26 19.28 -6.70
C LYS D 190 -4.91 18.60 -6.88
N SER D 191 -4.79 17.73 -7.88
CA SER D 191 -3.55 16.99 -8.05
C SER D 191 -2.39 17.93 -8.36
N ILE D 192 -2.67 18.95 -9.17
CA ILE D 192 -1.66 19.93 -9.53
C ILE D 192 -1.21 20.74 -8.31
N VAL D 193 -2.17 21.14 -7.47
CA VAL D 193 -1.85 21.93 -6.30
C VAL D 193 -1.05 21.12 -5.30
N VAL D 194 -1.48 19.89 -5.05
CA VAL D 194 -0.74 18.94 -4.21
C VAL D 194 0.71 18.78 -4.70
N ALA D 195 0.90 18.64 -6.01
CA ALA D 195 2.24 18.46 -6.54
C ALA D 195 3.09 19.72 -6.37
N HIS D 196 2.45 20.88 -6.28
CA HIS D 196 3.12 22.15 -5.97
C HIS D 196 3.31 22.35 -4.47
N LYS D 197 3.06 21.31 -3.68
CA LYS D 197 3.35 21.30 -2.22
C LYS D 197 2.38 22.21 -1.44
N GLY D 198 1.15 22.31 -1.94
CA GLY D 198 0.14 23.13 -1.32
C GLY D 198 -1.21 22.43 -1.18
N THR D 199 -2.25 23.23 -0.98
CA THR D 199 -3.61 22.76 -0.71
C THR D 199 -4.62 23.59 -1.48
N VAL D 200 -5.69 22.98 -1.96
CA VAL D 200 -6.80 23.75 -2.49
C VAL D 200 -8.06 23.49 -1.67
N ALA D 201 -8.84 24.53 -1.46
CA ALA D 201 -10.06 24.45 -0.65
C ALA D 201 -11.17 25.24 -1.32
N VAL D 202 -12.41 25.05 -0.86
CA VAL D 202 -13.56 25.73 -1.46
C VAL D 202 -14.58 26.11 -0.40
N THR D 203 -15.15 27.30 -0.55
CA THR D 203 -16.30 27.73 0.23
C THR D 203 -17.37 28.18 -0.73
N SER D 204 -18.61 28.17 -0.26
CA SER D 204 -19.75 28.58 -1.06
C SER D 204 -20.83 29.16 -0.18
N ASP D 205 -21.11 30.45 -0.35
CA ASP D 205 -22.09 31.16 0.49
C ASP D 205 -22.39 32.53 -0.10
N ALA D 206 -22.69 33.49 0.79
CA ALA D 206 -22.81 34.88 0.37
C ALA D 206 -21.46 35.33 -0.15
N ARG D 207 -21.47 36.32 -1.05
CA ARG D 207 -20.27 36.74 -1.76
C ARG D 207 -19.65 35.59 -2.56
N GLY D 208 -20.48 34.62 -2.94
CA GLY D 208 -20.12 33.65 -3.97
C GLY D 208 -19.42 32.36 -3.59
N THR D 209 -19.00 31.63 -4.62
CA THR D 209 -18.22 30.41 -4.49
C THR D 209 -16.76 30.73 -4.73
N ARG D 210 -15.90 30.34 -3.80
CA ARG D 210 -14.49 30.67 -3.87
C ARG D 210 -13.60 29.45 -3.73
N PHE D 211 -12.90 29.12 -4.82
CA PHE D 211 -11.85 28.11 -4.79
C PHE D 211 -10.53 28.80 -4.45
N VAL D 212 -9.84 28.34 -3.40
CA VAL D 212 -8.61 29.00 -2.98
C VAL D 212 -7.46 28.03 -3.02
N ILE D 213 -6.47 28.37 -3.85
CA ILE D 213 -5.23 27.61 -3.95
C ILE D 213 -4.18 28.26 -3.06
N THR D 214 -3.60 27.50 -2.14
CA THR D 214 -2.53 28.01 -1.29
C THR D 214 -1.22 27.29 -1.64
N LEU D 215 -0.22 28.06 -2.08
CA LEU D 215 1.05 27.54 -2.54
C LEU D 215 2.17 28.10 -1.70
N PRO D 216 3.29 27.36 -1.58
CA PRO D 216 4.49 27.93 -0.97
C PRO D 216 4.93 29.17 -1.73
N ALA D 217 5.35 30.21 -1.02
CA ALA D 217 5.85 31.40 -1.69
C ALA D 217 7.35 31.30 -1.77
N ALA E 2 19.87 -3.82 -10.78
CA ALA E 2 19.20 -3.15 -9.68
C ALA E 2 19.51 -3.86 -8.38
N MET E 3 20.79 -3.91 -8.03
CA MET E 3 21.24 -4.63 -6.83
C MET E 3 20.95 -3.83 -5.57
N ALA E 4 19.92 -2.99 -5.60
CA ALA E 4 19.54 -2.21 -4.43
C ALA E 4 19.07 -3.12 -3.32
N ASP E 5 18.58 -4.28 -3.72
CA ASP E 5 17.99 -5.25 -2.82
C ASP E 5 19.01 -5.77 -1.82
N ILE E 6 20.23 -6.04 -2.32
CA ILE E 6 21.30 -6.52 -1.44
C ILE E 6 21.62 -5.49 -0.36
N ALA E 7 21.72 -4.22 -0.76
CA ALA E 7 22.03 -3.15 0.16
C ALA E 7 20.90 -2.92 1.16
N HIS E 8 19.66 -3.11 0.72
CA HIS E 8 18.50 -2.93 1.58
C HIS E 8 18.47 -3.94 2.72
N GLU E 9 18.78 -5.21 2.42
CA GLU E 9 18.60 -6.29 3.38
C GLU E 9 19.78 -6.49 4.33
N ILE E 10 20.97 -6.06 3.95
CA ILE E 10 22.11 -6.24 4.83
C ILE E 10 22.32 -5.03 5.74
N ARG E 11 21.61 -3.94 5.47
CA ARG E 11 21.81 -2.70 6.22
C ARG E 11 21.58 -2.90 7.73
N THR E 12 20.40 -3.40 8.09
CA THR E 12 20.06 -3.64 9.50
C THR E 12 20.94 -4.72 10.20
N PRO E 13 21.20 -5.87 9.54
CA PRO E 13 22.13 -6.82 10.16
C PRO E 13 23.48 -6.21 10.52
N ILE E 14 23.97 -5.30 9.68
CA ILE E 14 25.23 -4.61 9.92
C ILE E 14 25.14 -3.68 11.14
N THR E 15 24.05 -2.92 11.21
CA THR E 15 23.82 -2.00 12.33
C THR E 15 23.79 -2.77 13.65
N ASN E 16 23.16 -3.94 13.64
CA ASN E 16 23.10 -4.78 14.83
C ASN E 16 24.47 -5.30 15.25
N LEU E 17 25.30 -5.72 14.29
CA LEU E 17 26.65 -6.15 14.60
C LEU E 17 27.47 -5.00 15.22
N ILE E 18 27.33 -3.81 14.67
CA ILE E 18 28.02 -2.64 15.20
C ILE E 18 27.65 -2.40 16.66
N THR E 19 26.35 -2.42 16.95
CA THR E 19 25.90 -2.21 18.33
C THR E 19 26.49 -3.26 19.28
N GLN E 20 26.40 -4.53 18.89
CA GLN E 20 26.91 -5.63 19.73
C GLN E 20 28.41 -5.53 19.99
N THR E 21 29.15 -5.17 18.95
CA THR E 21 30.59 -4.98 19.06
C THR E 21 30.91 -3.78 19.95
N GLU E 22 30.18 -2.68 19.76
CA GLU E 22 30.37 -1.48 20.59
C GLU E 22 30.16 -1.75 22.07
N ILE E 23 29.09 -2.48 22.39
CA ILE E 23 28.84 -2.84 23.77
C ILE E 23 30.01 -3.65 24.35
N ALA E 24 30.50 -4.63 23.60
CA ALA E 24 31.59 -5.47 24.08
C ALA E 24 32.86 -4.66 24.36
N LEU E 25 33.06 -3.59 23.60
CA LEU E 25 34.27 -2.78 23.67
C LEU E 25 34.17 -1.63 24.67
N SER E 26 33.03 -1.51 25.34
CA SER E 26 32.80 -0.34 26.19
C SER E 26 33.72 -0.30 27.41
N GLN E 27 34.00 -1.47 27.98
CA GLN E 27 34.97 -1.62 29.05
C GLN E 27 35.46 -3.06 29.01
N SER E 28 36.53 -3.38 29.73
CA SER E 28 37.06 -4.71 29.61
C SER E 28 36.09 -5.74 30.20
N ARG E 29 36.10 -6.90 29.55
CA ARG E 29 35.22 -7.99 29.89
C ARG E 29 36.06 -9.24 29.86
N SER E 30 35.53 -10.33 30.38
CA SER E 30 36.24 -11.58 30.39
C SER E 30 36.55 -12.07 28.97
N GLN E 31 37.58 -12.91 28.89
CA GLN E 31 37.91 -13.62 27.66
C GLN E 31 36.69 -14.35 27.12
N LYS E 32 35.94 -15.00 28.01
CA LYS E 32 34.73 -15.74 27.63
C LYS E 32 33.66 -14.83 27.02
N GLU E 33 33.45 -13.68 27.65
CA GLU E 33 32.49 -12.70 27.17
C GLU E 33 32.83 -12.23 25.76
N LEU E 34 34.09 -11.90 25.52
CA LEU E 34 34.52 -11.47 24.19
C LEU E 34 34.45 -12.60 23.17
N GLU E 35 34.81 -13.82 23.59
CA GLU E 35 34.69 -14.98 22.72
C GLU E 35 33.25 -15.16 22.27
N ASP E 36 32.31 -14.99 23.18
CA ASP E 36 30.89 -15.18 22.86
C ASP E 36 30.42 -14.14 21.84
N VAL E 37 30.90 -12.92 21.96
CA VAL E 37 30.55 -11.88 21.02
C VAL E 37 31.10 -12.26 19.64
N LEU E 38 32.32 -12.76 19.60
CA LEU E 38 32.92 -13.20 18.33
C LEU E 38 32.15 -14.37 17.70
N TYR E 39 31.71 -15.33 18.50
CA TYR E 39 30.93 -16.45 17.97
C TYR E 39 29.60 -15.96 17.41
N SER E 40 28.97 -15.03 18.12
CA SER E 40 27.71 -14.45 17.64
C SER E 40 27.92 -13.69 16.34
N ASN E 41 28.97 -12.87 16.29
CA ASN E 41 29.33 -12.17 15.06
C ASN E 41 29.54 -13.15 13.90
N LEU E 42 30.26 -14.23 14.17
CA LEU E 42 30.59 -15.21 13.13
C LEU E 42 29.32 -15.79 12.52
N GLU E 43 28.39 -16.19 13.36
CA GLU E 43 27.17 -16.80 12.88
C GLU E 43 26.32 -15.80 12.07
N GLU E 44 26.34 -14.53 12.45
CA GLU E 44 25.56 -13.52 11.73
C GLU E 44 26.21 -13.16 10.40
N LEU E 45 27.53 -13.04 10.40
CA LEU E 45 28.28 -12.80 9.17
C LEU E 45 28.08 -13.94 8.18
N THR E 46 28.01 -15.15 8.69
CA THR E 46 27.83 -16.32 7.83
C THR E 46 26.45 -16.26 7.19
N ARG E 47 25.45 -15.91 7.99
CA ARG E 47 24.09 -15.74 7.49
C ARG E 47 24.03 -14.69 6.38
N MET E 48 24.72 -13.58 6.61
CA MET E 48 24.80 -12.49 5.64
C MET E 48 25.49 -12.92 4.35
N ALA E 49 26.56 -13.69 4.47
CA ALA E 49 27.27 -14.17 3.29
C ALA E 49 26.35 -15.03 2.43
N LYS E 50 25.64 -15.95 3.08
CA LYS E 50 24.68 -16.81 2.39
C LYS E 50 23.62 -15.99 1.69
N MET E 51 23.12 -14.96 2.37
CA MET E 51 22.08 -14.12 1.84
C MET E 51 22.55 -13.37 0.60
N VAL E 52 23.77 -12.86 0.65
CA VAL E 52 24.34 -12.11 -0.45
C VAL E 52 24.45 -12.99 -1.70
N SER E 53 24.94 -14.21 -1.50
CA SER E 53 25.10 -15.15 -2.60
C SER E 53 23.76 -15.54 -3.19
N ASP E 54 22.75 -15.72 -2.34
CA ASP E 54 21.40 -16.02 -2.82
C ASP E 54 20.84 -14.88 -3.63
N MET E 55 21.10 -13.66 -3.20
CA MET E 55 20.65 -12.46 -3.89
C MET E 55 21.35 -12.31 -5.24
N LEU E 56 22.63 -12.62 -5.26
CA LEU E 56 23.40 -12.66 -6.49
C LEU E 56 22.78 -13.64 -7.48
N PHE E 57 22.37 -14.80 -6.98
CA PHE E 57 21.73 -15.80 -7.83
C PHE E 57 20.44 -15.28 -8.44
N LEU E 58 19.60 -14.67 -7.61
CA LEU E 58 18.30 -14.17 -8.04
C LEU E 58 18.44 -13.04 -9.06
N ALA E 59 19.41 -12.18 -8.82
CA ALA E 59 19.67 -11.05 -9.72
C ALA E 59 20.07 -11.51 -11.10
N GLN E 60 20.90 -12.55 -11.15
CA GLN E 60 21.33 -13.12 -12.43
C GLN E 60 20.15 -13.69 -13.19
N ALA E 61 19.22 -14.32 -12.46
CA ALA E 61 18.01 -14.84 -13.08
C ALA E 61 17.15 -13.69 -13.59
N ASP E 62 17.07 -12.62 -12.81
CA ASP E 62 16.35 -11.41 -13.21
C ASP E 62 16.93 -10.82 -14.49
N ASN E 63 18.25 -10.98 -14.68
CA ASN E 63 18.92 -10.45 -15.86
C ASN E 63 19.04 -11.46 -17.01
N ASN E 64 18.17 -12.46 -16.99
CA ASN E 64 18.15 -13.53 -18.00
C ASN E 64 19.50 -14.21 -18.21
N GLN E 65 20.26 -14.34 -17.14
CA GLN E 65 21.56 -14.98 -17.24
C GLN E 65 21.53 -16.38 -16.64
N LEU E 66 20.36 -16.79 -16.18
CA LEU E 66 20.19 -18.15 -15.68
C LEU E 66 19.76 -19.05 -16.84
N ILE E 67 20.73 -19.75 -17.44
CA ILE E 67 20.50 -20.55 -18.63
C ILE E 67 20.76 -22.03 -18.37
N PRO E 68 19.68 -22.81 -18.25
CA PRO E 68 19.81 -24.24 -17.96
C PRO E 68 20.60 -24.97 -19.05
N GLU E 69 21.54 -25.81 -18.64
CA GLU E 69 22.21 -26.73 -19.56
C GLU E 69 21.52 -28.07 -19.43
N LYS E 70 20.62 -28.34 -20.37
CA LYS E 70 19.68 -29.45 -20.21
C LYS E 70 20.17 -30.75 -20.80
N LYS E 71 19.83 -31.83 -20.12
CA LYS E 71 19.90 -33.16 -20.70
C LYS E 71 18.68 -33.95 -20.25
N MET E 72 18.46 -35.12 -20.82
CA MET E 72 17.34 -35.94 -20.39
C MET E 72 17.65 -36.55 -19.02
N LEU E 73 16.80 -36.27 -18.05
CA LEU E 73 17.03 -36.72 -16.69
C LEU E 73 15.98 -37.73 -16.28
N ASN E 74 16.38 -38.66 -15.42
CA ASN E 74 15.44 -39.44 -14.63
C ASN E 74 15.25 -38.70 -13.31
N LEU E 75 14.11 -38.03 -13.14
CA LEU E 75 13.94 -37.17 -11.98
C LEU E 75 13.92 -37.97 -10.69
N ALA E 76 13.48 -39.22 -10.77
CA ALA E 76 13.50 -40.11 -9.61
C ALA E 76 14.92 -40.28 -9.08
N ASP E 77 15.88 -40.40 -10.00
CA ASP E 77 17.28 -40.52 -9.63
C ASP E 77 17.78 -39.24 -9.00
N GLU E 78 17.39 -38.11 -9.56
CA GLU E 78 17.79 -36.82 -8.99
C GLU E 78 17.17 -36.60 -7.61
N VAL E 79 15.89 -36.94 -7.43
CA VAL E 79 15.30 -36.86 -6.09
C VAL E 79 16.11 -37.74 -5.12
N GLY E 80 16.46 -38.93 -5.59
CA GLY E 80 17.27 -39.87 -4.81
C GLY E 80 18.59 -39.27 -4.35
N LYS E 81 19.26 -38.56 -5.25
CA LYS E 81 20.52 -37.91 -4.89
C LYS E 81 20.30 -36.86 -3.80
N VAL E 82 19.20 -36.11 -3.92
CA VAL E 82 18.91 -35.05 -2.96
C VAL E 82 18.54 -35.67 -1.60
N PHE E 83 17.72 -36.72 -1.59
CA PHE E 83 17.44 -37.46 -0.36
C PHE E 83 18.75 -37.88 0.32
N ASP E 84 19.74 -38.31 -0.46
CA ASP E 84 21.00 -38.74 0.13
C ASP E 84 21.72 -37.57 0.80
N PHE E 85 21.64 -36.38 0.21
CA PHE E 85 22.23 -35.19 0.84
C PHE E 85 21.59 -34.93 2.21
N PHE E 86 20.27 -35.18 2.30
CA PHE E 86 19.46 -34.81 3.46
C PHE E 86 19.21 -35.95 4.45
N GLU E 87 19.65 -37.16 4.12
CA GLU E 87 19.30 -38.35 4.90
C GLU E 87 19.63 -38.20 6.39
N ALA E 88 20.86 -37.83 6.68
CA ALA E 88 21.29 -37.77 8.06
C ALA E 88 20.56 -36.66 8.82
N LEU E 89 20.37 -35.52 8.17
CA LEU E 89 19.68 -34.40 8.80
C LEU E 89 18.22 -34.77 9.06
N ALA E 90 17.56 -35.40 8.08
CA ALA E 90 16.18 -35.82 8.26
C ALA E 90 16.06 -36.78 9.45
N GLU E 91 17.01 -37.69 9.56
CA GLU E 91 17.03 -38.65 10.66
C GLU E 91 17.15 -37.93 12.00
N ASP E 92 18.08 -36.97 12.07
CA ASP E 92 18.23 -36.13 13.26
C ASP E 92 16.91 -35.51 13.65
N ARG E 93 16.17 -35.02 12.64
CA ARG E 93 14.92 -34.29 12.86
C ARG E 93 13.72 -35.22 13.05
N GLY E 94 13.95 -36.53 12.97
CA GLY E 94 12.88 -37.50 13.16
C GLY E 94 11.89 -37.57 12.01
N VAL E 95 12.33 -37.18 10.81
CA VAL E 95 11.41 -37.10 9.69
C VAL E 95 11.81 -38.08 8.58
N GLU E 96 10.85 -38.89 8.12
CA GLU E 96 11.07 -39.79 7.00
C GLU E 96 10.97 -39.06 5.66
N LEU E 97 11.80 -39.47 4.71
CA LEU E 97 11.71 -38.95 3.34
C LEU E 97 11.22 -40.07 2.42
N ARG E 98 10.14 -39.80 1.69
CA ARG E 98 9.52 -40.80 0.81
C ARG E 98 9.35 -40.24 -0.60
N PHE E 99 9.63 -41.06 -1.61
CA PHE E 99 9.41 -40.66 -3.01
C PHE E 99 8.44 -41.61 -3.70
N VAL E 100 7.56 -41.04 -4.51
CA VAL E 100 6.56 -41.81 -5.26
C VAL E 100 6.46 -41.31 -6.69
N GLY E 101 6.54 -42.22 -7.65
CA GLY E 101 6.19 -41.86 -9.01
C GLY E 101 6.69 -42.77 -10.13
N ASP E 102 6.15 -42.55 -11.33
CA ASP E 102 6.78 -43.06 -12.53
C ASP E 102 8.12 -42.34 -12.58
N LYS E 103 9.13 -42.92 -13.22
CA LYS E 103 10.46 -42.37 -13.04
C LYS E 103 10.69 -41.04 -13.74
N CYS E 104 9.59 -40.39 -14.14
CA CYS E 104 9.56 -38.98 -14.53
C CYS E 104 10.78 -38.49 -15.27
N GLN E 105 10.78 -38.74 -16.57
CA GLN E 105 11.83 -38.25 -17.44
C GLN E 105 11.51 -36.82 -17.83
N VAL E 106 12.50 -35.96 -17.74
CA VAL E 106 12.35 -34.57 -18.14
C VAL E 106 13.67 -34.03 -18.62
N ALA E 107 13.63 -33.17 -19.64
CA ALA E 107 14.81 -32.44 -20.05
C ALA E 107 15.04 -31.30 -19.06
N GLY E 108 16.23 -31.26 -18.47
CA GLY E 108 16.53 -30.23 -17.51
C GLY E 108 17.97 -30.18 -17.09
N ASP E 109 18.31 -29.13 -16.36
CA ASP E 109 19.64 -28.96 -15.83
C ASP E 109 19.67 -29.64 -14.46
N PRO E 110 20.43 -30.76 -14.36
CA PRO E 110 20.37 -31.56 -13.12
C PRO E 110 20.91 -30.83 -11.90
N LEU E 111 21.95 -30.02 -12.10
CA LEU E 111 22.48 -29.23 -11.00
C LEU E 111 21.43 -28.25 -10.49
N MET E 112 20.80 -27.53 -11.41
CA MET E 112 19.82 -26.53 -11.02
C MET E 112 18.58 -27.17 -10.40
N LEU E 113 18.11 -28.28 -10.98
CA LEU E 113 16.91 -28.90 -10.45
C LEU E 113 17.14 -29.55 -9.09
N ARG E 114 18.34 -30.09 -8.86
CA ARG E 114 18.68 -30.60 -7.53
C ARG E 114 18.70 -29.45 -6.53
N ARG E 115 19.11 -28.27 -6.96
CA ARG E 115 19.10 -27.12 -6.05
C ARG E 115 17.67 -26.75 -5.69
N ALA E 116 16.80 -26.72 -6.70
CA ALA E 116 15.39 -26.43 -6.45
C ALA E 116 14.76 -27.45 -5.50
N LEU E 117 15.04 -28.73 -5.73
CA LEU E 117 14.51 -29.79 -4.87
C LEU E 117 15.07 -29.68 -3.46
N SER E 118 16.36 -29.38 -3.35
CA SER E 118 16.99 -29.20 -2.04
C SER E 118 16.31 -28.09 -1.29
N ASN E 119 16.07 -26.96 -1.95
CA ASN E 119 15.42 -25.84 -1.28
C ASN E 119 13.99 -26.18 -0.84
N LEU E 120 13.27 -26.98 -1.62
CA LEU E 120 11.95 -27.41 -1.20
C LEU E 120 12.00 -28.37 0.00
N LEU E 121 12.99 -29.25 0.04
CA LEU E 121 13.15 -30.15 1.18
C LEU E 121 13.54 -29.38 2.44
N SER E 122 14.40 -28.38 2.30
CA SER E 122 14.79 -27.56 3.47
C SER E 122 13.55 -26.87 4.04
N ASN E 123 12.73 -26.32 3.14
CA ASN E 123 11.48 -25.69 3.54
C ASN E 123 10.53 -26.66 4.25
N ALA E 124 10.38 -27.85 3.69
CA ALA E 124 9.50 -28.84 4.28
C ALA E 124 9.98 -29.25 5.67
N LEU E 125 11.29 -29.47 5.81
CA LEU E 125 11.86 -29.88 7.10
C LEU E 125 11.62 -28.84 8.19
N ARG E 126 11.69 -27.57 7.81
CA ARG E 126 11.48 -26.46 8.73
C ARG E 126 10.08 -26.48 9.38
N TYR E 127 9.10 -27.02 8.67
CA TYR E 127 7.73 -26.98 9.16
C TYR E 127 7.19 -28.35 9.58
N THR E 128 8.08 -29.34 9.65
CA THR E 128 7.65 -30.71 9.91
C THR E 128 8.24 -31.25 11.22
N PRO E 129 7.37 -31.60 12.18
CA PRO E 129 7.84 -32.11 13.49
C PRO E 129 8.28 -33.57 13.42
N PRO E 130 9.02 -34.05 14.44
CA PRO E 130 9.45 -35.46 14.46
C PRO E 130 8.29 -36.46 14.37
N SER E 131 8.58 -37.60 13.76
CA SER E 131 7.74 -38.78 13.57
C SER E 131 6.79 -38.68 12.37
N GLU E 132 6.93 -37.61 11.59
CA GLU E 132 6.18 -37.42 10.35
C GLU E 132 7.02 -37.82 9.15
N ALA E 133 6.40 -37.84 7.97
CA ALA E 133 7.10 -38.15 6.73
C ALA E 133 6.82 -37.10 5.66
N ILE E 134 7.87 -36.70 4.93
CA ILE E 134 7.76 -35.79 3.80
C ILE E 134 7.66 -36.65 2.56
N VAL E 135 6.65 -36.38 1.74
CA VAL E 135 6.40 -37.13 0.51
C VAL E 135 6.69 -36.26 -0.72
N VAL E 136 7.55 -36.79 -1.58
CA VAL E 136 7.83 -36.17 -2.87
C VAL E 136 7.20 -37.02 -3.96
N ARG E 137 6.40 -36.38 -4.82
CA ARG E 137 5.61 -37.07 -5.85
C ARG E 137 5.99 -36.54 -7.23
N CYS E 138 6.07 -37.44 -8.22
CA CYS E 138 6.35 -37.03 -9.58
C CYS E 138 5.41 -37.77 -10.55
N GLN E 139 4.83 -37.06 -11.51
CA GLN E 139 3.99 -37.70 -12.51
C GLN E 139 4.07 -36.95 -13.81
N THR E 140 4.04 -37.70 -14.92
CA THR E 140 3.94 -37.14 -16.26
C THR E 140 2.48 -36.79 -16.50
N VAL E 141 2.21 -35.56 -16.91
CA VAL E 141 0.86 -35.08 -17.10
C VAL E 141 0.76 -34.17 -18.33
N ASN E 142 0.21 -34.70 -19.42
CA ASN E 142 -0.11 -33.89 -20.60
C ASN E 142 1.05 -32.99 -21.07
N HIS E 143 2.14 -33.62 -21.49
CA HIS E 143 3.32 -32.93 -22.04
C HIS E 143 4.07 -32.13 -20.99
N GLN E 144 3.80 -32.43 -19.73
CA GLN E 144 4.52 -31.80 -18.63
C GLN E 144 4.84 -32.82 -17.57
N VAL E 145 5.77 -32.46 -16.68
CA VAL E 145 6.08 -33.29 -15.55
C VAL E 145 5.78 -32.48 -14.30
N GLN E 146 4.97 -33.04 -13.41
CA GLN E 146 4.52 -32.36 -12.21
C GLN E 146 5.21 -32.99 -11.00
N VAL E 147 5.98 -32.20 -10.29
CA VAL E 147 6.76 -32.67 -9.14
C VAL E 147 6.36 -31.87 -7.91
N SER E 148 6.02 -32.55 -6.82
CA SER E 148 5.63 -31.81 -5.63
C SER E 148 6.29 -32.34 -4.37
N VAL E 149 6.40 -31.44 -3.42
CA VAL E 149 6.97 -31.74 -2.11
C VAL E 149 5.91 -31.39 -1.10
N GLU E 150 5.50 -32.39 -0.33
CA GLU E 150 4.37 -32.29 0.58
C GLU E 150 4.86 -32.32 2.00
N ASN E 151 4.53 -31.32 2.79
CA ASN E 151 4.77 -31.47 4.22
C ASN E 151 3.44 -31.69 4.92
N PRO E 152 3.39 -32.70 5.78
CA PRO E 152 2.15 -33.23 6.35
C PRO E 152 1.64 -32.35 7.47
N GLY E 153 0.36 -32.50 7.80
CA GLY E 153 -0.24 -31.78 8.90
C GLY E 153 -1.30 -30.81 8.44
N THR E 154 -1.60 -29.83 9.27
CA THR E 154 -2.61 -28.83 8.92
C THR E 154 -2.12 -27.97 7.75
N PRO E 155 -3.00 -27.78 6.74
CA PRO E 155 -2.63 -26.92 5.62
C PRO E 155 -2.40 -25.47 6.04
N ILE E 156 -1.47 -24.81 5.35
CA ILE E 156 -1.29 -23.37 5.47
C ILE E 156 -2.58 -22.69 5.03
N ALA E 157 -2.99 -21.65 5.75
CA ALA E 157 -4.22 -20.92 5.41
C ALA E 157 -4.18 -20.43 3.96
N PRO E 158 -5.34 -20.52 3.27
CA PRO E 158 -5.41 -20.20 1.84
C PRO E 158 -4.92 -18.80 1.46
N GLU E 159 -5.02 -17.84 2.37
CA GLU E 159 -4.64 -16.45 2.08
C GLU E 159 -3.15 -16.30 1.74
N HIS E 160 -2.30 -17.18 2.27
CA HIS E 160 -0.85 -17.06 2.08
C HIS E 160 -0.32 -17.77 0.83
N LEU E 161 -1.10 -18.74 0.33
CA LEU E 161 -0.62 -19.64 -0.72
C LEU E 161 -0.09 -18.97 -2.01
N PRO E 162 -0.79 -17.96 -2.55
CA PRO E 162 -0.26 -17.38 -3.80
C PRO E 162 1.03 -16.59 -3.63
N ARG E 163 1.42 -16.26 -2.40
CA ARG E 163 2.59 -15.42 -2.20
C ARG E 163 3.82 -16.13 -1.61
N LEU E 164 3.73 -17.43 -1.38
CA LEU E 164 4.82 -18.13 -0.68
C LEU E 164 6.13 -18.19 -1.47
N PHE E 165 6.08 -17.97 -2.78
CA PHE E 165 7.31 -17.95 -3.57
C PHE E 165 7.93 -16.56 -3.66
N ASP E 166 7.26 -15.56 -3.10
CA ASP E 166 7.74 -14.18 -3.19
C ASP E 166 8.94 -13.95 -2.28
N ARG E 167 9.89 -13.14 -2.77
CA ARG E 167 11.12 -12.87 -2.05
C ARG E 167 10.87 -12.16 -0.72
N PHE E 168 11.37 -12.77 0.35
CA PHE E 168 11.28 -12.21 1.70
C PHE E 168 9.85 -12.05 2.17
N TYR E 169 8.93 -12.81 1.58
CA TYR E 169 7.56 -12.83 2.06
C TYR E 169 7.48 -13.68 3.31
N ARG E 170 6.61 -13.29 4.25
CA ARG E 170 6.49 -13.99 5.51
C ARG E 170 5.03 -14.13 5.97
N VAL E 171 4.62 -15.36 6.25
CA VAL E 171 3.31 -15.64 6.82
C VAL E 171 3.14 -14.85 8.10
N ALA E 172 4.19 -14.88 8.92
CA ALA E 172 4.32 -14.03 10.08
C ALA E 172 5.79 -13.68 10.21
N PRO E 173 6.11 -12.42 10.54
CA PRO E 173 7.53 -12.08 10.60
C PRO E 173 8.24 -12.69 11.82
N SER E 174 9.56 -12.80 11.69
CA SER E 174 10.53 -13.11 12.75
C SER E 174 10.48 -14.51 13.36
N ARG E 175 11.29 -14.66 14.41
CA ARG E 175 11.54 -15.87 15.21
C ARG E 175 12.89 -15.66 15.88
N GLN E 176 13.76 -16.67 15.82
CA GLN E 176 15.15 -16.50 16.22
C GLN E 176 15.84 -15.54 15.25
N ARG E 177 16.87 -14.85 15.74
CA ARG E 177 17.58 -13.83 14.96
C ARG E 177 18.11 -14.37 13.62
N LYS E 178 18.84 -15.48 13.68
CA LYS E 178 19.43 -16.08 12.49
C LYS E 178 18.38 -16.64 11.55
N GLY E 179 17.27 -17.10 12.14
CA GLY E 179 16.18 -17.66 11.35
C GLY E 179 16.54 -19.01 10.76
N GLU E 180 15.70 -19.49 9.86
CA GLU E 180 15.88 -20.82 9.28
C GLU E 180 16.52 -20.78 7.91
N GLY E 181 16.52 -19.62 7.28
CA GLY E 181 17.05 -19.49 5.94
C GLY E 181 17.18 -18.03 5.55
N SER E 182 17.29 -17.79 4.25
CA SER E 182 17.50 -16.43 3.77
C SER E 182 16.18 -15.68 3.58
N GLY E 183 15.08 -16.42 3.52
CA GLY E 183 13.78 -15.84 3.19
C GLY E 183 13.68 -15.71 1.68
N ILE E 184 14.54 -16.47 1.01
CA ILE E 184 14.79 -16.29 -0.41
C ILE E 184 14.88 -17.65 -1.11
N GLY E 185 14.85 -18.71 -0.32
CA GLY E 185 15.03 -20.05 -0.83
C GLY E 185 13.94 -20.46 -1.81
N LEU E 186 12.70 -20.10 -1.49
CA LEU E 186 11.60 -20.48 -2.37
C LEU E 186 11.60 -19.61 -3.62
N ALA E 187 12.03 -18.36 -3.49
CA ALA E 187 12.19 -17.49 -4.66
C ALA E 187 13.20 -18.08 -5.65
N ILE E 188 14.25 -18.69 -5.11
CA ILE E 188 15.27 -19.33 -5.93
C ILE E 188 14.70 -20.55 -6.65
N VAL E 189 13.84 -21.30 -5.97
CA VAL E 189 13.13 -22.41 -6.62
C VAL E 189 12.35 -21.91 -7.83
N LYS E 190 11.56 -20.85 -7.63
CA LYS E 190 10.77 -20.31 -8.72
C LYS E 190 11.62 -19.81 -9.87
N SER E 191 12.73 -19.14 -9.56
N SER E 191 12.73 -19.11 -9.57
CA SER E 191 13.63 -18.63 -10.60
CA SER E 191 13.61 -18.62 -10.65
C SER E 191 14.17 -19.76 -11.47
C SER E 191 14.19 -19.77 -11.49
N ILE E 192 14.55 -20.86 -10.83
CA ILE E 192 15.06 -22.03 -11.54
C ILE E 192 13.99 -22.68 -12.42
N VAL E 193 12.77 -22.82 -11.88
CA VAL E 193 11.68 -23.44 -12.62
C VAL E 193 11.27 -22.56 -13.82
N VAL E 194 11.17 -21.26 -13.61
CA VAL E 194 10.85 -20.33 -14.69
C VAL E 194 11.91 -20.34 -15.79
N ALA E 195 13.18 -20.45 -15.41
CA ALA E 195 14.27 -20.54 -16.38
C ALA E 195 14.14 -21.79 -17.26
N HIS E 196 13.46 -22.82 -16.73
CA HIS E 196 13.14 -24.03 -17.47
C HIS E 196 11.81 -23.93 -18.24
N LYS E 197 11.19 -22.74 -18.22
CA LYS E 197 9.90 -22.48 -18.87
C LYS E 197 8.77 -23.25 -18.18
N GLY E 198 8.93 -23.47 -16.88
CA GLY E 198 7.93 -24.11 -16.06
C GLY E 198 7.18 -23.13 -15.18
N THR E 199 6.32 -23.66 -14.33
CA THR E 199 5.55 -22.84 -13.40
C THR E 199 5.55 -23.46 -12.01
N VAL E 200 5.22 -22.65 -11.00
CA VAL E 200 5.14 -23.13 -9.63
C VAL E 200 3.80 -22.74 -9.01
N ALA E 201 3.37 -23.55 -8.06
CA ALA E 201 2.14 -23.29 -7.31
C ALA E 201 2.22 -23.93 -5.94
N VAL E 202 1.36 -23.50 -5.03
CA VAL E 202 1.22 -24.14 -3.72
C VAL E 202 -0.23 -24.58 -3.59
N THR E 203 -0.45 -25.80 -3.14
CA THR E 203 -1.80 -26.35 -2.96
C THR E 203 -1.91 -27.06 -1.63
N SER E 204 -3.13 -27.37 -1.21
CA SER E 204 -3.32 -28.08 0.03
C SER E 204 -4.63 -28.87 0.05
N ASP E 205 -4.64 -29.93 0.84
CA ASP E 205 -5.87 -30.60 1.23
C ASP E 205 -5.66 -31.22 2.61
N ALA E 206 -6.41 -32.26 2.93
CA ALA E 206 -6.36 -32.86 4.26
C ALA E 206 -4.97 -33.42 4.59
N ARG E 207 -4.22 -33.76 3.55
CA ARG E 207 -2.90 -34.36 3.72
C ARG E 207 -1.87 -33.36 4.20
N GLY E 208 -2.06 -32.09 3.82
CA GLY E 208 -1.13 -31.05 4.18
C GLY E 208 -0.91 -30.06 3.05
N THR E 209 0.31 -29.55 2.93
CA THR E 209 0.62 -28.50 1.97
C THR E 209 1.63 -29.00 0.95
N ARG E 210 1.35 -28.78 -0.33
CA ARG E 210 2.22 -29.22 -1.40
C ARG E 210 2.78 -28.06 -2.21
N PHE E 211 4.09 -28.05 -2.39
CA PHE E 211 4.72 -27.10 -3.29
C PHE E 211 4.93 -27.80 -4.62
N VAL E 212 4.31 -27.27 -5.67
CA VAL E 212 4.16 -27.98 -6.93
C VAL E 212 4.96 -27.31 -8.04
N ILE E 213 5.87 -28.07 -8.63
CA ILE E 213 6.63 -27.63 -9.80
C ILE E 213 6.10 -28.32 -11.05
N THR E 214 5.86 -27.55 -12.10
CA THR E 214 5.43 -28.13 -13.36
C THR E 214 6.46 -27.78 -14.42
N LEU E 215 7.04 -28.79 -15.07
CA LEU E 215 8.07 -28.59 -16.10
C LEU E 215 7.66 -29.12 -17.46
N PRO E 216 8.15 -28.49 -18.54
CA PRO E 216 7.87 -29.06 -19.87
C PRO E 216 8.50 -30.44 -20.04
N ALA E 217 7.79 -31.36 -20.67
CA ALA E 217 8.26 -32.74 -20.77
C ALA E 217 9.49 -32.89 -21.68
N ALA F 2 30.30 -4.55 -13.34
CA ALA F 2 28.88 -4.91 -13.32
C ALA F 2 28.50 -5.60 -12.02
N MET F 3 27.74 -6.69 -12.11
CA MET F 3 27.33 -7.44 -10.94
C MET F 3 28.54 -8.03 -10.22
N ALA F 4 29.58 -8.31 -10.99
CA ALA F 4 30.84 -8.80 -10.42
C ALA F 4 31.39 -7.76 -9.46
N ASP F 5 31.30 -6.49 -9.86
CA ASP F 5 31.83 -5.39 -9.07
C ASP F 5 31.12 -5.26 -7.73
N ILE F 6 29.79 -5.32 -7.71
CA ILE F 6 29.10 -5.04 -6.47
C ILE F 6 29.12 -6.29 -5.58
N ALA F 7 29.06 -7.47 -6.19
CA ALA F 7 29.32 -8.70 -5.45
C ALA F 7 30.66 -8.54 -4.74
N HIS F 8 31.67 -8.17 -5.51
CA HIS F 8 33.02 -7.96 -5.00
C HIS F 8 33.10 -7.01 -3.79
N GLU F 9 32.36 -5.90 -3.83
CA GLU F 9 32.50 -4.87 -2.79
C GLU F 9 31.69 -5.14 -1.51
N ILE F 10 30.69 -6.02 -1.60
CA ILE F 10 29.94 -6.48 -0.42
C ILE F 10 30.40 -7.84 0.10
N ARG F 11 30.35 -8.82 -0.80
CA ARG F 11 30.64 -10.22 -0.47
C ARG F 11 32.01 -10.40 0.16
N THR F 12 33.03 -9.82 -0.46
CA THR F 12 34.40 -10.02 0.00
C THR F 12 34.66 -9.40 1.39
N PRO F 13 34.16 -8.17 1.66
CA PRO F 13 34.36 -7.67 3.03
C PRO F 13 33.73 -8.59 4.08
N ILE F 14 32.57 -9.18 3.76
CA ILE F 14 31.98 -10.12 4.70
C ILE F 14 32.87 -11.35 4.88
N THR F 15 33.34 -11.91 3.76
CA THR F 15 34.24 -13.07 3.81
C THR F 15 35.50 -12.79 4.61
N ASN F 16 36.06 -11.59 4.45
CA ASN F 16 37.25 -11.21 5.19
C ASN F 16 36.98 -11.10 6.68
N LEU F 17 35.85 -10.51 7.05
CA LEU F 17 35.45 -10.41 8.44
C LEU F 17 35.30 -11.79 9.06
N ILE F 18 34.73 -12.72 8.30
CA ILE F 18 34.60 -14.09 8.78
C ILE F 18 35.98 -14.69 9.02
N THR F 19 36.90 -14.46 8.10
CA THR F 19 38.26 -14.96 8.27
C THR F 19 38.93 -14.41 9.53
N GLN F 20 38.84 -13.10 9.75
CA GLN F 20 39.47 -12.47 10.91
C GLN F 20 38.86 -12.96 12.22
N THR F 21 37.55 -13.18 12.21
CA THR F 21 36.83 -13.66 13.38
C THR F 21 37.23 -15.10 13.67
N GLU F 22 37.27 -15.92 12.61
CA GLU F 22 37.68 -17.32 12.73
C GLU F 22 39.12 -17.46 13.21
N ILE F 23 40.02 -16.62 12.71
CA ILE F 23 41.41 -16.67 13.15
C ILE F 23 41.49 -16.40 14.65
N ALA F 24 40.85 -15.32 15.10
CA ALA F 24 40.79 -14.99 16.53
C ALA F 24 40.30 -16.17 17.37
N LEU F 25 39.27 -16.85 16.86
CA LEU F 25 38.63 -17.95 17.61
C LEU F 25 39.37 -19.28 17.51
N SER F 26 40.48 -19.32 16.79
CA SER F 26 41.16 -20.60 16.55
C SER F 26 41.83 -21.17 17.80
N GLN F 27 42.26 -20.30 18.73
CA GLN F 27 42.79 -20.78 20.01
C GLN F 27 42.61 -19.69 21.04
N SER F 28 42.88 -20.00 22.30
CA SER F 28 42.70 -19.04 23.38
C SER F 28 43.55 -17.79 23.18
N ARG F 29 42.95 -16.64 23.42
CA ARG F 29 43.61 -15.35 23.20
C ARG F 29 43.63 -14.53 24.48
N SER F 30 44.51 -13.54 24.50
CA SER F 30 44.58 -12.60 25.61
C SER F 30 43.48 -11.57 25.49
N GLN F 31 43.29 -10.77 26.53
CA GLN F 31 42.32 -9.68 26.51
C GLN F 31 42.70 -8.70 25.40
N LYS F 32 43.97 -8.35 25.32
CA LYS F 32 44.49 -7.42 24.32
C LYS F 32 44.23 -7.89 22.89
N GLU F 33 44.51 -9.17 22.65
CA GLU F 33 44.32 -9.74 21.32
C GLU F 33 42.83 -9.71 20.93
N LEU F 34 41.95 -10.05 21.87
CA LEU F 34 40.51 -10.07 21.58
C LEU F 34 39.96 -8.65 21.36
N GLU F 35 40.39 -7.71 22.18
CA GLU F 35 40.01 -6.33 22.00
C GLU F 35 40.44 -5.79 20.65
N ASP F 36 41.68 -6.09 20.26
CA ASP F 36 42.20 -5.63 18.97
C ASP F 36 41.37 -6.18 17.81
N VAL F 37 41.01 -7.46 17.89
CA VAL F 37 40.18 -8.05 16.85
C VAL F 37 38.83 -7.37 16.78
N LEU F 38 38.19 -7.16 17.94
CA LEU F 38 36.89 -6.52 17.94
C LEU F 38 36.93 -5.07 17.48
N TYR F 39 37.97 -4.32 17.85
CA TYR F 39 38.12 -2.95 17.33
C TYR F 39 38.28 -2.96 15.81
N SER F 40 39.05 -3.91 15.29
CA SER F 40 39.21 -4.05 13.85
C SER F 40 37.88 -4.42 13.19
N ASN F 41 37.13 -5.31 13.83
CA ASN F 41 35.82 -5.68 13.31
C ASN F 41 34.90 -4.45 13.28
N LEU F 42 34.94 -3.63 14.31
CA LEU F 42 34.08 -2.46 14.37
C LEU F 42 34.38 -1.50 13.22
N GLU F 43 35.67 -1.28 12.97
CA GLU F 43 36.09 -0.42 11.86
C GLU F 43 35.57 -0.93 10.53
N GLU F 44 35.69 -2.25 10.32
CA GLU F 44 35.25 -2.82 9.05
C GLU F 44 33.74 -2.80 8.91
N LEU F 45 33.01 -3.11 9.98
CA LEU F 45 31.55 -3.02 9.95
C LEU F 45 31.08 -1.60 9.65
N THR F 46 31.77 -0.63 10.24
CA THR F 46 31.46 0.78 10.02
C THR F 46 31.67 1.18 8.56
N ARG F 47 32.77 0.71 7.97
CA ARG F 47 33.05 0.93 6.56
C ARG F 47 31.96 0.32 5.69
N MET F 48 31.52 -0.89 6.04
CA MET F 48 30.51 -1.61 5.28
C MET F 48 29.16 -0.91 5.33
N ALA F 49 28.80 -0.41 6.51
CA ALA F 49 27.56 0.33 6.68
C ALA F 49 27.56 1.54 5.76
N LYS F 50 28.71 2.22 5.71
CA LYS F 50 28.87 3.42 4.90
C LYS F 50 28.75 3.09 3.41
N MET F 51 29.34 1.98 2.99
CA MET F 51 29.23 1.56 1.60
C MET F 51 27.81 1.20 1.21
N VAL F 52 27.11 0.52 2.12
CA VAL F 52 25.72 0.14 1.89
C VAL F 52 24.85 1.39 1.77
N SER F 53 25.09 2.37 2.65
CA SER F 53 24.35 3.62 2.61
C SER F 53 24.57 4.34 1.27
N ASP F 54 25.83 4.41 0.86
CA ASP F 54 26.15 5.06 -0.41
C ASP F 54 25.53 4.32 -1.59
N MET F 55 25.55 2.98 -1.58
CA MET F 55 24.97 2.24 -2.68
C MET F 55 23.45 2.41 -2.68
N LEU F 56 22.85 2.50 -1.49
CA LEU F 56 21.40 2.74 -1.40
C LEU F 56 21.05 4.10 -2.00
N PHE F 57 21.90 5.10 -1.77
CA PHE F 57 21.72 6.44 -2.34
C PHE F 57 21.78 6.40 -3.86
N LEU F 58 22.78 5.71 -4.41
CA LEU F 58 22.88 5.57 -5.86
C LEU F 58 21.68 4.85 -6.43
N ALA F 59 21.20 3.83 -5.74
CA ALA F 59 20.03 3.08 -6.19
C ALA F 59 18.78 3.95 -6.22
N GLN F 60 18.64 4.81 -5.21
CA GLN F 60 17.56 5.78 -5.16
C GLN F 60 17.61 6.68 -6.40
N ALA F 61 18.80 7.19 -6.71
CA ALA F 61 19.03 8.01 -7.88
C ALA F 61 18.74 7.26 -9.19
N ASP F 62 19.20 6.01 -9.27
CA ASP F 62 18.98 5.20 -10.47
C ASP F 62 17.49 5.00 -10.72
N ASN F 63 16.72 4.95 -9.63
CA ASN F 63 15.28 4.71 -9.74
C ASN F 63 14.49 6.00 -9.89
N ASN F 64 15.20 7.08 -10.20
CA ASN F 64 14.58 8.40 -10.42
C ASN F 64 13.85 8.92 -9.18
N GLN F 65 14.32 8.52 -8.01
CA GLN F 65 13.70 8.90 -6.75
C GLN F 65 14.61 9.79 -5.90
N LEU F 66 15.66 10.33 -6.51
CA LEU F 66 16.46 11.35 -5.84
C LEU F 66 15.91 12.72 -6.21
N ILE F 67 15.18 13.33 -5.29
CA ILE F 67 14.43 14.54 -5.60
C ILE F 67 14.88 15.68 -4.70
N PRO F 68 15.77 16.55 -5.22
CA PRO F 68 16.27 17.67 -4.43
C PRO F 68 15.14 18.55 -3.86
N GLU F 69 15.28 18.86 -2.58
CA GLU F 69 14.36 19.75 -1.87
C GLU F 69 15.04 21.11 -1.85
N LYS F 70 14.71 21.97 -2.80
CA LYS F 70 15.54 23.12 -3.08
C LYS F 70 15.04 24.41 -2.47
N LYS F 71 16.00 25.28 -2.20
CA LYS F 71 15.74 26.66 -1.81
C LYS F 71 16.97 27.44 -2.24
N MET F 72 16.89 28.77 -2.20
CA MET F 72 18.02 29.57 -2.59
C MET F 72 19.18 29.41 -1.59
N LEU F 73 20.36 29.15 -2.11
CA LEU F 73 21.56 28.97 -1.28
C LEU F 73 22.62 30.00 -1.60
N ASN F 74 23.41 30.36 -0.59
CA ASN F 74 24.67 31.06 -0.77
C ASN F 74 25.75 30.01 -0.74
N LEU F 75 26.27 29.64 -1.91
CA LEU F 75 27.21 28.52 -1.95
C LEU F 75 28.53 28.85 -1.27
N ALA F 76 28.90 30.12 -1.18
CA ALA F 76 30.07 30.50 -0.41
C ALA F 76 29.90 30.02 1.04
N ASP F 77 28.69 30.15 1.57
CA ASP F 77 28.42 29.72 2.94
C ASP F 77 28.46 28.19 3.05
N GLU F 78 27.87 27.49 2.08
CA GLU F 78 27.86 26.04 2.10
C GLU F 78 29.27 25.47 1.98
N VAL F 79 30.08 26.06 1.11
CA VAL F 79 31.47 25.65 0.97
C VAL F 79 32.21 25.86 2.28
N GLY F 80 31.99 27.01 2.93
CA GLY F 80 32.59 27.27 4.23
C GLY F 80 32.31 26.18 5.26
N LYS F 81 31.08 25.70 5.30
CA LYS F 81 30.72 24.62 6.21
C LYS F 81 31.50 23.34 5.90
N VAL F 82 31.65 23.04 4.62
CA VAL F 82 32.41 21.86 4.22
C VAL F 82 33.88 22.03 4.56
N PHE F 83 34.44 23.20 4.26
CA PHE F 83 35.83 23.52 4.62
C PHE F 83 36.09 23.26 6.12
N ASP F 84 35.13 23.67 6.97
CA ASP F 84 35.29 23.49 8.42
C ASP F 84 35.53 22.03 8.81
N PHE F 85 34.86 21.11 8.11
CA PHE F 85 35.04 19.70 8.43
C PHE F 85 36.40 19.20 7.98
N PHE F 86 36.99 19.87 6.98
CA PHE F 86 38.25 19.40 6.41
C PHE F 86 39.50 20.22 6.76
N GLU F 87 39.35 21.32 7.48
N GLU F 87 39.34 21.33 7.48
CA GLU F 87 40.48 22.24 7.66
CA GLU F 87 40.47 22.26 7.69
C GLU F 87 41.66 21.64 8.42
C GLU F 87 41.65 21.64 8.42
N ALA F 88 41.36 20.82 9.42
CA ALA F 88 42.41 20.21 10.26
C ALA F 88 43.19 19.15 9.50
N LEU F 89 42.47 18.32 8.74
CA LEU F 89 43.10 17.30 7.91
C LEU F 89 43.95 17.97 6.85
N ALA F 90 43.40 19.00 6.21
CA ALA F 90 44.13 19.77 5.20
C ALA F 90 45.42 20.34 5.79
N GLU F 91 45.30 20.95 6.97
CA GLU F 91 46.46 21.44 7.71
C GLU F 91 47.52 20.35 7.90
N ASP F 92 47.07 19.16 8.33
CA ASP F 92 47.97 18.02 8.55
C ASP F 92 48.71 17.64 7.27
N ARG F 93 48.05 17.76 6.13
CA ARG F 93 48.65 17.40 4.86
C ARG F 93 49.31 18.61 4.21
N GLY F 94 49.33 19.73 4.91
CA GLY F 94 49.98 20.93 4.41
C GLY F 94 49.25 21.52 3.23
N VAL F 95 47.95 21.29 3.16
CA VAL F 95 47.14 21.78 2.04
C VAL F 95 46.25 22.94 2.48
N GLU F 96 46.25 24.02 1.70
CA GLU F 96 45.36 25.15 1.91
C GLU F 96 44.00 24.94 1.21
N LEU F 97 42.92 25.33 1.88
CA LEU F 97 41.59 25.33 1.26
C LEU F 97 41.19 26.77 0.96
N ARG F 98 40.88 27.06 -0.30
CA ARG F 98 40.53 28.41 -0.71
C ARG F 98 39.26 28.47 -1.55
N PHE F 99 38.41 29.44 -1.27
CA PHE F 99 37.23 29.72 -2.08
C PHE F 99 37.37 31.04 -2.84
N VAL F 100 37.02 31.00 -4.12
CA VAL F 100 37.02 32.19 -4.96
C VAL F 100 35.66 32.33 -5.67
N GLY F 101 34.95 33.40 -5.39
CA GLY F 101 33.65 33.66 -5.98
C GLY F 101 32.96 34.72 -5.14
N ASP F 102 31.76 35.14 -5.53
CA ASP F 102 30.98 35.99 -4.65
C ASP F 102 30.13 35.13 -3.72
N LYS F 103 28.95 35.63 -3.36
CA LYS F 103 28.04 34.85 -2.52
C LYS F 103 27.64 33.59 -3.28
N CYS F 104 27.61 33.69 -4.61
CA CYS F 104 27.36 32.52 -5.47
C CYS F 104 25.98 31.94 -5.16
N GLN F 105 24.95 32.63 -5.57
CA GLN F 105 23.58 32.20 -5.26
C GLN F 105 23.04 31.21 -6.28
N VAL F 106 22.49 30.11 -5.78
CA VAL F 106 21.90 29.08 -6.63
C VAL F 106 20.83 28.35 -5.84
N ALA F 107 19.72 28.00 -6.50
CA ALA F 107 18.70 27.15 -5.91
C ALA F 107 19.23 25.74 -5.83
N GLY F 108 19.14 25.11 -4.66
CA GLY F 108 19.63 23.75 -4.53
C GLY F 108 19.25 23.11 -3.22
N ASP F 109 19.49 21.81 -3.13
CA ASP F 109 19.27 21.06 -1.89
C ASP F 109 20.59 21.10 -1.11
N PRO F 110 20.64 21.86 0.00
CA PRO F 110 21.97 22.08 0.62
C PRO F 110 22.62 20.82 1.20
N LEU F 111 21.82 19.92 1.77
CA LEU F 111 22.35 18.64 2.22
C LEU F 111 23.02 17.92 1.07
N MET F 112 22.34 17.82 -0.07
CA MET F 112 22.89 17.10 -1.19
C MET F 112 24.11 17.82 -1.79
N LEU F 113 24.05 19.15 -1.93
CA LEU F 113 25.17 19.85 -2.56
C LEU F 113 26.40 19.84 -1.64
N ARG F 114 26.21 19.91 -0.32
CA ARG F 114 27.35 19.74 0.59
C ARG F 114 27.95 18.33 0.49
N ARG F 115 27.12 17.33 0.23
CA ARG F 115 27.64 15.97 0.05
C ARG F 115 28.54 15.90 -1.19
N ALA F 116 28.07 16.50 -2.27
CA ALA F 116 28.84 16.52 -3.52
C ALA F 116 30.17 17.26 -3.31
N LEU F 117 30.10 18.44 -2.68
CA LEU F 117 31.30 19.24 -2.41
C LEU F 117 32.28 18.48 -1.52
N SER F 118 31.77 17.78 -0.52
N SER F 118 31.75 17.81 -0.51
CA SER F 118 32.61 17.05 0.42
CA SER F 118 32.58 17.04 0.42
C SER F 118 33.29 15.84 -0.21
C SER F 118 33.34 15.97 -0.36
N ASN F 119 32.60 15.22 -1.16
CA ASN F 119 33.20 14.11 -1.92
C ASN F 119 34.30 14.61 -2.86
N LEU F 120 34.10 15.78 -3.47
CA LEU F 120 35.15 16.36 -4.30
C LEU F 120 36.36 16.82 -3.47
N LEU F 121 36.12 17.34 -2.27
CA LEU F 121 37.25 17.73 -1.42
C LEU F 121 38.01 16.53 -0.89
N SER F 122 37.30 15.48 -0.50
CA SER F 122 37.95 14.25 -0.05
C SER F 122 38.85 13.70 -1.15
N ASN F 123 38.29 13.65 -2.36
CA ASN F 123 39.02 13.17 -3.51
C ASN F 123 40.26 14.01 -3.77
N ALA F 124 40.11 15.33 -3.80
CA ALA F 124 41.25 16.22 -4.06
C ALA F 124 42.35 16.12 -3.00
N LEU F 125 41.94 15.92 -1.75
CA LEU F 125 42.92 15.81 -0.68
C LEU F 125 43.83 14.60 -0.85
N ARG F 126 43.30 13.53 -1.43
CA ARG F 126 44.10 12.34 -1.68
C ARG F 126 45.29 12.65 -2.57
N TYR F 127 45.14 13.63 -3.44
CA TYR F 127 46.09 13.83 -4.53
C TYR F 127 46.86 15.16 -4.52
N THR F 128 46.56 16.02 -3.54
CA THR F 128 47.21 17.32 -3.45
C THR F 128 48.47 17.27 -2.56
N PRO F 129 49.63 17.62 -3.12
CA PRO F 129 50.90 17.67 -2.37
C PRO F 129 50.91 18.74 -1.28
N PRO F 130 51.74 18.56 -0.24
CA PRO F 130 51.96 19.60 0.77
C PRO F 130 52.39 20.93 0.15
N SER F 131 51.98 22.04 0.78
N SER F 131 51.95 22.03 0.78
CA SER F 131 52.28 23.40 0.34
CA SER F 131 52.25 23.41 0.38
C SER F 131 51.62 23.73 -0.99
C SER F 131 51.53 23.83 -0.89
N GLU F 132 50.49 23.09 -1.26
CA GLU F 132 49.66 23.44 -2.40
C GLU F 132 48.27 23.77 -1.88
N ALA F 133 47.44 24.36 -2.75
CA ALA F 133 46.07 24.73 -2.39
C ALA F 133 45.05 24.00 -3.24
N ILE F 134 43.96 23.58 -2.60
CA ILE F 134 42.74 23.17 -3.29
C ILE F 134 41.85 24.39 -3.41
N VAL F 135 41.41 24.70 -4.62
CA VAL F 135 40.62 25.90 -4.84
C VAL F 135 39.22 25.56 -5.32
N VAL F 136 38.23 26.07 -4.61
CA VAL F 136 36.83 25.98 -5.01
C VAL F 136 36.42 27.30 -5.63
N ARG F 137 35.99 27.26 -6.88
CA ARG F 137 35.59 28.46 -7.61
C ARG F 137 34.12 28.41 -7.94
N CYS F 138 33.46 29.54 -7.82
CA CYS F 138 32.09 29.65 -8.24
C CYS F 138 31.93 30.85 -9.16
N GLN F 139 31.19 30.63 -10.24
CA GLN F 139 30.97 31.63 -11.26
C GLN F 139 29.54 31.53 -11.76
N THR F 140 28.88 32.68 -11.90
CA THR F 140 27.54 32.72 -12.46
C THR F 140 27.65 33.18 -13.89
N VAL F 141 27.12 32.39 -14.80
CA VAL F 141 27.11 32.80 -16.19
C VAL F 141 25.67 33.07 -16.61
N ASN F 142 25.23 32.59 -17.76
CA ASN F 142 23.89 32.95 -18.20
C ASN F 142 22.86 31.93 -17.74
N HIS F 143 22.17 32.25 -16.66
CA HIS F 143 21.21 31.35 -16.03
C HIS F 143 21.83 29.98 -15.73
N GLN F 144 23.13 29.98 -15.45
CA GLN F 144 23.83 28.81 -14.90
C GLN F 144 24.76 29.24 -13.80
N VAL F 145 25.04 28.33 -12.87
CA VAL F 145 26.08 28.54 -11.88
C VAL F 145 27.07 27.40 -12.00
N GLN F 146 28.35 27.74 -12.05
CA GLN F 146 29.39 26.74 -12.13
C GLN F 146 30.17 26.71 -10.83
N VAL F 147 30.39 25.51 -10.33
CA VAL F 147 31.23 25.33 -9.15
C VAL F 147 32.31 24.34 -9.50
N SER F 148 33.54 24.71 -9.25
CA SER F 148 34.63 23.82 -9.62
C SER F 148 35.54 23.58 -8.42
N VAL F 149 36.13 22.40 -8.40
CA VAL F 149 37.07 22.04 -7.35
C VAL F 149 38.37 21.64 -8.06
N GLU F 150 39.47 22.34 -7.76
CA GLU F 150 40.69 22.13 -8.52
C GLU F 150 41.85 21.86 -7.58
N ASN F 151 42.74 20.97 -8.01
CA ASN F 151 43.90 20.63 -7.21
C ASN F 151 45.11 20.36 -8.09
N PRO F 152 46.28 20.85 -7.67
CA PRO F 152 47.51 20.42 -8.32
C PRO F 152 47.77 18.96 -8.00
N GLY F 153 48.54 18.31 -8.86
CA GLY F 153 48.95 16.94 -8.59
C GLY F 153 49.37 16.25 -9.86
N THR F 154 49.62 14.95 -9.74
CA THR F 154 50.00 14.12 -10.88
C THR F 154 48.91 14.19 -11.94
N PRO F 155 49.30 14.41 -13.21
CA PRO F 155 48.35 14.35 -14.32
C PRO F 155 47.54 13.05 -14.30
N ILE F 156 46.25 13.14 -14.65
CA ILE F 156 45.44 11.95 -14.85
C ILE F 156 45.44 11.59 -16.32
N ALA F 157 45.90 10.37 -16.61
CA ALA F 157 45.92 9.87 -17.99
C ALA F 157 44.55 10.04 -18.67
N PRO F 158 44.56 10.48 -19.92
CA PRO F 158 43.33 10.74 -20.68
C PRO F 158 42.38 9.55 -20.71
N GLU F 159 42.94 8.33 -20.65
CA GLU F 159 42.14 7.11 -20.69
C GLU F 159 41.23 6.98 -19.47
N HIS F 160 41.66 7.59 -18.37
CA HIS F 160 40.94 7.49 -17.10
C HIS F 160 39.84 8.52 -16.96
N LEU F 161 40.06 9.71 -17.53
CA LEU F 161 39.13 10.82 -17.32
C LEU F 161 37.66 10.50 -17.63
N PRO F 162 37.37 9.78 -18.73
CA PRO F 162 35.95 9.50 -18.98
C PRO F 162 35.31 8.56 -17.97
N ARG F 163 36.12 7.86 -17.19
CA ARG F 163 35.63 6.81 -16.31
C ARG F 163 35.56 7.20 -14.83
N LEU F 164 36.03 8.39 -14.49
CA LEU F 164 36.21 8.74 -13.08
C LEU F 164 34.92 8.75 -12.27
N PHE F 165 33.78 8.99 -12.90
CA PHE F 165 32.51 9.00 -12.17
C PHE F 165 31.84 7.64 -12.12
N ASP F 166 32.46 6.64 -12.75
CA ASP F 166 31.88 5.31 -12.79
C ASP F 166 32.01 4.62 -11.44
N ARG F 167 31.04 3.79 -11.11
CA ARG F 167 31.01 3.12 -9.81
C ARG F 167 32.10 2.08 -9.67
N PHE F 168 32.92 2.27 -8.64
CA PHE F 168 34.02 1.37 -8.32
C PHE F 168 35.02 1.31 -9.46
N TYR F 169 35.17 2.42 -10.16
CA TYR F 169 36.28 2.55 -11.08
C TYR F 169 37.45 3.07 -10.29
N ARG F 170 38.56 2.35 -10.37
CA ARG F 170 39.79 2.81 -9.75
C ARG F 170 40.88 2.90 -10.81
N VAL F 171 41.55 4.05 -10.86
CA VAL F 171 42.67 4.24 -11.77
C VAL F 171 43.78 3.26 -11.42
N ALA F 172 43.85 2.91 -10.14
CA ALA F 172 44.76 1.92 -9.63
C ALA F 172 44.36 1.59 -8.19
N PRO F 173 44.25 0.30 -7.85
CA PRO F 173 44.05 -0.14 -6.47
C PRO F 173 45.02 0.55 -5.49
N SER F 174 44.59 0.73 -4.25
CA SER F 174 45.36 1.48 -3.25
C SER F 174 46.77 0.94 -2.98
N ARG F 175 47.55 1.75 -2.26
CA ARG F 175 48.93 1.49 -1.85
C ARG F 175 48.94 0.23 -0.98
N GLN F 176 48.06 0.23 0.01
CA GLN F 176 47.54 -1.00 0.62
C GLN F 176 46.21 -0.67 1.32
N ARG F 177 45.40 -1.70 1.52
CA ARG F 177 44.06 -1.69 2.13
C ARG F 177 43.48 -0.38 2.70
N LYS F 178 44.24 0.43 3.43
CA LYS F 178 43.66 1.65 4.02
C LYS F 178 43.25 2.67 2.96
N GLY F 179 42.33 2.26 2.08
CA GLY F 179 41.96 3.02 0.90
C GLY F 179 40.91 4.09 1.14
N GLU F 180 40.99 5.16 0.35
CA GLU F 180 40.11 6.31 0.53
C GLU F 180 38.78 6.13 -0.19
N GLY F 181 37.69 6.32 0.56
CA GLY F 181 36.35 6.32 -0.01
C GLY F 181 35.73 4.95 -0.17
N SER F 182 34.44 4.94 -0.48
CA SER F 182 33.72 3.70 -0.76
C SER F 182 34.07 3.18 -2.15
N GLY F 183 34.59 4.06 -3.01
CA GLY F 183 34.81 3.72 -4.39
C GLY F 183 33.69 4.26 -5.26
N ILE F 184 32.72 4.89 -4.62
CA ILE F 184 31.60 5.48 -5.36
C ILE F 184 31.35 6.94 -4.98
N GLY F 185 32.34 7.58 -4.38
CA GLY F 185 32.20 8.98 -4.00
C GLY F 185 31.94 9.89 -5.19
N LEU F 186 32.64 9.66 -6.29
CA LEU F 186 32.45 10.51 -7.45
C LEU F 186 31.16 10.15 -8.19
N ALA F 187 30.76 8.88 -8.14
CA ALA F 187 29.47 8.49 -8.71
C ALA F 187 28.33 9.20 -7.97
N ILE F 188 28.51 9.38 -6.67
CA ILE F 188 27.50 10.10 -5.91
C ILE F 188 27.47 11.59 -6.26
N VAL F 189 28.63 12.21 -6.44
CA VAL F 189 28.68 13.58 -6.98
C VAL F 189 27.85 13.68 -8.28
N LYS F 190 28.10 12.77 -9.21
CA LYS F 190 27.39 12.78 -10.48
C LYS F 190 25.87 12.67 -10.28
N SER F 191 25.44 11.73 -9.44
CA SER F 191 24.01 11.52 -9.22
C SER F 191 23.33 12.76 -8.67
N ILE F 192 24.00 13.41 -7.72
CA ILE F 192 23.47 14.63 -7.14
C ILE F 192 23.37 15.76 -8.17
N VAL F 193 24.38 15.91 -9.00
CA VAL F 193 24.36 16.98 -10.00
C VAL F 193 23.28 16.74 -11.07
N VAL F 194 23.18 15.50 -11.53
CA VAL F 194 22.13 15.10 -12.48
C VAL F 194 20.75 15.41 -11.90
N ALA F 195 20.53 15.11 -10.63
CA ALA F 195 19.23 15.36 -10.01
C ALA F 195 18.94 16.87 -9.92
N HIS F 196 19.99 17.68 -9.88
CA HIS F 196 19.86 19.13 -9.93
C HIS F 196 19.78 19.67 -11.38
N LYS F 197 19.61 18.76 -12.35
CA LYS F 197 19.32 19.13 -13.76
C LYS F 197 20.57 19.72 -14.44
N GLY F 198 21.75 19.26 -14.02
CA GLY F 198 22.99 19.74 -14.59
C GLY F 198 23.96 18.62 -14.94
N THR F 199 25.22 18.99 -15.12
CA THR F 199 26.28 18.07 -15.55
C THR F 199 27.53 18.30 -14.72
N VAL F 200 28.26 17.23 -14.42
CA VAL F 200 29.61 17.39 -13.88
C VAL F 200 30.64 16.78 -14.85
N ALA F 201 31.77 17.46 -14.99
CA ALA F 201 32.82 17.04 -15.89
C ALA F 201 34.17 17.19 -15.20
N VAL F 202 35.23 16.65 -15.81
CA VAL F 202 36.56 16.76 -15.22
C VAL F 202 37.63 16.92 -16.28
N THR F 203 38.62 17.76 -15.99
CA THR F 203 39.81 17.93 -16.83
C THR F 203 41.08 17.68 -16.03
N SER F 204 42.16 17.36 -16.74
CA SER F 204 43.49 17.25 -16.16
C SER F 204 44.46 17.90 -17.12
N ASP F 205 45.20 18.91 -16.66
CA ASP F 205 46.22 19.52 -17.49
C ASP F 205 47.46 19.83 -16.65
N ALA F 206 48.37 20.63 -17.19
CA ALA F 206 49.65 20.90 -16.51
C ALA F 206 49.48 21.64 -15.18
N ARG F 207 48.41 22.43 -15.05
CA ARG F 207 48.19 23.15 -13.81
C ARG F 207 47.46 22.30 -12.76
N GLY F 208 46.76 21.26 -13.21
CA GLY F 208 46.14 20.33 -12.29
C GLY F 208 44.85 19.68 -12.75
N THR F 209 44.09 19.18 -11.78
CA THR F 209 42.83 18.49 -12.05
C THR F 209 41.67 19.38 -11.66
N ARG F 210 40.65 19.51 -12.51
CA ARG F 210 39.50 20.32 -12.14
C ARG F 210 38.20 19.57 -12.37
N PHE F 211 37.40 19.45 -11.32
CA PHE F 211 36.04 18.92 -11.46
C PHE F 211 35.10 20.11 -11.56
N VAL F 212 34.25 20.14 -12.59
CA VAL F 212 33.40 21.31 -12.81
C VAL F 212 31.94 20.89 -12.83
N ILE F 213 31.18 21.46 -11.89
CA ILE F 213 29.72 21.27 -11.82
C ILE F 213 29.02 22.43 -12.50
N THR F 214 28.13 22.11 -13.43
CA THR F 214 27.31 23.13 -14.08
C THR F 214 25.85 22.91 -13.74
N LEU F 215 25.25 23.88 -13.05
CA LEU F 215 23.84 23.82 -12.61
C LEU F 215 23.01 24.91 -13.25
N PRO F 216 21.72 24.65 -13.45
CA PRO F 216 20.87 25.79 -13.83
C PRO F 216 20.83 26.80 -12.69
N ALA F 217 20.72 28.08 -13.03
CA ALA F 217 20.69 29.13 -12.02
C ALA F 217 19.32 29.78 -11.99
#